data_2J91
#
_entry.id   2J91
#
_cell.length_a   85.370
_cell.length_b   104.342
_cell.length_c   213.396
_cell.angle_alpha   90.00
_cell.angle_beta   90.00
_cell.angle_gamma   90.00
#
_symmetry.space_group_name_H-M   'P 21 21 21'
#
loop_
_entity.id
_entity.type
_entity.pdbx_description
1 polymer 'ADENYLOSUCCINATE LYASE'
2 non-polymer 'ADENOSINE MONOPHOSPHATE'
3 non-polymer 'CHLORIDE ION'
4 non-polymer GLYCEROL
5 water water
#
_entity_poly.entity_id   1
_entity_poly.type   'polypeptide(L)'
_entity_poly.pdbx_seq_one_letter_code
;MHHHHHHSSGVDLGTENLYFQSMAAGGDHGSPDSYRSPLASRYASPEMCFVFSDRYKFRTWRQLWLWLAEAEQTLGLPIT
DEQIREMKSNLENIDFKMAAEEEKRLRHDVMAHVHTFGHCCPKAAGIIHLGATSCYVGDNTDLIILRNALDLLLPKLARV
ISRLADFAKERASLPTLGFTHFQPAQLTTVGKRCCLWIQDLCMDLQNLKRVRDDLRFRGVKGTTGTQASFLQLFEGDDHK
VEQLDKMVTEKAGFKRAFIITGQTYTRKVDIEVLSVLASLGASVHKICTDIRLLANLKEMEEPFEKQQIGSSAMPYKRNP
MRSERCCSLARHLMTLVMDPLQTASVQWFERTLDDSANRRICLAEAFLTADTILNTLQNISEGLVVYPKVIERRIRQELP
FMATENIIMAMVKAGGSRQDCHEKIRVLSQQAASVVKQEGGDNDLIERIQVDAYFSPIHSQLDHLLDPSSFTGRASQQVQ
RFLEEEVYPLLKPYESVMKVKAE
;
_entity_poly.pdbx_strand_id   A,B,C,D
#
loop_
_chem_comp.id
_chem_comp.type
_chem_comp.name
_chem_comp.formula
AMP non-polymer 'ADENOSINE MONOPHOSPHATE' 'C10 H14 N5 O7 P'
CL non-polymer 'CHLORIDE ION' 'Cl -1'
GOL non-polymer GLYCEROL 'C3 H8 O3'
#
# COMPACT_ATOMS: atom_id res chain seq x y z
N GLY A 27 13.34 -19.91 -25.84
CA GLY A 27 13.50 -21.39 -25.67
C GLY A 27 12.36 -21.99 -24.86
N ASP A 28 12.69 -22.52 -23.68
CA ASP A 28 11.66 -22.91 -22.73
C ASP A 28 11.19 -21.69 -21.93
N HIS A 29 12.11 -20.88 -21.37
CA HIS A 29 11.71 -19.63 -20.70
C HIS A 29 11.95 -18.39 -21.57
N GLY A 30 12.32 -18.64 -22.83
CA GLY A 30 12.53 -17.58 -23.80
C GLY A 30 13.99 -17.21 -23.96
N SER A 31 14.24 -16.29 -24.89
CA SER A 31 15.60 -15.88 -25.20
C SER A 31 16.08 -14.85 -24.19
N PRO A 32 17.41 -14.75 -24.01
CA PRO A 32 17.97 -13.75 -23.10
C PRO A 32 17.95 -12.32 -23.63
N ASP A 33 17.40 -12.09 -24.82
CA ASP A 33 17.33 -10.74 -25.37
C ASP A 33 16.10 -9.92 -24.96
N SER A 34 15.20 -10.53 -24.20
CA SER A 34 14.10 -9.82 -23.61
C SER A 34 14.04 -10.11 -22.14
N TYR A 35 13.33 -9.25 -21.42
CA TYR A 35 12.98 -9.49 -20.02
C TYR A 35 12.28 -10.82 -19.87
N ARG A 36 12.73 -11.61 -18.91
CA ARG A 36 12.11 -12.87 -18.57
C ARG A 36 11.78 -12.78 -17.12
N SER A 37 10.52 -12.97 -16.74
CA SER A 37 10.19 -12.87 -15.31
C SER A 37 11.00 -13.83 -14.49
N PRO A 38 11.65 -13.31 -13.45
CA PRO A 38 12.42 -14.18 -12.60
C PRO A 38 11.56 -15.19 -11.83
N LEU A 39 10.28 -14.86 -11.64
CA LEU A 39 9.35 -15.81 -11.00
C LEU A 39 9.18 -17.11 -11.79
N ALA A 40 9.21 -17.02 -13.11
CA ALA A 40 9.19 -18.19 -14.01
C ALA A 40 10.58 -18.77 -14.16
N SER A 41 11.51 -17.90 -14.55
CA SER A 41 12.81 -18.33 -15.03
C SER A 41 13.78 -18.70 -13.92
N ARG A 42 13.52 -18.26 -12.68
CA ARG A 42 14.46 -18.43 -11.57
C ARG A 42 13.88 -19.03 -10.28
N TYR A 43 12.60 -18.80 -9.99
CA TYR A 43 12.06 -19.05 -8.63
C TYR A 43 11.01 -20.16 -8.45
N ALA A 44 9.86 -20.04 -9.10
CA ALA A 44 8.73 -20.94 -8.81
C ALA A 44 8.93 -22.37 -9.32
N SER A 45 8.17 -23.29 -8.73
CA SER A 45 8.17 -24.70 -9.13
C SER A 45 7.56 -24.91 -10.51
N PRO A 46 7.97 -25.97 -11.24
CA PRO A 46 7.34 -26.08 -12.56
C PRO A 46 5.83 -26.30 -12.51
N GLU A 47 5.33 -26.92 -11.45
CA GLU A 47 3.90 -27.18 -11.30
C GLU A 47 3.06 -25.88 -11.24
N MET A 48 3.48 -24.93 -10.40
CA MET A 48 2.79 -23.64 -10.30
C MET A 48 2.96 -22.84 -11.60
N CYS A 49 4.15 -22.90 -12.19
CA CYS A 49 4.40 -22.26 -13.48
C CYS A 49 3.43 -22.81 -14.54
N PHE A 50 3.14 -24.09 -14.48
CA PHE A 50 2.24 -24.70 -15.45
C PHE A 50 0.80 -24.21 -15.23
N VAL A 51 0.38 -24.14 -13.97
CA VAL A 51 -0.97 -23.65 -13.63
C VAL A 51 -1.24 -22.26 -14.19
N PHE A 52 -0.20 -21.42 -14.25
CA PHE A 52 -0.33 -20.05 -14.78
C PHE A 52 0.21 -19.88 -16.21
N SER A 53 0.36 -20.99 -16.92
CA SER A 53 0.79 -20.99 -18.32
C SER A 53 -0.37 -20.78 -19.30
N ASP A 54 -0.03 -20.36 -20.51
CA ASP A 54 -1.02 -20.22 -21.60
C ASP A 54 -1.62 -21.54 -22.04
N ARG A 55 -0.84 -22.61 -21.98
CA ARG A 55 -1.34 -23.93 -22.35
C ARG A 55 -2.47 -24.32 -21.41
N TYR A 56 -2.25 -24.14 -20.11
CA TYR A 56 -3.28 -24.47 -19.14
C TYR A 56 -4.50 -23.57 -19.30
N LYS A 57 -4.26 -22.28 -19.48
CA LYS A 57 -5.35 -21.33 -19.64
C LYS A 57 -6.22 -21.69 -20.86
N PHE A 58 -5.62 -21.80 -22.01
CA PHE A 58 -6.41 -22.03 -23.22
C PHE A 58 -6.98 -23.45 -23.36
N ARG A 59 -6.33 -24.48 -22.78
CA ARG A 59 -6.94 -25.81 -22.62
C ARG A 59 -8.20 -25.71 -21.76
N THR A 60 -8.12 -24.90 -20.72
CA THR A 60 -9.25 -24.74 -19.81
C THR A 60 -10.41 -23.97 -20.47
N TRP A 61 -10.09 -22.98 -21.29
CA TRP A 61 -11.12 -22.28 -22.05
C TRP A 61 -11.84 -23.32 -22.89
N ARG A 62 -11.10 -24.23 -23.52
CA ARG A 62 -11.72 -25.26 -24.39
C ARG A 62 -12.57 -26.26 -23.61
N GLN A 63 -12.07 -26.66 -22.44
CA GLN A 63 -12.83 -27.49 -21.54
C GLN A 63 -14.17 -26.84 -21.18
N LEU A 64 -14.15 -25.56 -20.88
CA LEU A 64 -15.36 -24.85 -20.53
C LEU A 64 -16.34 -24.78 -21.72
N TRP A 65 -15.83 -24.55 -22.92
CA TRP A 65 -16.66 -24.57 -24.14
C TRP A 65 -17.31 -25.95 -24.35
N LEU A 66 -16.53 -27.01 -24.16
CA LEU A 66 -17.06 -28.35 -24.26
C LEU A 66 -18.17 -28.57 -23.24
N TRP A 67 -17.92 -28.17 -22.00
CA TRP A 67 -18.89 -28.39 -20.94
C TRP A 67 -20.17 -27.61 -21.24
N LEU A 68 -20.03 -26.39 -21.74
CA LEU A 68 -21.18 -25.59 -22.14
C LEU A 68 -21.97 -26.30 -23.21
N ALA A 69 -21.29 -26.88 -24.20
CA ALA A 69 -21.94 -27.53 -25.32
C ALA A 69 -22.69 -28.80 -24.86
N GLU A 70 -22.02 -29.62 -24.05
CA GLU A 70 -22.63 -30.82 -23.42
C GLU A 70 -23.93 -30.49 -22.72
N ALA A 71 -23.86 -29.53 -21.79
CA ALA A 71 -25.02 -29.11 -21.02
C ALA A 71 -26.14 -28.54 -21.91
N GLU A 72 -25.78 -27.69 -22.86
CA GLU A 72 -26.78 -27.11 -23.77
C GLU A 72 -27.42 -28.18 -24.59
N GLN A 73 -26.64 -29.13 -25.04
CA GLN A 73 -27.21 -30.22 -25.80
C GLN A 73 -28.24 -31.00 -24.95
N THR A 74 -27.85 -31.32 -23.72
CA THR A 74 -28.73 -32.07 -22.83
C THR A 74 -30.06 -31.34 -22.57
N LEU A 75 -30.00 -30.00 -22.49
CA LEU A 75 -31.17 -29.17 -22.23
C LEU A 75 -31.95 -28.81 -23.52
N GLY A 76 -31.46 -29.26 -24.66
CA GLY A 76 -32.29 -29.29 -25.85
C GLY A 76 -31.87 -28.40 -27.00
N LEU A 77 -30.74 -27.73 -26.90
CA LEU A 77 -30.24 -26.90 -28.02
C LEU A 77 -29.69 -27.81 -29.12
N PRO A 78 -29.71 -27.34 -30.40
CA PRO A 78 -29.34 -28.18 -31.55
C PRO A 78 -27.84 -28.37 -31.71
N ILE A 79 -27.28 -29.22 -30.85
CA ILE A 79 -25.87 -29.58 -30.86
C ILE A 79 -25.84 -31.09 -30.99
N THR A 80 -24.95 -31.60 -31.82
CA THR A 80 -24.89 -33.04 -32.11
C THR A 80 -23.78 -33.76 -31.36
N ASP A 81 -23.92 -35.07 -31.24
CA ASP A 81 -22.88 -35.86 -30.63
C ASP A 81 -21.52 -35.73 -31.33
N GLU A 82 -21.50 -35.63 -32.66
CA GLU A 82 -20.22 -35.55 -33.36
C GLU A 82 -19.54 -34.21 -33.10
N GLN A 83 -20.32 -33.13 -32.96
CA GLN A 83 -19.75 -31.84 -32.54
C GLN A 83 -19.08 -31.93 -31.15
N ILE A 84 -19.78 -32.52 -30.18
CA ILE A 84 -19.23 -32.76 -28.82
C ILE A 84 -17.92 -33.58 -28.90
N ARG A 85 -17.95 -34.69 -29.66
CA ARG A 85 -16.77 -35.56 -29.80
C ARG A 85 -15.58 -34.82 -30.46
N GLU A 86 -15.87 -33.99 -31.44
CA GLU A 86 -14.85 -33.18 -32.11
C GLU A 86 -14.15 -32.25 -31.10
N MET A 87 -14.95 -31.53 -30.32
CA MET A 87 -14.41 -30.63 -29.29
C MET A 87 -13.62 -31.44 -28.26
N LYS A 88 -14.18 -32.56 -27.82
CA LYS A 88 -13.51 -33.38 -26.81
C LYS A 88 -12.14 -33.87 -27.29
N SER A 89 -12.03 -34.15 -28.58
CA SER A 89 -10.79 -34.65 -29.19
C SER A 89 -9.71 -33.58 -29.37
N ASN A 90 -10.05 -32.31 -29.11
CA ASN A 90 -9.16 -31.23 -29.48
C ASN A 90 -8.86 -30.24 -28.38
N LEU A 91 -9.12 -30.62 -27.13
CA LEU A 91 -8.89 -29.70 -26.01
C LEU A 91 -7.41 -29.29 -25.88
N GLU A 92 -6.50 -30.19 -26.24
CA GLU A 92 -5.05 -29.91 -26.14
C GLU A 92 -4.44 -29.47 -27.48
N ASN A 93 -5.17 -29.65 -28.56
CA ASN A 93 -4.65 -29.39 -29.90
C ASN A 93 -4.72 -27.90 -30.26
N ILE A 94 -3.93 -27.09 -29.54
CA ILE A 94 -4.02 -25.64 -29.62
C ILE A 94 -2.95 -25.05 -30.56
N ASP A 95 -3.41 -24.42 -31.63
CA ASP A 95 -2.53 -23.74 -32.57
C ASP A 95 -2.23 -22.30 -32.09
N PHE A 96 -1.14 -22.16 -31.36
CA PHE A 96 -0.75 -20.90 -30.77
C PHE A 96 -0.42 -19.81 -31.82
N LYS A 97 0.23 -20.23 -32.90
CA LYS A 97 0.54 -19.30 -34.01
C LYS A 97 -0.76 -18.75 -34.59
N MET A 98 -1.71 -19.62 -34.91
CA MET A 98 -2.99 -19.13 -35.40
C MET A 98 -3.71 -18.24 -34.41
N ALA A 99 -3.78 -18.64 -33.14
CA ALA A 99 -4.41 -17.78 -32.11
C ALA A 99 -3.79 -16.37 -32.02
N ALA A 100 -2.46 -16.29 -32.11
CA ALA A 100 -1.79 -15.01 -32.04
C ALA A 100 -2.15 -14.16 -33.24
N GLU A 101 -2.17 -14.77 -34.43
CA GLU A 101 -2.54 -14.04 -35.64
C GLU A 101 -3.98 -13.56 -35.60
N GLU A 102 -4.88 -14.41 -35.11
CA GLU A 102 -6.28 -14.03 -34.97
C GLU A 102 -6.42 -12.89 -33.99
N GLU A 103 -5.66 -12.95 -32.89
CA GLU A 103 -5.75 -11.88 -31.86
C GLU A 103 -5.22 -10.54 -32.39
N LYS A 104 -4.12 -10.57 -33.13
CA LYS A 104 -3.61 -9.36 -33.80
C LYS A 104 -4.68 -8.78 -34.76
N ARG A 105 -5.41 -9.65 -35.43
CA ARG A 105 -6.51 -9.23 -36.32
C ARG A 105 -7.71 -8.72 -35.54
N LEU A 106 -8.24 -9.52 -34.63
CA LEU A 106 -9.48 -9.18 -33.90
C LEU A 106 -9.28 -8.21 -32.73
N ARG A 107 -8.05 -8.07 -32.23
CA ARG A 107 -7.78 -7.32 -30.99
C ARG A 107 -8.65 -7.80 -29.83
N HIS A 108 -8.87 -9.11 -29.80
CA HIS A 108 -9.72 -9.68 -28.76
C HIS A 108 -9.29 -11.10 -28.54
N ASP A 109 -8.89 -11.42 -27.32
CA ASP A 109 -8.28 -12.74 -27.02
C ASP A 109 -9.26 -13.89 -27.04
N VAL A 110 -10.45 -13.69 -26.48
CA VAL A 110 -11.44 -14.77 -26.44
C VAL A 110 -11.99 -15.00 -27.83
N MET A 111 -12.29 -13.94 -28.58
CA MET A 111 -12.81 -14.14 -29.95
C MET A 111 -11.75 -14.85 -30.82
N ALA A 112 -10.48 -14.52 -30.64
CA ALA A 112 -9.41 -15.21 -31.37
C ALA A 112 -9.41 -16.70 -31.08
N HIS A 113 -9.60 -17.06 -29.83
CA HIS A 113 -9.56 -18.45 -29.42
C HIS A 113 -10.83 -19.19 -29.80
N VAL A 114 -11.97 -18.51 -29.85
CA VAL A 114 -13.18 -19.14 -30.39
C VAL A 114 -12.96 -19.50 -31.86
N HIS A 115 -12.48 -18.52 -32.65
CA HIS A 115 -12.17 -18.80 -34.06
C HIS A 115 -11.15 -19.90 -34.24
N THR A 116 -10.10 -19.91 -33.43
CA THR A 116 -9.03 -20.90 -33.54
C THR A 116 -9.55 -22.29 -33.17
N PHE A 117 -10.34 -22.39 -32.10
CA PHE A 117 -10.94 -23.68 -31.73
C PHE A 117 -11.88 -24.17 -32.88
N GLY A 118 -12.66 -23.24 -33.42
CA GLY A 118 -13.58 -23.56 -34.52
C GLY A 118 -12.85 -24.03 -35.76
N HIS A 119 -11.59 -23.64 -35.92
CA HIS A 119 -10.75 -24.17 -37.02
C HIS A 119 -10.45 -25.65 -36.87
N CYS A 120 -9.97 -26.06 -35.70
CA CYS A 120 -9.69 -27.49 -35.48
C CYS A 120 -10.96 -28.31 -35.21
N CYS A 121 -12.08 -27.63 -34.96
CA CYS A 121 -13.39 -28.26 -34.79
C CYS A 121 -14.42 -27.68 -35.78
N PRO A 122 -14.26 -27.97 -37.08
CA PRO A 122 -15.14 -27.38 -38.10
C PRO A 122 -16.62 -27.72 -37.95
N LYS A 123 -16.96 -28.93 -37.52
CA LYS A 123 -18.38 -29.26 -37.34
C LYS A 123 -18.99 -28.42 -36.23
N ALA A 124 -18.23 -28.24 -35.15
CA ALA A 124 -18.72 -27.57 -33.95
C ALA A 124 -18.59 -26.06 -34.02
N ALA A 125 -17.88 -25.53 -35.00
CA ALA A 125 -17.49 -24.13 -34.96
C ALA A 125 -18.67 -23.20 -34.66
N GLY A 126 -19.80 -23.44 -35.29
CA GLY A 126 -20.95 -22.56 -35.14
C GLY A 126 -21.61 -22.56 -33.78
N ILE A 127 -21.36 -23.59 -32.97
CA ILE A 127 -21.99 -23.71 -31.64
C ILE A 127 -21.01 -23.43 -30.48
N ILE A 128 -19.73 -23.22 -30.78
CA ILE A 128 -18.75 -22.88 -29.76
C ILE A 128 -19.14 -21.52 -29.15
N HIS A 129 -19.27 -21.46 -27.83
CA HIS A 129 -19.52 -20.19 -27.10
C HIS A 129 -21.00 -19.73 -27.20
N LEU A 130 -21.88 -20.63 -27.63
CA LEU A 130 -23.27 -20.28 -27.84
C LEU A 130 -23.95 -19.68 -26.63
N GLY A 131 -24.42 -18.43 -26.74
CA GLY A 131 -25.10 -17.75 -25.62
C GLY A 131 -24.21 -17.04 -24.61
N ALA A 132 -22.92 -17.38 -24.62
CA ALA A 132 -21.96 -16.93 -23.61
C ALA A 132 -21.40 -15.53 -23.93
N THR A 133 -20.95 -14.85 -22.88
CA THR A 133 -20.11 -13.67 -23.03
C THR A 133 -18.66 -14.12 -22.78
N SER A 134 -17.69 -13.31 -23.22
CA SER A 134 -16.28 -13.64 -23.09
C SER A 134 -15.85 -14.17 -21.71
N CYS A 135 -16.35 -13.54 -20.65
CA CYS A 135 -16.02 -13.88 -19.24
C CYS A 135 -16.37 -15.32 -18.83
N TYR A 136 -17.32 -15.93 -19.55
CA TYR A 136 -17.64 -17.34 -19.36
C TYR A 136 -16.35 -18.17 -19.35
N VAL A 137 -15.43 -17.95 -20.29
CA VAL A 137 -14.17 -18.68 -20.26
C VAL A 137 -13.10 -18.00 -19.41
N GLY A 138 -12.99 -16.67 -19.52
CA GLY A 138 -11.91 -15.95 -18.84
C GLY A 138 -12.03 -16.05 -17.33
N ASP A 139 -13.21 -15.66 -16.82
CA ASP A 139 -13.46 -15.66 -15.38
C ASP A 139 -13.52 -17.06 -14.79
N ASN A 140 -14.23 -17.99 -15.44
CA ASN A 140 -14.32 -19.33 -14.89
C ASN A 140 -12.96 -20.04 -14.86
N THR A 141 -12.11 -19.77 -15.85
CA THR A 141 -10.78 -20.33 -15.92
C THR A 141 -9.90 -19.77 -14.79
N ASP A 142 -10.04 -18.47 -14.51
CA ASP A 142 -9.32 -17.86 -13.40
C ASP A 142 -9.73 -18.48 -12.09
N LEU A 143 -11.02 -18.75 -11.90
CA LEU A 143 -11.47 -19.38 -10.68
C LEU A 143 -10.94 -20.82 -10.53
N ILE A 144 -10.93 -21.57 -11.61
CA ILE A 144 -10.38 -22.91 -11.64
C ILE A 144 -8.88 -22.86 -11.28
N ILE A 145 -8.19 -21.88 -11.86
CA ILE A 145 -6.76 -21.65 -11.63
C ILE A 145 -6.45 -21.27 -10.18
N LEU A 146 -7.21 -20.31 -9.62
CA LEU A 146 -7.02 -19.91 -8.24
C LEU A 146 -7.19 -21.07 -7.31
N ARG A 147 -8.22 -21.87 -7.52
CA ARG A 147 -8.44 -23.03 -6.68
C ARG A 147 -7.35 -24.11 -6.82
N ASN A 148 -6.95 -24.38 -8.06
CA ASN A 148 -5.87 -25.32 -8.30
C ASN A 148 -4.53 -24.83 -7.74
N ALA A 149 -4.27 -23.52 -7.84
CA ALA A 149 -3.07 -22.91 -7.24
C ALA A 149 -3.10 -23.02 -5.70
N LEU A 150 -4.25 -22.72 -5.10
CA LEU A 150 -4.43 -22.93 -3.67
C LEU A 150 -4.19 -24.39 -3.28
N ASP A 151 -4.69 -25.33 -4.07
CA ASP A 151 -4.45 -26.75 -3.74
C ASP A 151 -3.00 -27.18 -3.87
N LEU A 152 -2.19 -26.46 -4.66
CA LEU A 152 -0.76 -26.76 -4.75
C LEU A 152 0.01 -26.19 -3.54
N LEU A 153 -0.41 -25.03 -3.04
CA LEU A 153 0.22 -24.40 -1.85
C LEU A 153 -0.04 -25.13 -0.53
N LEU A 154 -1.27 -25.60 -0.33
CA LEU A 154 -1.70 -26.17 0.94
C LEU A 154 -0.82 -27.34 1.42
N PRO A 155 -0.57 -28.34 0.55
CA PRO A 155 0.35 -29.41 0.98
C PRO A 155 1.77 -28.97 1.33
N LYS A 156 2.24 -27.95 0.66
CA LYS A 156 3.59 -27.42 0.86
C LYS A 156 3.65 -26.75 2.21
N LEU A 157 2.63 -25.94 2.49
CA LEU A 157 2.50 -25.30 3.79
C LEU A 157 2.38 -26.34 4.92
N ALA A 158 1.62 -27.41 4.68
CA ALA A 158 1.44 -28.46 5.66
C ALA A 158 2.79 -29.11 5.97
N ARG A 159 3.57 -29.39 4.93
CA ARG A 159 4.87 -30.01 5.13
C ARG A 159 5.80 -29.13 5.94
N VAL A 160 5.79 -27.84 5.67
CA VAL A 160 6.65 -26.90 6.41
C VAL A 160 6.26 -26.99 7.88
N ILE A 161 4.97 -26.95 8.14
CA ILE A 161 4.45 -27.00 9.53
C ILE A 161 4.88 -28.30 10.21
N SER A 162 4.79 -29.40 9.48
CA SER A 162 5.16 -30.71 10.01
C SER A 162 6.63 -30.79 10.41
N ARG A 163 7.47 -30.32 9.50
CA ARG A 163 8.88 -30.31 9.72
C ARG A 163 9.24 -29.40 10.86
N LEU A 164 8.57 -28.26 10.98
CA LEU A 164 8.88 -27.37 12.10
C LEU A 164 8.40 -28.00 13.42
N ALA A 165 7.25 -28.66 13.37
CA ALA A 165 6.68 -29.35 14.52
C ALA A 165 7.63 -30.44 15.03
N ASP A 166 8.21 -31.21 14.12
CA ASP A 166 9.24 -32.22 14.45
C ASP A 166 10.40 -31.59 15.22
N PHE A 167 10.88 -30.45 14.70
CA PHE A 167 12.01 -29.71 15.29
C PHE A 167 11.61 -29.14 16.66
N ALA A 168 10.41 -28.57 16.74
CA ALA A 168 9.91 -28.02 17.99
C ALA A 168 9.81 -29.06 19.09
N LYS A 169 9.35 -30.26 18.73
CA LYS A 169 9.26 -31.38 19.69
C LYS A 169 10.64 -31.81 20.19
N GLU A 170 11.56 -32.06 19.27
CA GLU A 170 12.96 -32.37 19.61
C GLU A 170 13.58 -31.37 20.60
N ARG A 171 13.35 -30.07 20.34
CA ARG A 171 14.03 -28.99 21.04
C ARG A 171 13.15 -28.31 22.10
N ALA A 172 12.05 -28.97 22.48
CA ALA A 172 11.03 -28.42 23.38
C ALA A 172 11.57 -27.99 24.74
N SER A 173 12.59 -28.69 25.23
CA SER A 173 13.15 -28.40 26.55
C SER A 173 14.52 -27.74 26.51
N LEU A 174 14.98 -27.28 25.36
CA LEU A 174 16.32 -26.67 25.25
C LEU A 174 16.26 -25.19 25.60
N PRO A 175 16.76 -24.81 26.80
CA PRO A 175 16.70 -23.40 27.15
C PRO A 175 17.48 -22.53 26.19
N THR A 176 17.01 -21.30 25.99
CA THR A 176 17.66 -20.34 25.12
C THR A 176 17.22 -18.99 25.65
N LEU A 177 18.05 -17.96 25.43
CA LEU A 177 17.75 -16.62 25.92
C LEU A 177 16.46 -16.14 25.30
N GLY A 178 15.55 -15.65 26.12
CA GLY A 178 14.36 -14.92 25.62
C GLY A 178 14.77 -13.53 25.16
N PHE A 179 14.02 -12.95 24.24
CA PHE A 179 14.31 -11.63 23.70
C PHE A 179 13.04 -10.81 23.58
N THR A 180 12.97 -9.70 24.31
CA THR A 180 11.99 -8.63 24.09
C THR A 180 12.76 -7.34 23.88
N HIS A 181 12.31 -6.55 22.91
CA HIS A 181 13.08 -5.40 22.39
C HIS A 181 14.45 -5.87 21.84
N PHE A 182 14.55 -7.17 21.50
CA PHE A 182 15.85 -7.82 21.22
C PHE A 182 16.89 -7.60 22.32
N GLN A 183 16.42 -7.63 23.57
CA GLN A 183 17.30 -7.57 24.71
C GLN A 183 17.00 -8.79 25.58
N PRO A 184 17.97 -9.21 26.42
CA PRO A 184 17.78 -10.38 27.26
C PRO A 184 16.49 -10.36 28.07
N ALA A 185 15.75 -11.45 28.02
CA ALA A 185 14.49 -11.56 28.74
C ALA A 185 14.36 -12.98 29.25
N GLN A 186 13.27 -13.25 29.95
CA GLN A 186 13.09 -14.53 30.62
C GLN A 186 13.22 -15.69 29.64
N LEU A 187 14.05 -16.65 30.01
CA LEU A 187 14.40 -17.74 29.12
C LEU A 187 13.17 -18.40 28.50
N THR A 188 13.31 -18.79 27.24
CA THR A 188 12.35 -19.61 26.57
C THR A 188 13.05 -20.91 26.21
N THR A 189 12.45 -21.69 25.33
CA THR A 189 13.19 -22.81 24.76
C THR A 189 13.19 -22.68 23.24
N VAL A 190 14.15 -23.37 22.64
CA VAL A 190 14.27 -23.35 21.15
C VAL A 190 12.95 -23.86 20.52
N GLY A 191 12.39 -24.92 21.08
CA GLY A 191 11.13 -25.47 20.59
C GLY A 191 9.92 -24.57 20.83
N LYS A 192 9.83 -23.93 21.99
CA LYS A 192 8.75 -23.00 22.25
C LYS A 192 8.77 -21.81 21.24
N ARG A 193 9.94 -21.23 21.05
CA ARG A 193 10.06 -20.16 20.08
C ARG A 193 9.64 -20.62 18.68
N CYS A 194 10.03 -21.85 18.32
CA CYS A 194 9.58 -22.41 17.04
C CYS A 194 8.03 -22.47 16.92
N CYS A 195 7.37 -22.70 18.04
CA CYS A 195 5.90 -22.70 18.10
C CYS A 195 5.26 -21.35 17.74
N LEU A 196 5.95 -20.23 18.03
CA LEU A 196 5.50 -18.93 17.54
C LEU A 196 5.39 -18.94 16.02
N TRP A 197 6.43 -19.47 15.38
CA TRP A 197 6.48 -19.57 13.94
C TRP A 197 5.38 -20.51 13.45
N ILE A 198 5.29 -21.68 14.08
CA ILE A 198 4.35 -22.71 13.62
C ILE A 198 2.93 -22.20 13.72
N GLN A 199 2.63 -21.49 14.81
CA GLN A 199 1.28 -21.00 15.04
C GLN A 199 0.81 -20.09 13.93
N ASP A 200 1.64 -19.14 13.56
CA ASP A 200 1.31 -18.23 12.47
C ASP A 200 1.02 -18.97 11.18
N LEU A 201 1.87 -19.93 10.84
CA LEU A 201 1.66 -20.75 9.65
C LEU A 201 0.43 -21.63 9.70
N CYS A 202 0.05 -22.13 10.88
CA CYS A 202 -1.21 -22.85 11.04
C CYS A 202 -2.44 -21.94 10.74
N MET A 203 -2.42 -20.70 11.20
CA MET A 203 -3.46 -19.72 10.83
C MET A 203 -3.50 -19.52 9.30
N ASP A 204 -2.33 -19.48 8.65
CA ASP A 204 -2.28 -19.38 7.20
C ASP A 204 -2.90 -20.62 6.54
N LEU A 205 -2.56 -21.80 7.05
CA LEU A 205 -3.11 -23.03 6.53
C LEU A 205 -4.64 -22.96 6.62
N GLN A 206 -5.17 -22.55 7.76
CA GLN A 206 -6.62 -22.44 7.92
C GLN A 206 -7.26 -21.42 6.95
N ASN A 207 -6.59 -20.30 6.77
CA ASN A 207 -7.04 -19.25 5.86
C ASN A 207 -7.06 -19.74 4.41
N LEU A 208 -5.96 -20.33 3.96
CA LEU A 208 -5.90 -20.82 2.59
C LEU A 208 -6.96 -21.87 2.26
N LYS A 209 -7.20 -22.78 3.22
CA LYS A 209 -8.20 -23.83 3.04
C LYS A 209 -9.60 -23.21 2.97
N ARG A 210 -9.84 -22.22 3.83
CA ARG A 210 -11.13 -21.60 3.90
C ARG A 210 -11.42 -20.95 2.58
N VAL A 211 -10.47 -20.14 2.11
CA VAL A 211 -10.67 -19.42 0.86
C VAL A 211 -10.89 -20.38 -0.32
N ARG A 212 -10.12 -21.45 -0.32
CA ARG A 212 -10.25 -22.46 -1.33
C ARG A 212 -11.67 -23.07 -1.30
N ASP A 213 -12.13 -23.45 -0.12
CA ASP A 213 -13.39 -24.16 0.00
C ASP A 213 -14.57 -23.23 -0.27
N ASP A 214 -14.42 -21.96 0.03
CA ASP A 214 -15.52 -21.03 -0.16
C ASP A 214 -15.52 -20.39 -1.54
N LEU A 215 -14.52 -20.66 -2.36
CA LEU A 215 -14.54 -20.14 -3.73
C LEU A 215 -15.77 -20.63 -4.52
N ARG A 216 -16.52 -19.68 -5.07
CA ARG A 216 -17.68 -19.99 -5.90
C ARG A 216 -17.43 -19.81 -7.39
N PHE A 217 -18.15 -20.56 -8.21
CA PHE A 217 -18.02 -20.51 -9.68
C PHE A 217 -18.84 -19.37 -10.22
N ARG A 218 -18.33 -18.67 -11.23
CA ARG A 218 -19.15 -17.70 -11.96
C ARG A 218 -20.32 -18.35 -12.72
N GLY A 219 -20.05 -19.44 -13.41
CA GLY A 219 -21.04 -20.13 -14.19
C GLY A 219 -21.43 -19.40 -15.45
N VAL A 220 -22.69 -19.58 -15.86
CA VAL A 220 -23.23 -19.06 -17.12
C VAL A 220 -24.11 -17.86 -16.70
N LYS A 221 -23.72 -16.66 -17.13
CA LYS A 221 -24.31 -15.41 -16.63
C LYS A 221 -24.73 -14.36 -17.69
N GLY A 222 -24.15 -14.43 -18.88
CA GLY A 222 -24.42 -13.47 -19.94
C GLY A 222 -23.71 -12.16 -19.79
N THR A 223 -23.87 -11.34 -20.81
CA THR A 223 -23.16 -10.09 -20.93
C THR A 223 -23.18 -9.19 -19.73
N THR A 224 -24.37 -8.98 -19.13
CA THR A 224 -24.47 -8.14 -17.92
C THR A 224 -24.93 -8.94 -16.69
N GLY A 225 -24.86 -10.26 -16.77
CA GLY A 225 -25.21 -11.14 -15.67
C GLY A 225 -26.68 -11.54 -15.55
N THR A 226 -27.47 -11.14 -16.55
CA THR A 226 -28.91 -11.40 -16.54
C THR A 226 -29.31 -12.68 -17.28
N GLN A 227 -28.34 -13.35 -17.91
CA GLN A 227 -28.59 -14.56 -18.70
C GLN A 227 -29.60 -14.39 -19.87
N ALA A 228 -29.77 -13.15 -20.35
CA ALA A 228 -30.75 -12.85 -21.41
C ALA A 228 -30.60 -13.73 -22.65
N SER A 229 -29.36 -13.95 -23.05
CA SER A 229 -29.04 -14.74 -24.23
C SER A 229 -29.48 -16.15 -24.06
N PHE A 230 -29.16 -16.74 -22.90
CA PHE A 230 -29.58 -18.10 -22.64
C PHE A 230 -31.07 -18.22 -22.54
N LEU A 231 -31.70 -17.25 -21.88
CA LEU A 231 -33.15 -17.28 -21.75
C LEU A 231 -33.82 -17.33 -23.11
N GLN A 232 -33.35 -16.50 -24.02
CA GLN A 232 -33.87 -16.50 -25.38
C GLN A 232 -33.57 -17.80 -26.12
N LEU A 233 -32.37 -18.34 -25.98
CA LEU A 233 -32.09 -19.68 -26.56
C LEU A 233 -33.05 -20.76 -26.09
N PHE A 234 -33.43 -20.70 -24.83
CA PHE A 234 -34.33 -21.69 -24.25
C PHE A 234 -35.81 -21.25 -24.34
N GLU A 235 -36.06 -20.24 -25.17
CA GLU A 235 -37.40 -19.81 -25.52
C GLU A 235 -38.21 -19.42 -24.29
N GLY A 236 -37.54 -18.69 -23.39
CA GLY A 236 -38.12 -18.21 -22.17
C GLY A 236 -38.18 -19.18 -20.99
N ASP A 237 -37.56 -20.35 -21.10
CA ASP A 237 -37.60 -21.35 -20.01
C ASP A 237 -36.54 -21.08 -18.95
N ASP A 238 -36.94 -20.37 -17.89
CA ASP A 238 -36.01 -20.06 -16.77
C ASP A 238 -35.38 -21.29 -16.15
N HIS A 239 -36.18 -22.37 -16.07
CA HIS A 239 -35.70 -23.60 -15.40
C HIS A 239 -34.50 -24.15 -16.11
N LYS A 240 -34.56 -24.13 -17.44
CA LYS A 240 -33.42 -24.51 -18.29
C LYS A 240 -32.20 -23.67 -18.09
N VAL A 241 -32.37 -22.35 -17.90
CA VAL A 241 -31.24 -21.50 -17.66
C VAL A 241 -30.60 -21.83 -16.32
N GLU A 242 -31.43 -21.99 -15.29
CA GLU A 242 -30.92 -22.33 -13.97
C GLU A 242 -30.17 -23.65 -14.00
N GLN A 243 -30.73 -24.62 -14.72
CA GLN A 243 -30.10 -25.92 -14.80
C GLN A 243 -28.79 -25.90 -15.57
N LEU A 244 -28.69 -25.12 -16.64
CA LEU A 244 -27.43 -24.97 -17.34
C LEU A 244 -26.34 -24.46 -16.40
N ASP A 245 -26.65 -23.43 -15.63
CA ASP A 245 -25.70 -22.88 -14.70
C ASP A 245 -25.28 -23.96 -13.71
N LYS A 246 -26.23 -24.67 -13.12
CA LYS A 246 -25.88 -25.80 -12.22
C LYS A 246 -25.00 -26.86 -12.90
N MET A 247 -25.31 -27.22 -14.14
CA MET A 247 -24.60 -28.35 -14.79
C MET A 247 -23.15 -27.99 -15.07
N VAL A 248 -22.90 -26.80 -15.58
CA VAL A 248 -21.52 -26.41 -15.88
C VAL A 248 -20.73 -26.30 -14.58
N THR A 249 -21.36 -25.77 -13.52
CA THR A 249 -20.72 -25.64 -12.19
C THR A 249 -20.28 -27.01 -11.67
N GLU A 250 -21.19 -27.95 -11.73
CA GLU A 250 -20.93 -29.33 -11.31
C GLU A 250 -19.85 -29.97 -12.20
N LYS A 251 -19.88 -29.74 -13.51
CA LYS A 251 -18.83 -30.32 -14.41
C LYS A 251 -17.43 -29.78 -14.05
N ALA A 252 -17.38 -28.52 -13.60
CA ALA A 252 -16.15 -27.83 -13.22
C ALA A 252 -15.67 -28.22 -11.83
N GLY A 253 -16.42 -29.00 -11.09
CA GLY A 253 -15.98 -29.52 -9.79
C GLY A 253 -16.17 -28.51 -8.68
N PHE A 254 -17.09 -27.56 -8.87
CA PHE A 254 -17.48 -26.58 -7.84
C PHE A 254 -18.82 -26.93 -7.19
N LYS A 255 -18.92 -26.81 -5.87
CA LYS A 255 -20.16 -27.13 -5.16
C LYS A 255 -21.22 -26.02 -5.37
N ARG A 256 -20.76 -24.82 -5.61
CA ARG A 256 -21.62 -23.64 -5.58
C ARG A 256 -21.23 -22.57 -6.63
N ALA A 257 -22.27 -21.98 -7.25
CA ALA A 257 -22.10 -20.90 -8.23
C ALA A 257 -22.70 -19.67 -7.63
N PHE A 258 -22.21 -18.49 -8.03
CA PHE A 258 -22.92 -17.25 -7.73
C PHE A 258 -24.35 -17.25 -8.30
N ILE A 259 -25.30 -16.67 -7.56
CA ILE A 259 -26.58 -16.33 -8.13
C ILE A 259 -26.42 -14.98 -8.85
N ILE A 260 -25.81 -14.05 -8.12
CA ILE A 260 -25.62 -12.64 -8.54
C ILE A 260 -24.24 -12.37 -9.08
N THR A 261 -24.19 -11.92 -10.34
CA THR A 261 -23.01 -11.33 -10.94
C THR A 261 -23.46 -10.21 -11.88
N GLY A 262 -22.50 -9.37 -12.24
CA GLY A 262 -22.61 -8.55 -13.44
C GLY A 262 -22.05 -9.38 -14.58
N GLN A 263 -21.20 -8.77 -15.42
CA GLN A 263 -20.47 -9.54 -16.41
C GLN A 263 -19.46 -10.49 -15.79
N THR A 264 -18.88 -10.10 -14.63
CA THR A 264 -17.76 -10.78 -14.03
C THR A 264 -18.15 -11.28 -12.65
N TYR A 265 -17.38 -12.23 -12.13
CA TYR A 265 -17.48 -12.52 -10.72
C TYR A 265 -16.98 -11.28 -10.00
N THR A 266 -17.48 -11.06 -8.80
CA THR A 266 -17.10 -9.85 -8.06
C THR A 266 -15.62 -9.82 -7.78
N ARG A 267 -14.95 -8.72 -8.11
CA ARG A 267 -13.48 -8.67 -7.91
C ARG A 267 -13.07 -8.60 -6.42
N LYS A 268 -14.05 -8.53 -5.54
CA LYS A 268 -13.84 -8.78 -4.12
C LYS A 268 -13.21 -10.16 -3.89
N VAL A 269 -13.51 -11.14 -4.73
CA VAL A 269 -12.92 -12.48 -4.58
C VAL A 269 -11.39 -12.41 -4.64
N ASP A 270 -10.89 -11.57 -5.56
CA ASP A 270 -9.46 -11.43 -5.77
C ASP A 270 -8.79 -10.82 -4.56
N ILE A 271 -9.45 -9.88 -3.89
CA ILE A 271 -8.97 -9.36 -2.62
C ILE A 271 -8.89 -10.46 -1.56
N GLU A 272 -9.95 -11.25 -1.46
CA GLU A 272 -10.02 -12.29 -0.44
C GLU A 272 -8.83 -13.26 -0.59
N VAL A 273 -8.49 -13.62 -1.82
CA VAL A 273 -7.38 -14.56 -2.06
C VAL A 273 -6.01 -13.92 -1.84
N LEU A 274 -5.79 -12.73 -2.38
CA LEU A 274 -4.46 -12.16 -2.26
C LEU A 274 -4.24 -11.64 -0.85
N SER A 275 -5.30 -11.36 -0.09
CA SER A 275 -5.13 -10.90 1.29
C SER A 275 -4.63 -12.05 2.17
N VAL A 276 -5.13 -13.25 1.93
CA VAL A 276 -4.60 -14.39 2.70
C VAL A 276 -3.13 -14.65 2.32
N LEU A 277 -2.79 -14.49 1.04
CA LEU A 277 -1.38 -14.61 0.61
C LEU A 277 -0.47 -13.54 1.23
N ALA A 278 -0.95 -12.32 1.28
CA ALA A 278 -0.22 -11.21 1.90
C ALA A 278 0.06 -11.48 3.40
N SER A 279 -0.94 -12.02 4.10
CA SER A 279 -0.79 -12.38 5.52
C SER A 279 0.25 -13.51 5.71
N LEU A 280 0.23 -14.52 4.84
CA LEU A 280 1.27 -15.54 4.81
C LEU A 280 2.61 -14.92 4.55
N GLY A 281 2.67 -13.90 3.70
CA GLY A 281 3.95 -13.22 3.51
C GLY A 281 4.48 -12.60 4.80
N ALA A 282 3.59 -11.95 5.55
CA ALA A 282 3.93 -11.36 6.81
C ALA A 282 4.49 -12.40 7.78
N SER A 283 3.82 -13.57 7.91
CA SER A 283 4.31 -14.66 8.77
C SER A 283 5.71 -15.12 8.42
N VAL A 284 5.89 -15.37 7.14
CA VAL A 284 7.18 -15.84 6.61
C VAL A 284 8.27 -14.80 6.84
N HIS A 285 7.98 -13.52 6.56
CA HIS A 285 8.98 -12.46 6.80
C HIS A 285 9.44 -12.44 8.26
N LYS A 286 8.50 -12.61 9.19
CA LYS A 286 8.82 -12.59 10.62
C LYS A 286 9.71 -13.78 10.97
N ILE A 287 9.30 -14.97 10.53
CA ILE A 287 10.02 -16.23 10.85
C ILE A 287 11.44 -16.18 10.31
N CYS A 288 11.58 -15.72 9.07
CA CYS A 288 12.89 -15.74 8.46
C CYS A 288 13.78 -14.58 8.96
N THR A 289 13.16 -13.49 9.37
CA THR A 289 13.87 -12.44 10.13
C THR A 289 14.41 -13.04 11.44
N ASP A 290 13.61 -13.76 12.20
CA ASP A 290 14.16 -14.39 13.44
C ASP A 290 15.33 -15.30 13.14
N ILE A 291 15.22 -16.11 12.09
CA ILE A 291 16.30 -17.07 11.77
C ILE A 291 17.56 -16.30 11.39
N ARG A 292 17.42 -15.16 10.70
CA ARG A 292 18.59 -14.38 10.32
C ARG A 292 19.27 -13.78 11.53
N LEU A 293 18.46 -13.38 12.53
CA LEU A 293 19.01 -12.87 13.77
C LEU A 293 19.75 -13.99 14.55
N LEU A 294 19.14 -15.18 14.64
CA LEU A 294 19.77 -16.35 15.28
C LEU A 294 21.07 -16.74 14.57
N ALA A 295 21.11 -16.58 13.26
CA ALA A 295 22.32 -16.87 12.49
C ALA A 295 23.44 -15.92 12.90
N ASN A 296 23.11 -14.65 13.12
CA ASN A 296 24.10 -13.70 13.64
C ASN A 296 24.66 -14.13 15.00
N LEU A 297 23.76 -14.52 15.89
CA LEU A 297 24.12 -14.99 17.24
C LEU A 297 24.81 -16.33 17.29
N LYS A 298 24.87 -17.02 16.15
CA LYS A 298 25.49 -18.35 15.99
C LYS A 298 24.78 -19.45 16.80
N GLU A 299 23.52 -19.20 17.16
CA GLU A 299 22.69 -20.15 17.90
C GLU A 299 21.95 -21.15 17.00
N MET A 300 21.63 -20.71 15.79
CA MET A 300 20.88 -21.51 14.80
C MET A 300 21.34 -21.09 13.43
N GLU A 301 21.46 -22.05 12.52
CA GLU A 301 21.72 -21.78 11.12
C GLU A 301 20.78 -22.58 10.22
N GLU A 302 20.69 -22.15 8.96
CA GLU A 302 19.95 -22.85 7.92
C GLU A 302 20.70 -24.12 7.63
N PRO A 303 19.99 -25.13 7.13
CA PRO A 303 20.61 -26.41 6.83
C PRO A 303 21.75 -26.29 5.80
N PHE A 304 22.66 -27.25 5.83
CA PHE A 304 23.71 -27.33 4.83
C PHE A 304 23.11 -27.80 3.51
N TYR A 316 33.33 -21.32 8.22
CA TYR A 316 33.04 -20.61 9.45
C TYR A 316 31.86 -19.64 9.26
N LYS A 317 31.99 -18.73 8.29
CA LYS A 317 30.95 -17.72 8.00
C LYS A 317 29.92 -18.31 7.05
N ARG A 318 28.67 -18.34 7.52
CA ARG A 318 27.56 -18.77 6.69
C ARG A 318 26.50 -17.72 6.67
N ASN A 319 25.96 -17.50 5.47
CA ASN A 319 24.93 -16.47 5.29
C ASN A 319 23.60 -17.13 5.16
N PRO A 320 22.61 -16.64 5.91
CA PRO A 320 21.23 -17.14 5.81
C PRO A 320 20.51 -16.64 4.57
N MET A 321 20.98 -17.09 3.41
CA MET A 321 20.55 -16.57 2.12
C MET A 321 19.17 -17.03 1.72
N ARG A 322 18.78 -18.23 2.13
CA ARG A 322 17.41 -18.66 1.89
C ARG A 322 16.40 -17.85 2.68
N SER A 323 16.70 -17.56 3.94
CA SER A 323 15.82 -16.75 4.78
C SER A 323 15.74 -15.33 4.23
N GLU A 324 16.88 -14.82 3.77
CA GLU A 324 16.93 -13.51 3.14
C GLU A 324 16.04 -13.46 1.89
N ARG A 325 16.13 -14.50 1.04
CA ARG A 325 15.30 -14.56 -0.17
C ARG A 325 13.82 -14.69 0.19
N CYS A 326 13.49 -15.53 1.19
CA CYS A 326 12.10 -15.59 1.66
C CYS A 326 11.58 -14.24 2.10
N CYS A 327 12.37 -13.50 2.86
CA CYS A 327 11.93 -12.16 3.27
C CYS A 327 11.70 -11.26 2.04
N SER A 328 12.63 -11.34 1.09
CA SER A 328 12.57 -10.50 -0.12
C SER A 328 11.26 -10.75 -0.89
N LEU A 329 10.91 -12.02 -1.05
CA LEU A 329 9.71 -12.40 -1.79
C LEU A 329 8.44 -12.16 -0.99
N ALA A 330 8.49 -12.42 0.32
CA ALA A 330 7.32 -12.24 1.22
C ALA A 330 6.88 -10.79 1.19
N ARG A 331 7.87 -9.90 1.18
CA ARG A 331 7.63 -8.48 0.98
C ARG A 331 6.82 -8.14 -0.25
N HIS A 332 7.19 -8.72 -1.40
CA HIS A 332 6.42 -8.58 -2.62
C HIS A 332 4.98 -9.10 -2.50
N LEU A 333 4.79 -10.19 -1.78
CA LEU A 333 3.46 -10.76 -1.59
C LEU A 333 2.58 -9.81 -0.79
N MET A 334 3.16 -9.11 0.18
CA MET A 334 2.48 -8.09 0.93
C MET A 334 2.10 -6.88 0.07
N THR A 335 3.08 -6.36 -0.63
CA THR A 335 2.88 -5.26 -1.56
C THR A 335 1.70 -5.51 -2.51
N LEU A 336 1.61 -6.70 -3.06
CA LEU A 336 0.59 -7.02 -4.09
C LEU A 336 -0.85 -6.86 -3.64
N VAL A 337 -1.11 -6.84 -2.32
CA VAL A 337 -2.49 -6.78 -1.83
C VAL A 337 -3.18 -5.50 -2.30
N MET A 338 -2.40 -4.44 -2.50
CA MET A 338 -2.94 -3.13 -2.93
C MET A 338 -3.51 -3.15 -4.34
N ASP A 339 -3.09 -4.10 -5.17
CA ASP A 339 -3.61 -4.22 -6.51
C ASP A 339 -5.12 -4.57 -6.51
N PRO A 340 -5.51 -5.76 -6.01
CA PRO A 340 -6.93 -6.10 -5.97
C PRO A 340 -7.82 -5.14 -5.15
N LEU A 341 -7.30 -4.57 -4.07
CA LEU A 341 -8.08 -3.62 -3.29
C LEU A 341 -8.48 -2.45 -4.17
N GLN A 342 -7.50 -1.88 -4.86
CA GLN A 342 -7.74 -0.72 -5.74
C GLN A 342 -8.61 -1.13 -6.92
N THR A 343 -8.33 -2.25 -7.56
CA THR A 343 -9.16 -2.74 -8.67
C THR A 343 -10.65 -2.84 -8.30
N ALA A 344 -10.97 -3.52 -7.19
CA ALA A 344 -12.37 -3.74 -6.85
C ALA A 344 -13.07 -2.41 -6.55
N SER A 345 -12.32 -1.46 -5.97
CA SER A 345 -12.88 -0.18 -5.53
CA SER A 345 -12.87 -0.17 -5.54
C SER A 345 -13.39 0.70 -6.68
N VAL A 346 -12.88 0.50 -7.88
CA VAL A 346 -13.22 1.34 -9.03
C VAL A 346 -13.81 0.57 -10.19
N GLN A 347 -14.29 -0.64 -9.95
CA GLN A 347 -15.08 -1.37 -10.97
C GLN A 347 -16.49 -0.80 -11.16
N TRP A 348 -16.77 -0.16 -12.30
CA TRP A 348 -18.03 0.51 -12.44
C TRP A 348 -19.11 -0.43 -12.94
N PHE A 349 -20.25 -0.42 -12.27
CA PHE A 349 -21.47 -1.14 -12.69
C PHE A 349 -21.19 -2.62 -12.93
N GLU A 350 -21.57 -3.13 -14.09
CA GLU A 350 -21.53 -4.56 -14.40
C GLU A 350 -20.16 -5.02 -14.91
N ARG A 351 -19.22 -4.06 -14.95
CA ARG A 351 -17.76 -4.24 -14.99
C ARG A 351 -17.13 -3.21 -15.92
N THR A 352 -15.90 -2.87 -15.60
CA THR A 352 -15.02 -2.10 -16.52
C THR A 352 -13.75 -2.93 -16.79
N LEU A 353 -13.12 -2.74 -17.96
CA LEU A 353 -12.00 -3.58 -18.38
C LEU A 353 -10.62 -3.21 -17.75
N ASP A 354 -10.63 -2.26 -16.83
CA ASP A 354 -9.41 -1.83 -16.14
C ASP A 354 -9.00 -2.82 -15.08
N ASP A 355 -9.73 -3.93 -14.95
CA ASP A 355 -9.21 -5.02 -14.11
C ASP A 355 -8.27 -5.97 -14.83
N SER A 356 -8.39 -6.05 -16.14
CA SER A 356 -7.85 -7.17 -16.90
C SER A 356 -6.32 -7.29 -16.91
N ALA A 357 -5.63 -6.24 -17.32
CA ALA A 357 -4.17 -6.28 -17.42
C ALA A 357 -3.54 -6.50 -16.03
N ASN A 358 -4.07 -5.78 -15.05
CA ASN A 358 -3.59 -5.85 -13.67
C ASN A 358 -3.66 -7.29 -13.13
N ARG A 359 -4.82 -7.93 -13.32
CA ARG A 359 -5.05 -9.32 -12.89
C ARG A 359 -4.14 -10.31 -13.59
N ARG A 360 -3.81 -10.06 -14.85
CA ARG A 360 -2.84 -10.89 -15.55
C ARG A 360 -1.52 -10.95 -14.82
N ILE A 361 -1.13 -9.82 -14.25
CA ILE A 361 0.12 -9.68 -13.54
C ILE A 361 -0.03 -10.16 -12.09
N CYS A 362 -0.94 -9.55 -11.31
CA CYS A 362 -0.93 -9.78 -9.85
C CYS A 362 -1.35 -11.18 -9.40
N LEU A 363 -2.33 -11.82 -10.06
CA LEU A 363 -2.82 -13.11 -9.56
C LEU A 363 -1.73 -14.19 -9.73
N ALA A 364 -1.22 -14.33 -10.95
CA ALA A 364 -0.09 -15.24 -11.19
C ALA A 364 1.13 -14.94 -10.29
N GLU A 365 1.58 -13.70 -10.27
CA GLU A 365 2.73 -13.35 -9.46
C GLU A 365 2.59 -13.64 -7.97
N ALA A 366 1.43 -13.36 -7.42
CA ALA A 366 1.21 -13.60 -5.99
C ALA A 366 1.40 -15.11 -5.75
N PHE A 367 0.79 -15.94 -6.58
CA PHE A 367 0.90 -17.40 -6.39
C PHE A 367 2.29 -17.98 -6.65
N LEU A 368 2.96 -17.47 -7.69
CA LEU A 368 4.33 -17.89 -8.02
C LEU A 368 5.30 -17.44 -6.92
N THR A 369 5.07 -16.24 -6.38
CA THR A 369 5.82 -15.78 -5.16
C THR A 369 5.58 -16.66 -3.93
N ALA A 370 4.32 -16.96 -3.61
CA ALA A 370 4.00 -17.84 -2.48
C ALA A 370 4.55 -19.25 -2.67
N ASP A 371 4.46 -19.77 -3.89
CA ASP A 371 5.02 -21.09 -4.20
C ASP A 371 6.51 -21.10 -3.86
N THR A 372 7.23 -20.08 -4.34
CA THR A 372 8.71 -20.04 -4.18
C THR A 372 9.06 -20.00 -2.69
N ILE A 373 8.37 -19.16 -1.95
CA ILE A 373 8.60 -19.05 -0.52
C ILE A 373 8.41 -20.38 0.19
N LEU A 374 7.32 -21.09 -0.10
CA LEU A 374 7.06 -22.37 0.56
C LEU A 374 8.05 -23.46 0.13
N ASN A 375 8.47 -23.45 -1.13
CA ASN A 375 9.52 -24.39 -1.56
C ASN A 375 10.81 -24.18 -0.78
N THR A 376 11.20 -22.92 -0.65
CA THR A 376 12.41 -22.55 0.06
C THR A 376 12.27 -22.80 1.55
N LEU A 377 11.13 -22.44 2.13
CA LEU A 377 10.91 -22.63 3.56
C LEU A 377 10.91 -24.13 3.93
N GLN A 378 10.36 -24.97 3.05
CA GLN A 378 10.45 -26.40 3.26
C GLN A 378 11.92 -26.84 3.39
N ASN A 379 12.77 -26.35 2.49
CA ASN A 379 14.21 -26.63 2.56
C ASN A 379 14.88 -26.13 3.86
N ILE A 380 14.54 -24.90 4.25
CA ILE A 380 15.05 -24.33 5.52
C ILE A 380 14.60 -25.19 6.73
N SER A 381 13.38 -25.68 6.70
CA SER A 381 12.77 -26.38 7.85
C SER A 381 13.29 -27.80 8.04
N GLU A 382 13.99 -28.30 7.03
CA GLU A 382 14.31 -29.71 6.93
C GLU A 382 15.51 -30.10 7.76
N GLY A 383 16.44 -29.20 7.96
CA GLY A 383 17.59 -29.54 8.80
C GLY A 383 18.27 -28.38 9.50
N LEU A 384 17.46 -27.58 10.20
CA LEU A 384 17.95 -26.46 11.01
C LEU A 384 19.12 -26.90 11.92
N VAL A 385 20.20 -26.15 11.86
CA VAL A 385 21.35 -26.41 12.65
C VAL A 385 21.29 -25.60 13.96
N VAL A 386 21.50 -26.29 15.09
CA VAL A 386 21.49 -25.64 16.41
C VAL A 386 22.84 -25.81 17.07
N TYR A 387 23.31 -24.78 17.80
CA TYR A 387 24.55 -24.87 18.56
C TYR A 387 24.31 -24.65 20.05
N PRO A 388 24.01 -25.74 20.78
CA PRO A 388 23.73 -25.67 22.21
C PRO A 388 24.78 -24.99 23.04
N LYS A 389 26.06 -25.13 22.68
CA LYS A 389 27.12 -24.56 23.51
C LYS A 389 27.23 -23.04 23.36
N VAL A 390 26.84 -22.53 22.19
CA VAL A 390 26.79 -21.11 21.95
C VAL A 390 25.58 -20.58 22.71
N ILE A 391 24.45 -21.27 22.56
CA ILE A 391 23.23 -20.93 23.31
C ILE A 391 23.53 -20.87 24.83
N GLU A 392 24.16 -21.94 25.34
CA GLU A 392 24.50 -22.07 26.76
C GLU A 392 25.43 -20.97 27.27
N ARG A 393 26.42 -20.57 26.46
CA ARG A 393 27.33 -19.50 26.88
C ARG A 393 26.61 -18.18 27.05
N ARG A 394 25.74 -17.88 26.10
CA ARG A 394 25.00 -16.63 26.12
C ARG A 394 24.07 -16.60 27.34
N ILE A 395 23.45 -17.74 27.67
CA ILE A 395 22.65 -17.82 28.87
C ILE A 395 23.51 -17.59 30.10
N ARG A 396 24.70 -18.19 30.14
CA ARG A 396 25.62 -17.97 31.27
C ARG A 396 25.99 -16.50 31.47
N GLN A 397 26.09 -15.74 30.38
CA GLN A 397 26.46 -14.32 30.46
C GLN A 397 25.30 -13.48 30.96
N GLU A 398 24.09 -13.86 30.61
CA GLU A 398 22.92 -13.04 30.91
C GLU A 398 22.10 -13.43 32.12
N LEU A 399 22.09 -14.72 32.48
CA LEU A 399 21.17 -15.19 33.49
C LEU A 399 21.44 -14.65 34.91
N PRO A 400 22.72 -14.41 35.28
CA PRO A 400 22.94 -13.86 36.62
C PRO A 400 22.11 -12.61 36.89
N PHE A 401 22.04 -11.72 35.91
CA PHE A 401 21.25 -10.51 36.03
C PHE A 401 19.75 -10.79 36.15
N MET A 402 19.30 -11.96 35.70
CA MET A 402 17.89 -12.30 35.78
C MET A 402 17.62 -13.14 37.03
N ALA A 403 18.67 -13.64 37.65
CA ALA A 403 18.54 -14.55 38.78
C ALA A 403 18.53 -13.82 40.12
N THR A 404 18.60 -12.50 40.10
CA THR A 404 18.84 -11.76 41.34
C THR A 404 17.65 -11.86 42.29
N GLU A 405 16.45 -11.99 41.73
CA GLU A 405 15.21 -12.09 42.52
C GLU A 405 15.16 -13.39 43.30
N ASN A 406 15.57 -14.48 42.67
CA ASN A 406 15.55 -15.78 43.33
C ASN A 406 16.63 -15.89 44.39
N ILE A 407 17.72 -15.15 44.19
CA ILE A 407 18.78 -15.07 45.21
C ILE A 407 18.25 -14.37 46.46
N ILE A 408 17.52 -13.28 46.23
CA ILE A 408 16.90 -12.51 47.33
C ILE A 408 15.85 -13.35 48.07
N MET A 409 15.01 -14.07 47.31
CA MET A 409 14.04 -15.02 47.89
C MET A 409 14.74 -16.03 48.78
N ALA A 410 15.86 -16.58 48.30
CA ALA A 410 16.60 -17.64 48.98
C ALA A 410 17.24 -17.12 50.25
N MET A 411 17.63 -15.85 50.23
CA MET A 411 18.16 -15.19 51.42
C MET A 411 17.04 -14.82 52.39
N VAL A 412 16.00 -14.18 51.88
CA VAL A 412 14.75 -13.98 52.61
C VAL A 412 14.14 -15.32 53.03
N GLY A 415 17.14 -16.85 56.17
CA GLY A 415 16.25 -15.94 56.92
C GLY A 415 16.79 -14.52 57.01
N GLY A 416 17.29 -14.00 55.88
CA GLY A 416 17.87 -12.67 55.83
C GLY A 416 16.83 -11.57 55.72
N SER A 417 17.21 -10.48 55.04
CA SER A 417 16.38 -9.28 54.95
C SER A 417 16.20 -8.83 53.50
N ARG A 418 14.94 -8.73 53.08
CA ARG A 418 14.58 -8.35 51.71
C ARG A 418 15.18 -6.99 51.31
N GLN A 419 15.14 -6.02 52.22
CA GLN A 419 15.65 -4.67 51.96
C GLN A 419 17.18 -4.67 51.88
N ASP A 420 17.83 -5.31 52.84
CA ASP A 420 19.30 -5.35 52.90
C ASP A 420 19.90 -6.19 51.77
N CYS A 421 19.28 -7.33 51.47
CA CYS A 421 19.76 -8.19 50.40
C CYS A 421 19.65 -7.50 49.06
N HIS A 422 18.57 -6.75 48.86
CA HIS A 422 18.37 -6.03 47.62
C HIS A 422 19.37 -4.90 47.43
N GLU A 423 19.78 -4.24 48.51
CA GLU A 423 20.75 -3.14 48.42
C GLU A 423 22.17 -3.65 48.17
N LYS A 424 22.52 -4.76 48.82
CA LYS A 424 23.81 -5.40 48.64
C LYS A 424 23.97 -6.06 47.26
N ILE A 425 22.90 -6.68 46.77
CA ILE A 425 22.97 -7.35 45.46
C ILE A 425 22.97 -6.33 44.33
N ARG A 426 22.44 -5.14 44.59
CA ARG A 426 22.40 -4.09 43.58
C ARG A 426 23.82 -3.60 43.25
N VAL A 427 24.61 -3.35 44.28
CA VAL A 427 25.95 -2.82 44.06
C VAL A 427 26.87 -3.83 43.37
N LEU A 428 26.67 -5.12 43.64
CA LEU A 428 27.42 -6.17 42.93
C LEU A 428 27.03 -6.24 41.45
N SER A 429 25.77 -5.97 41.14
CA SER A 429 25.28 -5.99 39.76
C SER A 429 25.79 -4.80 38.96
N GLN A 430 25.97 -3.67 39.63
CA GLN A 430 26.55 -2.47 39.01
C GLN A 430 28.00 -2.76 38.66
N GLN A 431 28.71 -3.41 39.59
CA GLN A 431 30.09 -3.79 39.37
C GLN A 431 30.23 -4.81 38.25
N ALA A 432 29.29 -5.76 38.18
CA ALA A 432 29.30 -6.80 37.15
C ALA A 432 28.95 -6.22 35.78
N ALA A 433 28.05 -5.24 35.76
CA ALA A 433 27.56 -4.66 34.50
C ALA A 433 28.59 -3.75 33.85
N SER A 434 29.35 -3.03 34.66
CA SER A 434 30.43 -2.17 34.15
C SER A 434 31.61 -2.98 33.60
N VAL A 435 31.93 -4.10 34.23
CA VAL A 435 32.88 -5.05 33.66
C VAL A 435 32.44 -5.43 32.24
N VAL A 436 31.18 -5.82 32.10
CA VAL A 436 30.65 -6.31 30.80
C VAL A 436 30.64 -5.21 29.73
N LYS A 437 30.09 -4.05 30.07
CA LYS A 437 29.98 -2.92 29.12
C LYS A 437 31.17 -1.96 29.05
N GLN A 438 31.61 -1.42 30.18
CA GLN A 438 32.69 -0.44 30.15
C GLN A 438 34.06 -1.05 29.88
N GLU A 439 34.21 -2.34 30.22
CA GLU A 439 35.48 -3.02 30.09
C GLU A 439 35.48 -4.23 29.14
N GLY A 440 34.34 -4.55 28.55
CA GLY A 440 34.24 -5.64 27.58
C GLY A 440 34.65 -6.98 28.14
N GLY A 441 34.36 -7.22 29.42
CA GLY A 441 34.69 -8.48 30.09
C GLY A 441 33.50 -9.44 30.21
N ASP A 442 33.74 -10.61 30.82
CA ASP A 442 32.66 -11.58 31.12
C ASP A 442 31.91 -11.18 32.39
N ASN A 443 30.66 -11.61 32.48
CA ASN A 443 29.82 -11.33 33.64
C ASN A 443 30.34 -12.08 34.87
N ASP A 444 30.85 -11.35 35.85
CA ASP A 444 31.42 -11.96 37.07
C ASP A 444 30.56 -11.77 38.32
N LEU A 445 29.25 -11.60 38.12
CA LEU A 445 28.33 -11.38 39.23
C LEU A 445 28.28 -12.59 40.16
N ILE A 446 28.22 -13.80 39.60
CA ILE A 446 28.12 -15.01 40.42
C ILE A 446 29.35 -15.18 41.30
N GLU A 447 30.52 -14.87 40.72
CA GLU A 447 31.78 -14.82 41.47
C GLU A 447 31.71 -13.80 42.61
N ARG A 448 31.22 -12.59 42.32
CA ARG A 448 31.11 -11.53 43.35
C ARG A 448 30.25 -11.97 44.54
N ILE A 449 29.14 -12.65 44.25
CA ILE A 449 28.28 -13.24 45.28
C ILE A 449 29.05 -14.33 46.04
N GLN A 450 29.64 -15.25 45.30
CA GLN A 450 30.42 -16.35 45.88
C GLN A 450 31.53 -15.89 46.85
N VAL A 451 32.21 -14.79 46.52
CA VAL A 451 33.28 -14.28 47.39
C VAL A 451 32.76 -13.52 48.60
N ASP A 452 31.52 -13.04 48.53
CA ASP A 452 30.97 -12.13 49.54
C ASP A 452 30.39 -12.90 50.72
N ALA A 453 30.96 -12.65 51.92
CA ALA A 453 30.58 -13.36 53.15
C ALA A 453 29.11 -13.21 53.49
N TYR A 454 28.54 -12.03 53.20
CA TYR A 454 27.12 -11.76 53.40
C TYR A 454 26.21 -12.88 52.88
N PHE A 455 26.46 -13.33 51.65
CA PHE A 455 25.66 -14.38 51.03
C PHE A 455 26.05 -15.78 51.44
N SER A 456 26.86 -15.89 52.50
CA SER A 456 27.21 -17.17 53.09
C SER A 456 26.06 -18.18 53.05
N PRO A 457 24.88 -17.82 53.59
CA PRO A 457 23.83 -18.84 53.72
C PRO A 457 23.19 -19.32 52.41
N ILE A 458 23.50 -18.67 51.29
CA ILE A 458 23.00 -19.06 49.98
C ILE A 458 24.04 -19.74 49.07
N HIS A 459 25.33 -19.61 49.41
CA HIS A 459 26.43 -20.17 48.58
C HIS A 459 26.22 -21.66 48.27
N SER A 460 25.66 -22.37 49.24
CA SER A 460 25.41 -23.81 49.14
C SER A 460 24.45 -24.17 47.99
N GLN A 461 23.56 -23.25 47.65
CA GLN A 461 22.51 -23.52 46.66
C GLN A 461 22.69 -22.74 45.36
N LEU A 462 23.75 -21.93 45.26
CA LEU A 462 23.96 -21.05 44.09
C LEU A 462 23.91 -21.75 42.72
N ASP A 463 24.52 -22.92 42.59
CA ASP A 463 24.42 -23.67 41.32
C ASP A 463 22.97 -23.95 41.04
N HIS A 464 22.27 -24.48 42.03
CA HIS A 464 20.88 -24.81 41.86
C HIS A 464 20.06 -23.58 41.50
N LEU A 465 20.32 -22.48 42.21
CA LEU A 465 19.59 -21.24 41.95
C LEU A 465 19.76 -20.72 40.53
N LEU A 466 20.87 -21.09 39.88
CA LEU A 466 21.16 -20.64 38.52
C LEU A 466 21.08 -21.75 37.48
N ASP A 467 20.36 -22.82 37.79
CA ASP A 467 20.04 -23.85 36.83
C ASP A 467 19.12 -23.25 35.76
N PRO A 468 19.56 -23.21 34.48
CA PRO A 468 18.71 -22.62 33.42
C PRO A 468 17.33 -23.24 33.18
N SER A 469 17.18 -24.53 33.44
CA SER A 469 15.89 -25.17 33.25
C SER A 469 14.85 -24.63 34.21
N SER A 470 15.28 -24.17 35.38
CA SER A 470 14.38 -23.54 36.35
C SER A 470 13.86 -22.17 35.95
N PHE A 471 14.37 -21.58 34.86
CA PHE A 471 13.95 -20.25 34.42
C PHE A 471 13.10 -20.23 33.14
N THR A 472 12.81 -21.40 32.60
CA THR A 472 12.11 -21.49 31.30
C THR A 472 10.61 -21.56 31.45
N GLY A 473 10.13 -21.51 32.69
CA GLY A 473 8.69 -21.51 32.91
C GLY A 473 8.09 -22.79 32.39
N ARG A 474 6.99 -22.65 31.66
CA ARG A 474 6.19 -23.78 31.20
C ARG A 474 6.42 -24.03 29.71
N ALA A 475 7.51 -23.47 29.16
CA ALA A 475 7.78 -23.53 27.75
C ALA A 475 7.63 -24.92 27.18
N SER A 476 8.31 -25.88 27.78
CA SER A 476 8.26 -27.26 27.28
C SER A 476 6.85 -27.84 27.27
N GLN A 477 6.10 -27.64 28.34
CA GLN A 477 4.77 -28.20 28.43
C GLN A 477 3.87 -27.54 27.40
N GLN A 478 4.04 -26.24 27.20
CA GLN A 478 3.25 -25.46 26.22
C GLN A 478 3.42 -26.01 24.82
N VAL A 479 4.65 -26.35 24.46
CA VAL A 479 4.95 -26.97 23.17
C VAL A 479 4.18 -28.29 23.01
N GLN A 480 4.26 -29.14 24.01
CA GLN A 480 3.63 -30.47 23.97
CA GLN A 480 3.61 -30.47 23.93
C GLN A 480 2.11 -30.34 23.78
N ARG A 481 1.50 -29.46 24.57
CA ARG A 481 0.04 -29.24 24.48
C ARG A 481 -0.36 -28.65 23.14
N PHE A 482 0.35 -27.60 22.71
CA PHE A 482 0.11 -27.00 21.40
C PHE A 482 0.14 -28.00 20.25
N LEU A 483 1.18 -28.85 20.24
CA LEU A 483 1.34 -29.83 19.17
C LEU A 483 0.21 -30.84 19.20
N GLU A 484 -0.14 -31.32 20.39
CA GLU A 484 -1.17 -32.35 20.51
C GLU A 484 -2.55 -31.82 20.20
N GLU A 485 -2.85 -30.63 20.71
CA GLU A 485 -4.18 -30.02 20.58
C GLU A 485 -4.45 -29.28 19.30
N GLU A 486 -3.46 -28.60 18.76
CA GLU A 486 -3.70 -27.68 17.68
C GLU A 486 -2.99 -28.09 16.40
N VAL A 487 -1.72 -28.51 16.47
CA VAL A 487 -0.98 -28.74 15.23
C VAL A 487 -1.25 -30.10 14.62
N TYR A 488 -1.16 -31.16 15.42
CA TYR A 488 -1.34 -32.47 14.83
C TYR A 488 -2.71 -32.70 14.19
N PRO A 489 -3.80 -32.27 14.86
CA PRO A 489 -5.11 -32.40 14.22
C PRO A 489 -5.25 -31.66 12.87
N LEU A 490 -4.68 -30.45 12.80
CA LEU A 490 -4.63 -29.72 11.55
C LEU A 490 -3.86 -30.45 10.44
N LEU A 491 -2.81 -31.18 10.79
CA LEU A 491 -2.03 -31.88 9.77
C LEU A 491 -2.56 -33.25 9.39
N LYS A 492 -3.43 -33.85 10.20
CA LYS A 492 -3.88 -35.24 9.96
C LYS A 492 -4.53 -35.41 8.56
N PRO A 493 -5.31 -34.43 8.08
CA PRO A 493 -5.75 -34.50 6.67
C PRO A 493 -4.64 -34.57 5.62
N TYR A 494 -3.40 -34.18 5.95
CA TYR A 494 -2.28 -34.20 4.97
C TYR A 494 -1.34 -35.37 5.07
N GLU A 495 -1.71 -36.41 5.80
CA GLU A 495 -0.77 -37.49 6.16
C GLU A 495 0.06 -38.00 4.97
N SER A 496 -0.59 -38.21 3.82
CA SER A 496 0.13 -38.48 2.58
C SER A 496 0.47 -37.17 1.88
N GLY B 27 -13.12 21.87 26.06
CA GLY B 27 -12.90 20.63 25.25
C GLY B 27 -13.58 19.36 25.79
N ASP B 28 -14.58 18.88 25.04
CA ASP B 28 -15.03 17.49 25.17
C ASP B 28 -14.34 16.68 24.06
N HIS B 29 -14.10 17.29 22.88
CA HIS B 29 -13.05 16.79 21.98
C HIS B 29 -11.75 17.61 22.10
N GLY B 30 -11.73 18.59 23.00
CA GLY B 30 -10.51 19.35 23.31
C GLY B 30 -10.53 20.76 22.75
N SER B 31 -9.46 21.51 23.04
CA SER B 31 -9.30 22.86 22.57
C SER B 31 -9.14 22.90 21.05
N PRO B 32 -9.70 23.93 20.39
CA PRO B 32 -9.43 24.04 18.97
C PRO B 32 -8.00 24.56 18.74
N ASP B 33 -7.24 24.86 19.80
CA ASP B 33 -5.89 25.39 19.60
C ASP B 33 -4.84 24.31 19.39
N SER B 34 -5.26 23.06 19.44
CA SER B 34 -4.34 22.03 19.04
C SER B 34 -4.99 21.05 18.09
N TYR B 35 -4.18 20.29 17.41
CA TYR B 35 -4.69 19.23 16.54
C TYR B 35 -5.65 18.31 17.28
N ARG B 36 -6.79 18.02 16.65
CA ARG B 36 -7.79 17.04 17.11
C ARG B 36 -8.14 16.14 15.94
N SER B 37 -8.08 14.82 16.14
CA SER B 37 -8.35 13.92 15.03
C SER B 37 -9.78 14.11 14.56
N PRO B 38 -9.96 14.29 13.25
CA PRO B 38 -11.31 14.43 12.72
C PRO B 38 -12.18 13.20 12.89
N LEU B 39 -11.55 12.02 13.03
CA LEU B 39 -12.31 10.81 13.24
C LEU B 39 -13.04 10.89 14.56
N ALA B 40 -12.43 11.57 15.55
CA ALA B 40 -13.10 11.84 16.82
C ALA B 40 -14.01 13.05 16.74
N SER B 41 -13.51 14.14 16.16
CA SER B 41 -14.19 15.43 16.29
C SER B 41 -15.26 15.67 15.26
N ARG B 42 -15.25 14.91 14.17
CA ARG B 42 -16.15 15.15 13.02
C ARG B 42 -16.95 13.90 12.62
N TYR B 43 -16.36 12.71 12.71
CA TYR B 43 -16.89 11.55 11.96
C TYR B 43 -17.60 10.43 12.73
N ALA B 44 -16.90 9.72 13.58
CA ALA B 44 -17.40 8.46 14.16
C ALA B 44 -18.49 8.70 15.21
N SER B 45 -19.29 7.67 15.44
CA SER B 45 -20.35 7.70 16.43
C SER B 45 -19.76 7.76 17.84
N PRO B 46 -20.48 8.39 18.79
CA PRO B 46 -19.98 8.42 20.16
C PRO B 46 -19.75 7.02 20.75
N GLU B 47 -20.55 6.03 20.32
CA GLU B 47 -20.36 4.69 20.78
C GLU B 47 -18.98 4.15 20.39
N MET B 48 -18.56 4.36 19.15
CA MET B 48 -17.26 3.80 18.73
C MET B 48 -16.12 4.66 19.32
N CYS B 49 -16.36 5.97 19.43
CA CYS B 49 -15.39 6.85 20.06
C CYS B 49 -15.08 6.38 21.49
N PHE B 50 -16.12 5.92 22.19
CA PHE B 50 -15.98 5.47 23.57
C PHE B 50 -15.19 4.16 23.65
N VAL B 51 -15.44 3.23 22.73
CA VAL B 51 -14.70 1.96 22.72
C VAL B 51 -13.19 2.24 22.68
N PHE B 52 -12.78 3.30 21.97
CA PHE B 52 -11.37 3.62 21.83
C PHE B 52 -10.90 4.76 22.71
N SER B 53 -11.64 4.98 23.81
CA SER B 53 -11.33 6.05 24.75
C SER B 53 -10.47 5.57 25.93
N ASP B 54 -9.72 6.50 26.51
CA ASP B 54 -8.97 6.18 27.70
C ASP B 54 -9.82 5.71 28.88
N ARG B 55 -11.04 6.21 29.02
CA ARG B 55 -11.90 5.71 30.11
C ARG B 55 -12.22 4.24 29.93
N TYR B 56 -12.64 3.86 28.72
CA TYR B 56 -12.91 2.48 28.41
C TYR B 56 -11.68 1.59 28.62
N LYS B 57 -10.52 2.06 28.17
CA LYS B 57 -9.26 1.31 28.28
C LYS B 57 -8.90 1.04 29.74
N PHE B 58 -8.88 2.10 30.52
CA PHE B 58 -8.49 1.98 31.92
C PHE B 58 -9.52 1.33 32.86
N ARG B 59 -10.81 1.44 32.54
CA ARG B 59 -11.83 0.66 33.24
C ARG B 59 -11.59 -0.82 32.95
N THR B 60 -11.22 -1.12 31.70
CA THR B 60 -10.99 -2.51 31.30
C THR B 60 -9.74 -3.08 32.00
N TRP B 61 -8.69 -2.28 32.15
CA TRP B 61 -7.51 -2.70 32.95
C TRP B 61 -7.91 -3.08 34.38
N ARG B 62 -8.75 -2.26 35.00
CA ARG B 62 -9.23 -2.60 36.34
C ARG B 62 -10.10 -3.85 36.35
N GLN B 63 -10.96 -3.96 35.35
CA GLN B 63 -11.80 -5.15 35.19
C GLN B 63 -10.94 -6.42 35.14
N LEU B 64 -9.88 -6.35 34.37
CA LEU B 64 -8.97 -7.49 34.24
C LEU B 64 -8.22 -7.79 35.54
N TRP B 65 -7.83 -6.76 36.29
CA TRP B 65 -7.20 -6.98 37.58
C TRP B 65 -8.18 -7.57 38.58
N LEU B 66 -9.44 -7.16 38.48
CA LEU B 66 -10.49 -7.74 39.31
C LEU B 66 -10.63 -9.23 39.04
N TRP B 67 -10.66 -9.59 37.75
CA TRP B 67 -10.84 -10.97 37.35
C TRP B 67 -9.63 -11.81 37.76
N LEU B 68 -8.43 -11.24 37.65
CA LEU B 68 -7.20 -11.95 38.03
C LEU B 68 -7.27 -12.24 39.53
N ALA B 69 -7.65 -11.24 40.32
CA ALA B 69 -7.87 -11.39 41.77
C ALA B 69 -8.84 -12.52 42.12
N GLU B 70 -10.02 -12.47 41.49
CA GLU B 70 -11.06 -13.45 41.72
C GLU B 70 -10.55 -14.86 41.51
N ALA B 71 -9.97 -15.08 40.33
CA ALA B 71 -9.43 -16.37 39.95
C ALA B 71 -8.25 -16.78 40.85
N GLU B 72 -7.37 -15.84 41.18
CA GLU B 72 -6.24 -16.15 42.07
C GLU B 72 -6.72 -16.64 43.44
N GLN B 73 -7.82 -16.05 43.92
CA GLN B 73 -8.47 -16.52 45.17
C GLN B 73 -9.01 -17.92 45.04
N THR B 74 -9.84 -18.15 44.03
CA THR B 74 -10.36 -19.49 43.78
C THR B 74 -9.25 -20.56 43.81
N LEU B 75 -8.10 -20.24 43.22
CA LEU B 75 -6.97 -21.17 43.14
C LEU B 75 -6.09 -21.12 44.40
N GLY B 76 -6.52 -20.43 45.44
CA GLY B 76 -5.93 -20.59 46.77
C GLY B 76 -4.89 -19.54 47.14
N LEU B 77 -4.77 -18.47 46.36
CA LEU B 77 -3.83 -17.40 46.73
C LEU B 77 -4.44 -16.56 47.86
N PRO B 78 -3.60 -15.81 48.61
CA PRO B 78 -4.10 -15.11 49.81
C PRO B 78 -4.78 -13.79 49.45
N ILE B 79 -6.05 -13.90 49.04
CA ILE B 79 -6.86 -12.77 48.58
C ILE B 79 -8.23 -12.76 49.27
N THR B 80 -8.47 -11.74 50.09
CA THR B 80 -9.70 -11.70 50.88
C THR B 80 -10.92 -11.30 50.04
N ASP B 81 -12.09 -11.76 50.45
CA ASP B 81 -13.38 -11.34 49.89
C ASP B 81 -13.55 -9.82 49.93
N GLU B 82 -12.98 -9.21 50.95
CA GLU B 82 -13.05 -7.77 51.16
C GLU B 82 -12.23 -7.02 50.12
N GLN B 83 -11.03 -7.50 49.83
CA GLN B 83 -10.17 -6.92 48.79
C GLN B 83 -10.86 -6.93 47.43
N ILE B 84 -11.54 -8.03 47.14
CA ILE B 84 -12.24 -8.24 45.87
C ILE B 84 -13.47 -7.33 45.72
N ARG B 85 -14.11 -7.01 46.85
CA ARG B 85 -15.27 -6.12 46.86
C ARG B 85 -14.84 -4.66 46.65
N GLU B 86 -13.77 -4.23 47.34
CA GLU B 86 -13.30 -2.83 47.20
C GLU B 86 -12.81 -2.52 45.78
N MET B 87 -12.18 -3.51 45.16
CA MET B 87 -11.80 -3.45 43.73
C MET B 87 -13.02 -3.38 42.83
N LYS B 88 -13.96 -4.29 42.99
CA LYS B 88 -15.21 -4.26 42.24
C LYS B 88 -15.95 -2.92 42.39
N SER B 89 -15.87 -2.35 43.59
CA SER B 89 -16.52 -1.06 43.88
C SER B 89 -15.83 0.15 43.27
N ASN B 90 -14.57 0.00 42.82
CA ASN B 90 -13.82 1.14 42.28
C ASN B 90 -13.36 0.97 40.82
N LEU B 91 -14.03 0.13 40.05
CA LEU B 91 -13.67 -0.04 38.63
C LEU B 91 -13.78 1.26 37.85
N GLU B 92 -14.77 2.08 38.20
CA GLU B 92 -15.05 3.30 37.43
C GLU B 92 -14.49 4.56 38.06
N ASN B 93 -14.12 4.53 39.34
CA ASN B 93 -13.61 5.72 40.02
C ASN B 93 -12.14 5.91 39.68
N ILE B 94 -11.89 6.36 38.45
CA ILE B 94 -10.53 6.48 37.92
C ILE B 94 -10.03 7.92 38.04
N ASP B 95 -8.92 8.12 38.76
CA ASP B 95 -8.34 9.44 38.92
C ASP B 95 -7.36 9.70 37.79
N PHE B 96 -7.83 10.33 36.70
CA PHE B 96 -6.97 10.54 35.52
C PHE B 96 -5.83 11.55 35.73
N LYS B 97 -6.06 12.55 36.59
CA LYS B 97 -5.01 13.52 36.90
C LYS B 97 -3.85 12.79 37.60
N MET B 98 -4.19 11.97 38.60
CA MET B 98 -3.20 11.16 39.30
C MET B 98 -2.41 10.24 38.39
N ALA B 99 -3.12 9.47 37.56
CA ALA B 99 -2.49 8.49 36.67
C ALA B 99 -1.54 9.19 35.70
N ALA B 100 -1.96 10.32 35.16
CA ALA B 100 -1.13 11.10 34.26
C ALA B 100 0.16 11.56 34.95
N GLU B 101 0.03 12.01 36.19
CA GLU B 101 1.18 12.45 36.97
C GLU B 101 2.15 11.29 37.24
N GLU B 102 1.61 10.15 37.67
CA GLU B 102 2.42 8.95 37.89
C GLU B 102 3.10 8.44 36.63
N GLU B 103 2.36 8.42 35.52
CA GLU B 103 2.93 8.03 34.23
C GLU B 103 4.07 8.99 33.84
N LYS B 104 3.88 10.28 34.08
CA LYS B 104 4.90 11.27 33.74
C LYS B 104 6.19 11.01 34.53
N ARG B 105 6.00 10.67 35.79
CA ARG B 105 7.11 10.41 36.69
C ARG B 105 7.82 9.11 36.38
N LEU B 106 7.04 8.02 36.26
CA LEU B 106 7.59 6.67 36.05
C LEU B 106 7.84 6.35 34.58
N ARG B 107 7.28 7.14 33.67
CA ARG B 107 7.31 6.83 32.25
C ARG B 107 6.85 5.38 31.95
N HIS B 108 5.98 4.85 32.80
CA HIS B 108 5.40 3.53 32.61
C HIS B 108 3.90 3.50 32.96
N ASP B 109 3.07 3.44 31.92
CA ASP B 109 1.60 3.55 32.06
C ASP B 109 0.90 2.53 32.98
N VAL B 110 1.35 1.27 33.02
CA VAL B 110 0.64 0.21 33.76
C VAL B 110 0.91 0.34 35.25
N MET B 111 2.16 0.62 35.60
CA MET B 111 2.50 0.75 37.02
C MET B 111 1.86 1.99 37.66
N ALA B 112 1.86 3.07 36.88
CA ALA B 112 1.08 4.29 37.16
C ALA B 112 -0.37 3.96 37.53
N HIS B 113 -0.96 3.02 36.80
CA HIS B 113 -2.34 2.63 37.04
C HIS B 113 -2.49 1.61 38.14
N VAL B 114 -1.47 0.79 38.35
CA VAL B 114 -1.46 -0.09 39.49
C VAL B 114 -1.44 0.76 40.74
N HIS B 115 -0.59 1.79 40.73
CA HIS B 115 -0.47 2.69 41.87
C HIS B 115 -1.81 3.35 42.17
N THR B 116 -2.40 3.92 41.13
CA THR B 116 -3.60 4.73 41.24
C THR B 116 -4.77 3.89 41.69
N PHE B 117 -4.83 2.65 41.22
CA PHE B 117 -5.89 1.74 41.61
C PHE B 117 -5.68 1.31 43.07
N GLY B 118 -4.43 1.07 43.44
CA GLY B 118 -4.08 0.79 44.83
C GLY B 118 -4.49 1.93 45.75
N HIS B 119 -4.21 3.17 45.33
CA HIS B 119 -4.56 4.37 46.11
C HIS B 119 -6.02 4.35 46.56
N CYS B 120 -6.97 4.24 45.64
CA CYS B 120 -8.35 4.15 46.03
C CYS B 120 -8.71 2.77 46.59
N CYS B 121 -7.80 1.78 46.45
CA CYS B 121 -8.06 0.43 46.92
C CYS B 121 -6.98 -0.05 47.91
N ALA B 124 -6.75 -3.82 49.10
CA ALA B 124 -6.48 -4.56 47.86
C ALA B 124 -5.13 -4.23 47.22
N ALA B 125 -4.54 -3.09 47.60
CA ALA B 125 -3.36 -2.54 46.92
C ALA B 125 -2.21 -3.54 46.69
N GLY B 126 -1.84 -4.26 47.73
CA GLY B 126 -0.69 -5.14 47.70
C GLY B 126 -0.81 -6.33 46.75
N ILE B 127 -2.05 -6.72 46.45
CA ILE B 127 -2.30 -7.87 45.56
C ILE B 127 -2.86 -7.53 44.17
N ILE B 128 -2.92 -6.25 43.80
CA ILE B 128 -3.31 -5.87 42.44
C ILE B 128 -2.18 -6.26 41.50
N HIS B 129 -2.50 -6.84 40.35
CA HIS B 129 -1.50 -7.25 39.35
C HIS B 129 -0.59 -8.39 39.82
N LEU B 130 -1.02 -9.13 40.85
CA LEU B 130 -0.17 -10.16 41.44
C LEU B 130 0.18 -11.22 40.41
N GLY B 131 1.47 -11.26 40.10
CA GLY B 131 2.03 -12.32 39.28
C GLY B 131 2.06 -11.97 37.81
N ALA B 132 1.38 -10.90 37.42
CA ALA B 132 1.17 -10.55 36.01
C ALA B 132 2.27 -9.67 35.50
N THR B 133 2.34 -9.57 34.18
CA THR B 133 3.19 -8.64 33.48
C THR B 133 2.27 -7.60 32.79
N SER B 134 2.87 -6.55 32.23
CA SER B 134 2.09 -5.40 31.77
C SER B 134 1.07 -5.76 30.69
N CYS B 135 1.44 -6.66 29.79
CA CYS B 135 0.57 -7.03 28.70
C CYS B 135 -0.67 -7.79 29.18
N TYR B 136 -0.68 -8.23 30.43
CA TYR B 136 -1.88 -8.87 30.96
C TYR B 136 -3.04 -7.88 30.85
N VAL B 137 -2.80 -6.62 31.21
CA VAL B 137 -3.81 -5.58 30.99
C VAL B 137 -3.80 -4.98 29.59
N GLY B 138 -2.64 -4.58 29.11
CA GLY B 138 -2.55 -3.88 27.84
C GLY B 138 -3.08 -4.67 26.66
N ASP B 139 -2.59 -5.87 26.52
CA ASP B 139 -2.86 -6.69 25.35
C ASP B 139 -4.25 -7.32 25.40
N ASN B 140 -4.62 -7.85 26.56
CA ASN B 140 -5.98 -8.38 26.69
C ASN B 140 -7.07 -7.33 26.52
N THR B 141 -6.79 -6.10 26.94
CA THR B 141 -7.72 -5.00 26.71
C THR B 141 -7.88 -4.69 25.23
N ASP B 142 -6.76 -4.75 24.53
CA ASP B 142 -6.80 -4.52 23.12
C ASP B 142 -7.73 -5.53 22.45
N LEU B 143 -7.65 -6.77 22.86
CA LEU B 143 -8.50 -7.82 22.30
C LEU B 143 -10.00 -7.63 22.64
N ILE B 144 -10.31 -7.29 23.89
CA ILE B 144 -11.67 -6.95 24.27
C ILE B 144 -12.22 -5.79 23.39
N ILE B 145 -11.43 -4.75 23.24
CA ILE B 145 -11.76 -3.58 22.40
C ILE B 145 -12.00 -3.96 20.97
N LEU B 146 -11.08 -4.73 20.39
CA LEU B 146 -11.30 -5.15 18.98
C LEU B 146 -12.60 -5.91 18.83
N ARG B 147 -12.88 -6.80 19.78
CA ARG B 147 -14.09 -7.61 19.68
C ARG B 147 -15.32 -6.73 19.90
N ASN B 148 -15.22 -5.81 20.84
CA ASN B 148 -16.37 -4.92 21.04
C ASN B 148 -16.60 -3.96 19.89
N ALA B 149 -15.51 -3.57 19.23
CA ALA B 149 -15.57 -2.72 18.05
C ALA B 149 -16.24 -3.50 16.91
N LEU B 150 -15.84 -4.75 16.71
CA LEU B 150 -16.54 -5.59 15.72
C LEU B 150 -18.03 -5.75 16.03
N ASP B 151 -18.35 -5.95 17.30
CA ASP B 151 -19.73 -6.10 17.73
C ASP B 151 -20.59 -4.85 17.47
N LEU B 152 -19.97 -3.67 17.46
CA LEU B 152 -20.66 -2.43 17.06
C LEU B 152 -20.90 -2.31 15.54
N LEU B 153 -19.93 -2.75 14.75
CA LEU B 153 -20.05 -2.68 13.29
C LEU B 153 -21.07 -3.65 12.77
N LEU B 154 -21.13 -4.85 13.35
CA LEU B 154 -21.93 -5.92 12.77
C LEU B 154 -23.41 -5.59 12.55
N PRO B 155 -24.14 -5.12 13.58
CA PRO B 155 -25.55 -4.73 13.37
C PRO B 155 -25.76 -3.55 12.43
N LYS B 156 -24.79 -2.62 12.38
CA LYS B 156 -24.84 -1.50 11.47
C LYS B 156 -24.75 -2.01 10.02
N LEU B 157 -23.81 -2.91 9.74
CA LEU B 157 -23.68 -3.51 8.42
C LEU B 157 -24.94 -4.31 8.06
N ALA B 158 -25.46 -5.06 9.02
CA ALA B 158 -26.70 -5.83 8.79
C ALA B 158 -27.88 -4.88 8.47
N ARG B 159 -27.95 -3.74 9.15
CA ARG B 159 -29.00 -2.76 8.87
C ARG B 159 -28.89 -2.17 7.47
N VAL B 160 -27.68 -1.79 7.07
CA VAL B 160 -27.45 -1.33 5.71
C VAL B 160 -27.86 -2.39 4.67
N ILE B 161 -27.43 -3.64 4.90
CA ILE B 161 -27.81 -4.76 4.00
C ILE B 161 -29.35 -4.89 3.96
N SER B 162 -29.99 -4.87 5.13
CA SER B 162 -31.41 -5.01 5.16
C SER B 162 -32.13 -3.88 4.41
N ARG B 163 -31.63 -2.66 4.56
CA ARG B 163 -32.24 -1.51 3.88
C ARG B 163 -32.07 -1.56 2.38
N LEU B 164 -30.88 -1.96 1.93
CA LEU B 164 -30.66 -2.16 0.52
C LEU B 164 -31.47 -3.32 -0.07
N ALA B 165 -31.66 -4.39 0.71
CA ALA B 165 -32.48 -5.50 0.28
C ALA B 165 -33.95 -5.12 0.05
N ASP B 166 -34.48 -4.24 0.89
CA ASP B 166 -35.84 -3.69 0.73
C ASP B 166 -35.88 -2.95 -0.63
N PHE B 167 -34.84 -2.16 -0.89
CA PHE B 167 -34.76 -1.37 -2.12
C PHE B 167 -34.69 -2.29 -3.33
N ALA B 168 -33.88 -3.35 -3.21
CA ALA B 168 -33.69 -4.31 -4.32
C ALA B 168 -35.02 -4.99 -4.64
N LYS B 169 -35.75 -5.36 -3.59
CA LYS B 169 -37.05 -6.02 -3.74
C LYS B 169 -38.06 -5.10 -4.43
N GLU B 170 -38.11 -3.86 -3.95
CA GLU B 170 -38.99 -2.86 -4.51
C GLU B 170 -38.74 -2.61 -5.98
N ARG B 171 -37.46 -2.59 -6.36
CA ARG B 171 -37.04 -2.22 -7.70
C ARG B 171 -36.58 -3.42 -8.59
N ALA B 172 -36.94 -4.63 -8.16
CA ALA B 172 -36.46 -5.85 -8.79
C ALA B 172 -36.77 -5.94 -10.30
N SER B 173 -37.90 -5.41 -10.73
CA SER B 173 -38.35 -5.51 -12.11
C SER B 173 -38.22 -4.20 -12.88
N LEU B 174 -37.62 -3.17 -12.29
CA LEU B 174 -37.49 -1.87 -12.99
C LEU B 174 -36.32 -1.88 -13.99
N PRO B 175 -36.61 -1.94 -15.30
CA PRO B 175 -35.50 -2.02 -16.25
C PRO B 175 -34.64 -0.77 -16.16
N THR B 176 -33.36 -0.94 -16.46
CA THR B 176 -32.41 0.16 -16.49
C THR B 176 -31.24 -0.26 -17.41
N LEU B 177 -30.61 0.74 -18.05
CA LEU B 177 -29.53 0.46 -18.97
C LEU B 177 -28.39 -0.25 -18.27
N GLY B 178 -27.98 -1.40 -18.81
CA GLY B 178 -26.80 -2.08 -18.29
C GLY B 178 -25.55 -1.32 -18.72
N PHE B 179 -24.47 -1.45 -17.96
CA PHE B 179 -23.22 -0.79 -18.30
C PHE B 179 -21.99 -1.71 -18.15
N THR B 180 -21.28 -1.90 -19.26
CA THR B 180 -19.96 -2.52 -19.24
C THR B 180 -19.03 -1.57 -19.94
N HIS B 181 -17.84 -1.35 -19.36
CA HIS B 181 -16.93 -0.30 -19.81
C HIS B 181 -17.58 1.10 -19.68
N PHE B 182 -18.60 1.19 -18.84
CA PHE B 182 -19.51 2.34 -18.76
C PHE B 182 -20.00 2.72 -20.14
N GLN B 183 -20.38 1.71 -20.90
CA GLN B 183 -21.03 1.92 -22.18
C GLN B 183 -22.32 1.10 -22.21
N PRO B 184 -23.29 1.52 -23.03
CA PRO B 184 -24.59 0.83 -23.04
C PRO B 184 -24.55 -0.66 -23.32
N ALA B 185 -25.22 -1.44 -22.47
CA ALA B 185 -25.18 -2.88 -22.51
C ALA B 185 -26.55 -3.45 -22.12
N GLN B 186 -26.66 -4.78 -22.25
CA GLN B 186 -27.92 -5.50 -22.07
C GLN B 186 -28.59 -5.09 -20.79
N LEU B 187 -29.87 -4.72 -20.87
CA LEU B 187 -30.58 -4.13 -19.73
C LEU B 187 -30.47 -5.01 -18.48
N THR B 188 -30.38 -4.35 -17.36
CA THR B 188 -30.46 -4.98 -16.07
C THR B 188 -31.72 -4.38 -15.42
N THR B 189 -31.91 -4.55 -14.11
CA THR B 189 -32.94 -3.84 -13.38
C THR B 189 -32.29 -3.08 -12.27
N VAL B 190 -32.96 -2.03 -11.80
CA VAL B 190 -32.41 -1.24 -10.69
C VAL B 190 -32.15 -2.14 -9.46
N GLY B 191 -33.11 -3.00 -9.16
CA GLY B 191 -32.95 -3.94 -8.04
C GLY B 191 -31.87 -4.99 -8.24
N LYS B 192 -31.75 -5.58 -9.43
CA LYS B 192 -30.63 -6.49 -9.70
C LYS B 192 -29.25 -5.84 -9.50
N ARG B 193 -29.05 -4.63 -10.01
CA ARG B 193 -27.79 -3.94 -9.78
C ARG B 193 -27.52 -3.74 -8.30
N CYS B 194 -28.56 -3.38 -7.56
CA CYS B 194 -28.42 -3.22 -6.11
C CYS B 194 -27.96 -4.51 -5.43
N CYS B 195 -28.36 -5.65 -5.98
CA CYS B 195 -27.84 -6.94 -5.50
C CYS B 195 -26.33 -7.13 -5.64
N LEU B 196 -25.69 -6.55 -6.66
CA LEU B 196 -24.24 -6.62 -6.73
C LEU B 196 -23.63 -5.99 -5.49
N TRP B 197 -24.24 -4.87 -5.09
CA TRP B 197 -23.84 -4.08 -3.94
C TRP B 197 -24.04 -4.87 -2.67
N ILE B 198 -25.25 -5.42 -2.53
CA ILE B 198 -25.62 -6.21 -1.35
C ILE B 198 -24.74 -7.44 -1.19
N GLN B 199 -24.46 -8.13 -2.28
CA GLN B 199 -23.66 -9.35 -2.19
C GLN B 199 -22.26 -9.12 -1.59
N ASP B 200 -21.61 -8.05 -2.02
CA ASP B 200 -20.28 -7.70 -1.50
C ASP B 200 -20.41 -7.41 -0.02
N LEU B 201 -21.42 -6.62 0.36
CA LEU B 201 -21.59 -6.31 1.79
C LEU B 201 -21.92 -7.55 2.64
N CYS B 202 -22.62 -8.52 2.02
CA CYS B 202 -22.90 -9.78 2.74
C CYS B 202 -21.61 -10.58 2.97
N MET B 203 -20.70 -10.58 1.99
CA MET B 203 -19.38 -11.17 2.18
C MET B 203 -18.61 -10.47 3.30
N ASP B 204 -18.75 -9.16 3.40
CA ASP B 204 -18.15 -8.40 4.52
C ASP B 204 -18.73 -8.80 5.88
N LEU B 205 -20.04 -8.97 5.93
CA LEU B 205 -20.73 -9.33 7.17
C LEU B 205 -20.25 -10.69 7.64
N GLN B 206 -20.11 -11.63 6.71
CA GLN B 206 -19.58 -12.95 7.07
C GLN B 206 -18.13 -12.89 7.55
N ASN B 207 -17.32 -12.05 6.89
CA ASN B 207 -15.92 -11.89 7.26
C ASN B 207 -15.79 -11.29 8.64
N LEU B 208 -16.52 -10.22 8.90
CA LEU B 208 -16.43 -9.58 10.22
C LEU B 208 -16.88 -10.53 11.32
N LYS B 209 -17.93 -11.30 11.07
CA LYS B 209 -18.46 -12.19 12.09
C LYS B 209 -17.47 -13.30 12.35
N ARG B 210 -16.89 -13.84 11.28
CA ARG B 210 -15.84 -14.87 11.42
C ARG B 210 -14.67 -14.37 12.27
N VAL B 211 -14.15 -13.21 11.91
CA VAL B 211 -12.99 -12.67 12.65
C VAL B 211 -13.35 -12.41 14.12
N ARG B 212 -14.54 -11.90 14.37
CA ARG B 212 -14.98 -11.64 15.75
C ARG B 212 -15.04 -12.94 16.56
N ASP B 213 -15.64 -13.96 15.95
CA ASP B 213 -15.85 -15.25 16.60
C ASP B 213 -14.56 -16.02 16.84
N ASP B 214 -13.57 -15.81 15.99
CA ASP B 214 -12.36 -16.59 16.07
C ASP B 214 -11.27 -15.91 16.87
N LEU B 215 -11.53 -14.70 17.36
CA LEU B 215 -10.58 -13.94 18.16
C LEU B 215 -10.34 -14.69 19.47
N ARG B 216 -9.07 -14.96 19.78
CA ARG B 216 -8.67 -15.63 21.02
C ARG B 216 -8.06 -14.69 22.02
N PHE B 217 -8.17 -15.10 23.30
CA PHE B 217 -7.68 -14.30 24.42
C PHE B 217 -6.20 -14.57 24.65
N ARG B 218 -5.42 -13.53 24.97
CA ARG B 218 -4.04 -13.77 25.37
C ARG B 218 -4.01 -14.49 26.71
N GLY B 219 -4.85 -14.05 27.64
CA GLY B 219 -4.84 -14.63 28.97
C GLY B 219 -3.62 -14.23 29.77
N VAL B 220 -3.17 -15.16 30.62
CA VAL B 220 -2.02 -14.99 31.48
C VAL B 220 -0.86 -15.76 30.86
N LYS B 221 0.21 -15.03 30.54
CA LYS B 221 1.33 -15.59 29.76
C LYS B 221 2.71 -15.14 30.22
N GLY B 222 2.82 -14.08 31.01
CA GLY B 222 4.11 -13.66 31.51
C GLY B 222 4.87 -12.81 30.50
N THR B 223 6.10 -12.47 30.89
CA THR B 223 6.93 -11.53 30.17
C THR B 223 7.22 -12.01 28.78
N THR B 224 7.59 -13.29 28.64
CA THR B 224 7.97 -13.82 27.34
C THR B 224 7.09 -14.96 26.84
N GLY B 225 5.95 -15.18 27.49
CA GLY B 225 4.97 -16.14 27.02
C GLY B 225 5.04 -17.47 27.71
N THR B 226 5.96 -17.61 28.66
CA THR B 226 6.27 -18.89 29.32
C THR B 226 5.58 -19.08 30.70
N GLN B 227 4.85 -18.07 31.18
CA GLN B 227 4.11 -18.16 32.47
C GLN B 227 4.98 -18.43 33.71
N ALA B 228 6.24 -18.00 33.63
CA ALA B 228 7.22 -18.25 34.66
C ALA B 228 6.81 -17.68 36.03
N SER B 229 6.37 -16.42 36.07
CA SER B 229 6.02 -15.79 37.35
C SER B 229 4.80 -16.47 37.96
N PHE B 230 3.81 -16.79 37.13
CA PHE B 230 2.65 -17.52 37.63
C PHE B 230 2.98 -18.93 38.16
N LEU B 231 3.93 -19.58 37.52
CA LEU B 231 4.36 -20.90 37.94
C LEU B 231 5.05 -20.85 39.30
N GLN B 232 5.86 -19.82 39.50
CA GLN B 232 6.47 -19.55 40.79
C GLN B 232 5.42 -19.23 41.85
N LEU B 233 4.42 -18.46 41.44
CA LEU B 233 3.34 -18.05 42.32
C LEU B 233 2.59 -19.28 42.81
N PHE B 234 2.34 -20.22 41.90
CA PHE B 234 1.66 -21.46 42.25
C PHE B 234 2.59 -22.60 42.67
N GLU B 235 3.81 -22.26 43.07
CA GLU B 235 4.78 -23.20 43.66
C GLU B 235 4.99 -24.45 42.81
N GLY B 236 5.18 -24.22 41.51
CA GLY B 236 5.41 -25.27 40.54
C GLY B 236 4.18 -25.99 40.01
N ASP B 237 2.97 -25.60 40.43
CA ASP B 237 1.74 -26.30 40.01
C ASP B 237 1.27 -25.83 38.62
N ASP B 238 1.64 -26.59 37.59
CA ASP B 238 1.30 -26.23 36.21
C ASP B 238 -0.20 -26.20 35.99
N HIS B 239 -0.92 -27.08 36.67
CA HIS B 239 -2.36 -27.17 36.49
C HIS B 239 -3.10 -25.93 37.02
N LYS B 240 -2.64 -25.37 38.14
CA LYS B 240 -3.18 -24.09 38.61
C LYS B 240 -2.90 -22.96 37.63
N VAL B 241 -1.72 -22.96 37.00
CA VAL B 241 -1.47 -21.96 35.96
C VAL B 241 -2.45 -22.13 34.79
N GLU B 242 -2.68 -23.37 34.34
CA GLU B 242 -3.58 -23.62 33.22
C GLU B 242 -5.02 -23.27 33.59
N GLN B 243 -5.39 -23.52 34.84
CA GLN B 243 -6.71 -23.15 35.32
C GLN B 243 -6.92 -21.65 35.36
N LEU B 244 -5.94 -20.90 35.85
CA LEU B 244 -6.00 -19.43 35.85
C LEU B 244 -6.22 -18.86 34.45
N ASP B 245 -5.46 -19.37 33.49
CA ASP B 245 -5.56 -18.91 32.09
C ASP B 245 -6.99 -19.13 31.58
N LYS B 246 -7.52 -20.33 31.81
CA LYS B 246 -8.92 -20.64 31.45
C LYS B 246 -9.95 -19.78 32.19
N MET B 247 -9.71 -19.53 33.47
CA MET B 247 -10.63 -18.75 34.30
C MET B 247 -10.73 -17.30 33.86
N VAL B 248 -9.60 -16.64 33.61
CA VAL B 248 -9.66 -15.23 33.19
C VAL B 248 -10.26 -15.14 31.75
N THR B 249 -9.99 -16.14 30.92
CA THR B 249 -10.53 -16.19 29.57
C THR B 249 -12.05 -16.24 29.59
N GLU B 250 -12.57 -17.13 30.44
CA GLU B 250 -14.02 -17.25 30.62
C GLU B 250 -14.64 -16.00 31.24
N LYS B 251 -13.98 -15.38 32.21
CA LYS B 251 -14.54 -14.15 32.81
C LYS B 251 -14.63 -13.04 31.78
N ALA B 252 -13.66 -12.99 30.87
CA ALA B 252 -13.63 -12.00 29.79
C ALA B 252 -14.58 -12.32 28.65
N GLY B 253 -15.29 -13.44 28.72
CA GLY B 253 -16.25 -13.81 27.69
C GLY B 253 -15.70 -14.34 26.38
N PHE B 254 -14.47 -14.84 26.41
CA PHE B 254 -13.87 -15.50 25.27
C PHE B 254 -14.00 -17.00 25.40
N LYS B 255 -14.23 -17.70 24.30
CA LYS B 255 -14.35 -19.17 24.35
C LYS B 255 -12.98 -19.84 24.35
N ARG B 256 -11.99 -19.14 23.82
CA ARG B 256 -10.67 -19.74 23.60
C ARG B 256 -9.51 -18.77 23.91
N ALA B 257 -8.46 -19.30 24.55
CA ALA B 257 -7.20 -18.56 24.79
C ALA B 257 -6.12 -19.17 23.93
N PHE B 258 -5.14 -18.37 23.53
CA PHE B 258 -3.95 -18.90 22.93
C PHE B 258 -3.28 -19.86 23.88
N ILE B 259 -2.75 -20.94 23.33
CA ILE B 259 -1.79 -21.76 24.07
C ILE B 259 -0.39 -21.11 23.96
N ILE B 260 -0.07 -20.69 22.73
CA ILE B 260 1.25 -20.19 22.34
C ILE B 260 1.20 -18.67 22.13
N THR B 261 2.01 -17.97 22.91
CA THR B 261 2.28 -16.56 22.68
C THR B 261 3.72 -16.27 22.99
N GLY B 262 4.24 -15.15 22.49
CA GLY B 262 5.43 -14.56 23.09
C GLY B 262 4.93 -13.65 24.21
N GLN B 263 5.40 -12.41 24.26
CA GLN B 263 4.88 -11.44 25.24
C GLN B 263 3.43 -11.08 24.97
N THR B 264 3.04 -11.04 23.71
CA THR B 264 1.74 -10.53 23.28
C THR B 264 1.10 -11.51 22.33
N TYR B 265 -0.17 -11.30 22.04
CA TYR B 265 -0.83 -12.09 21.02
C TYR B 265 -0.12 -11.81 19.69
N THR B 266 -0.08 -12.80 18.83
CA THR B 266 0.55 -12.59 17.51
C THR B 266 -0.06 -11.43 16.75
N ARG B 267 0.80 -10.55 16.21
CA ARG B 267 0.28 -9.37 15.52
C ARG B 267 -0.29 -9.74 14.17
N LYS B 268 -0.12 -11.00 13.78
CA LYS B 268 -0.91 -11.55 12.67
C LYS B 268 -2.43 -11.32 12.87
N VAL B 269 -2.86 -11.28 14.13
CA VAL B 269 -4.28 -11.02 14.45
C VAL B 269 -4.71 -9.65 13.91
N ASP B 270 -3.87 -8.65 14.13
CA ASP B 270 -4.17 -7.30 13.64
C ASP B 270 -4.30 -7.24 12.11
N ILE B 271 -3.47 -8.01 11.38
CA ILE B 271 -3.62 -8.16 9.92
C ILE B 271 -4.98 -8.75 9.61
N GLU B 272 -5.36 -9.80 10.30
CA GLU B 272 -6.67 -10.43 10.01
C GLU B 272 -7.85 -9.44 10.14
N VAL B 273 -7.85 -8.66 11.21
CA VAL B 273 -8.92 -7.73 11.49
C VAL B 273 -8.86 -6.59 10.48
N LEU B 274 -7.71 -5.96 10.30
CA LEU B 274 -7.68 -4.82 9.36
C LEU B 274 -7.83 -5.20 7.90
N SER B 275 -7.48 -6.44 7.55
CA SER B 275 -7.68 -6.92 6.18
C SER B 275 -9.14 -6.98 5.88
N VAL B 276 -9.94 -7.47 6.83
CA VAL B 276 -11.38 -7.53 6.58
C VAL B 276 -12.02 -6.12 6.48
N LEU B 277 -11.55 -5.18 7.28
CA LEU B 277 -12.00 -3.77 7.12
C LEU B 277 -11.54 -3.18 5.80
N ALA B 278 -10.34 -3.54 5.36
CA ALA B 278 -9.84 -3.03 4.07
C ALA B 278 -10.75 -3.50 2.92
N SER B 279 -11.19 -4.77 3.01
CA SER B 279 -11.99 -5.36 1.91
C SER B 279 -13.40 -4.72 1.94
N LEU B 280 -13.89 -4.42 3.15
CA LEU B 280 -15.13 -3.65 3.30
C LEU B 280 -15.01 -2.27 2.65
N GLY B 281 -13.89 -1.60 2.88
CA GLY B 281 -13.63 -0.34 2.21
C GLY B 281 -13.76 -0.43 0.71
N ALA B 282 -13.16 -1.48 0.14
CA ALA B 282 -13.22 -1.67 -1.30
C ALA B 282 -14.65 -1.82 -1.80
N SER B 283 -15.45 -2.63 -1.09
CA SER B 283 -16.87 -2.81 -1.44
C SER B 283 -17.61 -1.48 -1.43
N VAL B 284 -17.46 -0.72 -0.34
CA VAL B 284 -18.16 0.56 -0.20
C VAL B 284 -17.70 1.56 -1.27
N HIS B 285 -16.43 1.58 -1.59
CA HIS B 285 -15.93 2.51 -2.60
C HIS B 285 -16.58 2.23 -3.97
N LYS B 286 -16.72 0.96 -4.29
CA LYS B 286 -17.34 0.51 -5.56
C LYS B 286 -18.80 0.93 -5.57
N ILE B 287 -19.50 0.60 -4.50
CA ILE B 287 -20.93 0.90 -4.39
C ILE B 287 -21.19 2.40 -4.52
N CYS B 288 -20.42 3.19 -3.77
CA CYS B 288 -20.63 4.63 -3.73
C CYS B 288 -20.16 5.30 -5.02
N THR B 289 -19.17 4.71 -5.71
CA THR B 289 -18.80 5.17 -7.04
C THR B 289 -19.96 4.94 -8.02
N ASP B 290 -20.60 3.76 -7.97
CA ASP B 290 -21.77 3.55 -8.83
C ASP B 290 -22.85 4.58 -8.56
N ILE B 291 -23.14 4.82 -7.29
CA ILE B 291 -24.19 5.80 -6.98
C ILE B 291 -23.84 7.17 -7.51
N ARG B 292 -22.58 7.59 -7.35
CA ARG B 292 -22.12 8.87 -7.93
C ARG B 292 -22.33 8.97 -9.41
N LEU B 293 -22.12 7.86 -10.11
CA LEU B 293 -22.29 7.84 -11.57
C LEU B 293 -23.78 7.86 -11.94
N LEU B 294 -24.59 7.11 -11.19
CA LEU B 294 -26.03 7.19 -11.39
C LEU B 294 -26.60 8.60 -11.11
N ALA B 295 -26.01 9.32 -10.15
CA ALA B 295 -26.43 10.68 -9.86
C ALA B 295 -26.11 11.62 -10.98
N ASN B 296 -24.96 11.46 -11.62
CA ASN B 296 -24.69 12.23 -12.82
C ASN B 296 -25.74 11.98 -13.89
N LEU B 297 -26.11 10.72 -14.05
CA LEU B 297 -27.09 10.32 -15.07
C LEU B 297 -28.49 10.71 -14.70
N LYS B 298 -28.67 11.26 -13.48
CA LYS B 298 -29.99 11.64 -12.93
C LYS B 298 -30.95 10.46 -12.78
N GLU B 299 -30.43 9.22 -12.74
CA GLU B 299 -31.24 8.03 -12.54
C GLU B 299 -31.55 7.69 -11.08
N MET B 300 -30.60 7.97 -10.20
CA MET B 300 -30.73 7.75 -8.77
C MET B 300 -30.01 8.86 -8.07
N GLU B 301 -30.55 9.26 -6.92
CA GLU B 301 -29.93 10.29 -6.07
C GLU B 301 -29.96 9.87 -4.63
N GLU B 302 -29.14 10.55 -3.83
CA GLU B 302 -29.12 10.32 -2.42
C GLU B 302 -30.43 10.82 -1.79
N PRO B 303 -30.80 10.29 -0.62
CA PRO B 303 -32.07 10.68 0.00
C PRO B 303 -32.21 12.17 0.21
N PHE B 304 -33.44 12.68 0.14
CA PHE B 304 -33.63 14.09 0.42
C PHE B 304 -33.27 14.39 1.88
N MET B 314 -35.08 18.54 -3.65
CA MET B 314 -35.93 19.47 -4.39
C MET B 314 -35.17 20.54 -5.18
N PRO B 315 -33.92 20.86 -4.80
CA PRO B 315 -33.10 21.60 -5.78
C PRO B 315 -32.86 20.75 -7.01
N TYR B 316 -32.77 21.40 -8.17
CA TYR B 316 -32.50 20.73 -9.43
C TYR B 316 -31.14 19.99 -9.37
N LYS B 317 -30.06 20.68 -8.96
CA LYS B 317 -28.70 20.08 -8.97
C LYS B 317 -28.43 19.62 -7.54
N ARG B 318 -28.12 18.34 -7.40
CA ARG B 318 -27.77 17.81 -6.11
C ARG B 318 -26.48 17.04 -6.22
N ASN B 319 -25.62 17.18 -5.23
CA ASN B 319 -24.32 16.50 -5.26
C ASN B 319 -24.39 15.30 -4.36
N PRO B 320 -23.80 14.17 -4.81
CA PRO B 320 -23.75 12.94 -4.01
C PRO B 320 -22.67 12.88 -2.92
N MET B 321 -22.75 13.81 -1.98
CA MET B 321 -21.68 14.11 -1.02
C MET B 321 -21.47 13.02 -0.01
N ARG B 322 -22.55 12.33 0.39
CA ARG B 322 -22.38 11.27 1.37
C ARG B 322 -21.61 10.12 0.76
N SER B 323 -21.90 9.84 -0.52
CA SER B 323 -21.20 8.77 -1.27
C SER B 323 -19.76 9.16 -1.55
N GLU B 324 -19.53 10.44 -1.86
CA GLU B 324 -18.17 10.94 -2.03
C GLU B 324 -17.34 10.76 -0.72
N ARG B 325 -17.97 11.13 0.41
CA ARG B 325 -17.39 10.95 1.74
C ARG B 325 -17.11 9.49 2.04
N CYS B 326 -18.04 8.58 1.75
CA CYS B 326 -17.81 7.16 1.97
C CYS B 326 -16.61 6.66 1.17
N CYS B 327 -16.51 7.05 -0.10
CA CYS B 327 -15.35 6.72 -0.91
C CYS B 327 -14.04 7.28 -0.30
N SER B 328 -14.08 8.52 0.13
CA SER B 328 -12.91 9.18 0.75
C SER B 328 -12.41 8.39 1.98
N LEU B 329 -13.34 8.00 2.85
CA LEU B 329 -13.00 7.24 4.04
C LEU B 329 -12.64 5.79 3.74
N ALA B 330 -13.40 5.16 2.85
CA ALA B 330 -13.12 3.76 2.43
C ALA B 330 -11.67 3.58 1.94
N ARG B 331 -11.19 4.59 1.23
CA ARG B 331 -9.82 4.64 0.72
C ARG B 331 -8.80 4.59 1.85
N HIS B 332 -9.07 5.30 2.93
CA HIS B 332 -8.18 5.25 4.10
C HIS B 332 -8.20 3.87 4.76
N LEU B 333 -9.34 3.20 4.76
CA LEU B 333 -9.38 1.82 5.28
C LEU B 333 -8.52 0.89 4.48
N MET B 334 -8.54 1.04 3.17
CA MET B 334 -7.70 0.23 2.27
C MET B 334 -6.22 0.52 2.53
N THR B 335 -5.88 1.80 2.55
CA THR B 335 -4.50 2.24 2.83
C THR B 335 -3.94 1.60 4.11
N LEU B 336 -4.74 1.59 5.18
CA LEU B 336 -4.26 1.20 6.49
C LEU B 336 -3.83 -0.28 6.63
N VAL B 337 -4.28 -1.15 5.75
CA VAL B 337 -3.89 -2.56 5.79
C VAL B 337 -2.36 -2.75 5.77
N MET B 338 -1.62 -1.86 5.15
CA MET B 338 -0.15 -1.98 5.09
C MET B 338 0.51 -1.76 6.41
N ASP B 339 -0.17 -1.10 7.35
CA ASP B 339 0.39 -0.90 8.71
C ASP B 339 0.59 -2.27 9.43
N PRO B 340 -0.48 -3.01 9.71
CA PRO B 340 -0.25 -4.31 10.37
C PRO B 340 0.51 -5.33 9.56
N LEU B 341 0.41 -5.31 8.23
CA LEU B 341 1.30 -6.18 7.44
C LEU B 341 2.76 -5.89 7.72
N GLN B 342 3.17 -4.62 7.61
CA GLN B 342 4.57 -4.29 7.94
C GLN B 342 4.90 -4.63 9.40
N THR B 343 4.05 -4.24 10.35
CA THR B 343 4.39 -4.44 11.74
C THR B 343 4.68 -5.91 12.04
N ALA B 344 3.80 -6.80 11.62
CA ALA B 344 3.98 -8.23 11.94
C ALA B 344 5.26 -8.79 11.33
N SER B 345 5.57 -8.30 10.14
CA SER B 345 6.70 -8.78 9.33
CA SER B 345 6.69 -8.79 9.35
C SER B 345 8.05 -8.55 10.00
N VAL B 346 8.13 -7.52 10.84
CA VAL B 346 9.38 -7.18 11.51
C VAL B 346 9.33 -7.24 13.03
N GLN B 347 8.41 -8.00 13.59
CA GLN B 347 8.42 -8.28 14.99
C GLN B 347 9.62 -9.23 15.22
N TRP B 348 10.45 -8.97 16.21
CA TRP B 348 11.56 -9.86 16.44
C TRP B 348 11.32 -10.66 17.66
N PHE B 349 11.54 -11.97 17.55
CA PHE B 349 11.42 -12.90 18.70
C PHE B 349 10.11 -12.77 19.48
N GLU B 350 10.16 -12.60 20.80
CA GLU B 350 8.99 -12.67 21.67
C GLU B 350 8.27 -11.31 21.77
N ARG B 351 8.84 -10.31 21.08
CA ARG B 351 8.20 -9.02 20.80
C ARG B 351 9.20 -7.89 20.79
N THR B 352 9.01 -6.99 19.83
CA THR B 352 9.68 -5.70 19.80
C THR B 352 8.62 -4.60 19.92
N LEU B 353 8.98 -3.51 20.60
CA LEU B 353 8.03 -2.51 20.97
C LEU B 353 7.72 -1.50 19.88
N ASP B 354 8.27 -1.73 18.69
CA ASP B 354 7.94 -0.94 17.51
C ASP B 354 6.53 -1.21 16.95
N ASP B 355 5.77 -2.08 17.61
CA ASP B 355 4.36 -2.22 17.31
C ASP B 355 3.45 -1.19 17.98
N SER B 356 3.87 -0.63 19.09
CA SER B 356 2.96 0.05 19.98
C SER B 356 2.35 1.36 19.48
N ALA B 357 3.19 2.31 19.07
CA ALA B 357 2.69 3.60 18.59
C ALA B 357 1.80 3.41 17.36
N ASN B 358 2.26 2.57 16.44
CA ASN B 358 1.54 2.29 15.20
C ASN B 358 0.15 1.72 15.49
N ARG B 359 0.06 0.74 16.38
CA ARG B 359 -1.25 0.13 16.71
C ARG B 359 -2.19 1.13 17.37
N ARG B 360 -1.65 2.02 18.21
CA ARG B 360 -2.48 3.04 18.86
C ARG B 360 -3.22 3.88 17.82
N ILE B 361 -2.60 4.06 16.66
CA ILE B 361 -3.17 4.86 15.59
C ILE B 361 -4.02 3.98 14.69
N CYS B 362 -3.44 2.93 14.10
CA CYS B 362 -4.16 2.22 13.02
C CYS B 362 -5.38 1.38 13.46
N LEU B 363 -5.36 0.77 14.63
CA LEU B 363 -6.51 -0.06 15.03
C LEU B 363 -7.70 0.83 15.34
N ALA B 364 -7.53 1.79 16.27
CA ALA B 364 -8.57 2.76 16.55
C ALA B 364 -9.08 3.44 15.27
N GLU B 365 -8.15 3.96 14.45
CA GLU B 365 -8.59 4.75 13.30
C GLU B 365 -9.26 3.87 12.22
N ALA B 366 -8.83 2.61 12.03
CA ALA B 366 -9.52 1.68 11.10
C ALA B 366 -10.99 1.52 11.53
N PHE B 367 -11.22 1.30 12.82
CA PHE B 367 -12.59 1.12 13.29
C PHE B 367 -13.42 2.42 13.31
N LEU B 368 -12.81 3.55 13.67
CA LEU B 368 -13.52 4.84 13.65
C LEU B 368 -13.95 5.18 12.21
N THR B 369 -13.07 4.86 11.27
CA THR B 369 -13.31 5.06 9.85
C THR B 369 -14.43 4.15 9.34
N ALA B 370 -14.32 2.85 9.62
CA ALA B 370 -15.37 1.89 9.26
C ALA B 370 -16.73 2.30 9.89
N ASP B 371 -16.74 2.69 11.17
CA ASP B 371 -17.96 3.12 11.84
C ASP B 371 -18.64 4.26 11.08
N THR B 372 -17.85 5.28 10.73
CA THR B 372 -18.38 6.44 10.05
C THR B 372 -19.00 6.01 8.72
N ILE B 373 -18.31 5.14 8.01
CA ILE B 373 -18.75 4.74 6.69
C ILE B 373 -20.10 4.03 6.80
N LEU B 374 -20.23 3.13 7.77
CA LEU B 374 -21.49 2.41 7.95
C LEU B 374 -22.60 3.34 8.37
N ASN B 375 -22.34 4.28 9.28
CA ASN B 375 -23.35 5.28 9.67
C ASN B 375 -23.86 6.10 8.47
N THR B 376 -22.93 6.56 7.64
CA THR B 376 -23.31 7.34 6.46
C THR B 376 -24.06 6.49 5.43
N LEU B 377 -23.55 5.29 5.20
CA LEU B 377 -24.18 4.36 4.25
C LEU B 377 -25.60 3.96 4.70
N GLN B 378 -25.84 3.80 6.00
CA GLN B 378 -27.20 3.63 6.50
C GLN B 378 -28.10 4.79 6.10
N ASN B 379 -27.56 6.00 6.23
CA ASN B 379 -28.30 7.20 5.87
C ASN B 379 -28.55 7.20 4.36
N ILE B 380 -27.53 6.89 3.56
CA ILE B 380 -27.70 6.77 2.10
C ILE B 380 -28.80 5.78 1.73
N SER B 381 -28.81 4.64 2.41
CA SER B 381 -29.72 3.54 2.06
C SER B 381 -31.20 3.82 2.43
N GLU B 382 -31.43 4.78 3.31
CA GLU B 382 -32.76 5.22 3.78
C GLU B 382 -33.41 6.24 2.83
N GLY B 383 -33.92 5.74 1.72
CA GLY B 383 -34.77 6.54 0.85
C GLY B 383 -34.05 7.05 -0.38
N LEU B 384 -33.28 6.16 -0.99
CA LEU B 384 -32.66 6.41 -2.29
C LEU B 384 -33.74 6.90 -3.23
N VAL B 385 -33.41 7.93 -4.01
CA VAL B 385 -34.36 8.55 -4.90
C VAL B 385 -34.13 7.99 -6.29
N VAL B 386 -35.20 7.50 -6.91
CA VAL B 386 -35.13 6.94 -8.27
C VAL B 386 -35.99 7.79 -9.20
N TYR B 387 -35.49 8.08 -10.42
CA TYR B 387 -36.26 8.82 -11.44
C TYR B 387 -36.57 7.93 -12.65
N PRO B 388 -37.70 7.19 -12.57
CA PRO B 388 -38.01 6.20 -13.62
C PRO B 388 -38.14 6.80 -15.02
N LYS B 389 -38.58 8.04 -15.10
CA LYS B 389 -38.72 8.66 -16.42
C LYS B 389 -37.38 9.02 -17.07
N VAL B 390 -36.36 9.31 -16.26
CA VAL B 390 -35.01 9.53 -16.80
C VAL B 390 -34.43 8.19 -17.27
N ILE B 391 -34.64 7.17 -16.46
CA ILE B 391 -34.16 5.83 -16.80
C ILE B 391 -34.79 5.39 -18.12
N GLU B 392 -36.11 5.56 -18.22
CA GLU B 392 -36.87 5.21 -19.44
C GLU B 392 -36.35 5.95 -20.69
N ARG B 393 -36.15 7.25 -20.59
CA ARG B 393 -35.63 8.05 -21.69
C ARG B 393 -34.32 7.49 -22.21
N ARG B 394 -33.41 7.17 -21.28
CA ARG B 394 -32.08 6.69 -21.65
C ARG B 394 -32.19 5.32 -22.34
N ILE B 395 -33.03 4.45 -21.82
CA ILE B 395 -33.35 3.17 -22.47
C ILE B 395 -33.89 3.41 -23.87
N ARG B 396 -34.82 4.36 -24.02
CA ARG B 396 -35.38 4.64 -25.36
C ARG B 396 -34.29 5.10 -26.34
N GLN B 397 -33.30 5.81 -25.84
CA GLN B 397 -32.19 6.27 -26.68
C GLN B 397 -31.19 5.16 -27.05
N GLU B 398 -31.04 4.15 -26.21
CA GLU B 398 -30.01 3.11 -26.43
C GLU B 398 -30.54 1.76 -26.89
N LEU B 399 -31.75 1.41 -26.45
CA LEU B 399 -32.26 0.08 -26.71
C LEU B 399 -32.35 -0.30 -28.16
N PRO B 400 -32.71 0.65 -29.05
CA PRO B 400 -32.87 0.21 -30.42
C PRO B 400 -31.59 -0.40 -31.03
N PHE B 401 -30.42 0.05 -30.60
CA PHE B 401 -29.16 -0.51 -31.11
C PHE B 401 -28.96 -1.94 -30.65
N MET B 402 -29.58 -2.30 -29.52
CA MET B 402 -29.49 -3.64 -28.99
C MET B 402 -30.68 -4.52 -29.37
N ALA B 403 -31.66 -3.97 -30.11
CA ALA B 403 -32.91 -4.68 -30.44
C ALA B 403 -32.86 -5.28 -31.85
N THR B 404 -31.79 -4.99 -32.58
CA THR B 404 -31.75 -5.31 -34.01
C THR B 404 -31.73 -6.82 -34.27
N GLU B 405 -31.12 -7.60 -33.40
CA GLU B 405 -31.24 -9.07 -33.54
C GLU B 405 -32.68 -9.56 -33.44
N ASN B 406 -33.43 -9.06 -32.47
CA ASN B 406 -34.82 -9.45 -32.31
C ASN B 406 -35.67 -9.03 -33.50
N ILE B 407 -35.31 -7.91 -34.12
CA ILE B 407 -36.03 -7.42 -35.31
C ILE B 407 -35.75 -8.35 -36.48
N ILE B 408 -34.46 -8.65 -36.67
CA ILE B 408 -33.98 -9.69 -37.61
C ILE B 408 -34.70 -11.04 -37.43
N MET B 409 -34.85 -11.48 -36.18
CA MET B 409 -35.57 -12.75 -35.91
C MET B 409 -37.04 -12.66 -36.35
N ALA B 410 -37.68 -11.53 -36.08
CA ALA B 410 -39.11 -11.37 -36.40
C ALA B 410 -39.35 -11.29 -37.91
N MET B 411 -38.44 -10.63 -38.63
CA MET B 411 -38.49 -10.63 -40.10
C MET B 411 -38.37 -12.05 -40.64
N VAL B 412 -37.38 -12.80 -40.15
CA VAL B 412 -37.13 -14.18 -40.61
C VAL B 412 -38.27 -15.12 -40.24
N LYS B 413 -38.81 -14.96 -39.04
CA LYS B 413 -40.06 -15.65 -38.66
C LYS B 413 -41.19 -15.36 -39.67
N ALA B 414 -41.21 -14.14 -40.22
CA ALA B 414 -42.19 -13.76 -41.23
C ALA B 414 -41.75 -14.19 -42.62
N GLY B 415 -40.75 -15.08 -42.68
CA GLY B 415 -40.27 -15.63 -43.94
C GLY B 415 -39.36 -14.69 -44.70
N GLY B 416 -38.65 -13.82 -43.98
CA GLY B 416 -37.69 -12.92 -44.58
C GLY B 416 -36.31 -13.52 -44.61
N SER B 417 -35.39 -12.82 -45.25
CA SER B 417 -33.99 -13.24 -45.32
C SER B 417 -33.17 -12.66 -44.17
N ARG B 418 -32.60 -13.52 -43.33
CA ARG B 418 -31.74 -13.06 -42.23
C ARG B 418 -30.61 -12.20 -42.75
N GLN B 419 -29.95 -12.68 -43.79
CA GLN B 419 -28.88 -11.95 -44.46
C GLN B 419 -29.27 -10.54 -44.94
N ASP B 420 -30.31 -10.45 -45.76
CA ASP B 420 -30.76 -9.17 -46.31
C ASP B 420 -31.14 -8.23 -45.18
N CYS B 421 -31.89 -8.77 -44.23
CA CYS B 421 -32.36 -8.00 -43.10
C CYS B 421 -31.19 -7.43 -42.28
N HIS B 422 -30.18 -8.26 -42.02
CA HIS B 422 -29.03 -7.83 -41.26
C HIS B 422 -28.31 -6.65 -41.94
N GLU B 423 -28.03 -6.81 -43.23
CA GLU B 423 -27.41 -5.73 -44.03
C GLU B 423 -28.23 -4.42 -43.96
N LYS B 424 -29.53 -4.53 -44.20
CA LYS B 424 -30.40 -3.34 -44.23
C LYS B 424 -30.41 -2.65 -42.86
N ILE B 425 -30.64 -3.43 -41.81
CA ILE B 425 -30.78 -2.87 -40.46
C ILE B 425 -29.45 -2.28 -40.00
N ARG B 426 -28.35 -2.88 -40.45
CA ARG B 426 -27.01 -2.39 -40.15
C ARG B 426 -26.83 -0.96 -40.67
N VAL B 427 -27.24 -0.72 -41.91
CA VAL B 427 -27.15 0.64 -42.47
C VAL B 427 -28.07 1.65 -41.74
N LEU B 428 -29.31 1.27 -41.46
CA LEU B 428 -30.17 2.16 -40.66
C LEU B 428 -29.55 2.52 -39.32
N SER B 429 -28.92 1.53 -38.67
CA SER B 429 -28.31 1.69 -37.33
C SER B 429 -27.10 2.65 -37.37
N GLN B 430 -26.24 2.49 -38.37
CA GLN B 430 -25.08 3.38 -38.53
C GLN B 430 -25.51 4.84 -38.75
N GLN B 431 -26.57 5.01 -39.53
CA GLN B 431 -27.15 6.32 -39.81
C GLN B 431 -27.77 6.96 -38.57
N ALA B 432 -28.51 6.16 -37.81
CA ALA B 432 -29.07 6.62 -36.54
C ALA B 432 -27.96 7.05 -35.57
N ALA B 433 -26.92 6.23 -35.47
CA ALA B 433 -25.74 6.54 -34.62
C ALA B 433 -25.03 7.82 -35.01
N SER B 434 -24.92 8.06 -36.29
CA SER B 434 -24.30 9.27 -36.80
C SER B 434 -25.16 10.51 -36.51
N VAL B 435 -26.47 10.40 -36.59
CA VAL B 435 -27.31 11.53 -36.19
C VAL B 435 -27.02 11.90 -34.74
N VAL B 436 -26.85 10.89 -33.93
CA VAL B 436 -26.63 11.10 -32.50
C VAL B 436 -25.31 11.85 -32.26
N LYS B 437 -24.24 11.37 -32.88
CA LYS B 437 -22.88 11.95 -32.61
C LYS B 437 -22.54 13.17 -33.46
N GLN B 438 -22.87 13.07 -34.75
CA GLN B 438 -22.57 14.13 -35.71
C GLN B 438 -23.56 15.28 -35.69
N GLU B 439 -24.80 15.02 -35.29
CA GLU B 439 -25.80 16.07 -35.23
C GLU B 439 -26.25 16.40 -33.82
N GLY B 440 -25.85 15.63 -32.84
CA GLY B 440 -26.43 15.77 -31.50
C GLY B 440 -27.95 15.65 -31.47
N GLY B 441 -28.54 14.83 -32.34
CA GLY B 441 -29.99 14.58 -32.31
C GLY B 441 -30.36 13.39 -31.46
N ASP B 442 -31.65 13.21 -31.24
CA ASP B 442 -32.18 11.97 -30.64
C ASP B 442 -32.01 10.79 -31.60
N ASN B 443 -31.98 9.58 -31.05
CA ASN B 443 -31.86 8.38 -31.85
C ASN B 443 -33.12 8.18 -32.68
N ASP B 444 -32.99 8.04 -34.00
CA ASP B 444 -34.15 7.89 -34.87
C ASP B 444 -34.23 6.51 -35.55
N LEU B 445 -33.55 5.52 -34.97
CA LEU B 445 -33.51 4.20 -35.63
C LEU B 445 -34.91 3.64 -35.82
N ILE B 446 -35.76 3.76 -34.81
CA ILE B 446 -37.08 3.12 -34.90
C ILE B 446 -37.92 3.84 -35.94
N GLU B 447 -37.87 5.17 -35.95
CA GLU B 447 -38.44 5.98 -37.01
C GLU B 447 -37.92 5.55 -38.39
N ARG B 448 -36.61 5.37 -38.54
CA ARG B 448 -36.06 4.88 -39.81
C ARG B 448 -36.66 3.54 -40.25
N ILE B 449 -36.87 2.64 -39.30
CA ILE B 449 -37.37 1.30 -39.65
C ILE B 449 -38.84 1.38 -40.10
N GLN B 450 -39.60 2.22 -39.40
CA GLN B 450 -41.02 2.45 -39.65
C GLN B 450 -41.31 2.95 -41.07
N VAL B 451 -40.53 3.91 -41.57
CA VAL B 451 -40.73 4.47 -42.92
C VAL B 451 -40.01 3.70 -44.02
N ASP B 452 -39.45 2.54 -43.66
CA ASP B 452 -38.78 1.68 -44.63
C ASP B 452 -39.71 0.52 -44.97
N ALA B 453 -40.11 0.45 -46.23
CA ALA B 453 -41.12 -0.53 -46.65
C ALA B 453 -40.63 -1.95 -46.47
N TYR B 454 -39.34 -2.17 -46.62
CA TYR B 454 -38.74 -3.49 -46.41
C TYR B 454 -39.24 -4.14 -45.10
N PHE B 455 -39.35 -3.35 -44.05
CA PHE B 455 -39.73 -3.85 -42.73
C PHE B 455 -41.24 -3.86 -42.51
N SER B 456 -42.03 -3.80 -43.58
CA SER B 456 -43.49 -3.74 -43.42
C SER B 456 -44.07 -4.94 -42.67
N PRO B 457 -43.50 -6.15 -42.85
CA PRO B 457 -44.09 -7.26 -42.12
C PRO B 457 -43.98 -7.15 -40.61
N ILE B 458 -43.15 -6.21 -40.15
CA ILE B 458 -42.79 -6.09 -38.74
C ILE B 458 -43.33 -4.84 -38.10
N HIS B 459 -43.74 -3.86 -38.91
CA HIS B 459 -44.13 -2.56 -38.37
C HIS B 459 -45.17 -2.67 -37.25
N SER B 460 -46.11 -3.61 -37.36
CA SER B 460 -47.14 -3.78 -36.33
C SER B 460 -46.61 -4.40 -35.04
N GLN B 461 -45.49 -5.14 -35.11
CA GLN B 461 -44.86 -5.72 -33.90
C GLN B 461 -43.89 -4.77 -33.17
N LEU B 462 -43.47 -3.68 -33.80
CA LEU B 462 -42.38 -2.83 -33.28
C LEU B 462 -42.51 -2.37 -31.82
N ASP B 463 -43.70 -2.01 -31.38
CA ASP B 463 -43.86 -1.59 -29.99
C ASP B 463 -43.55 -2.74 -29.07
N HIS B 464 -44.13 -3.89 -29.36
CA HIS B 464 -43.85 -5.10 -28.62
C HIS B 464 -42.36 -5.49 -28.69
N LEU B 465 -41.76 -5.39 -29.88
CA LEU B 465 -40.36 -5.75 -30.04
C LEU B 465 -39.43 -4.84 -29.26
N LEU B 466 -39.87 -3.62 -28.94
CA LEU B 466 -39.04 -2.68 -28.18
C LEU B 466 -39.44 -2.50 -26.72
N ASP B 467 -40.18 -3.46 -26.18
CA ASP B 467 -40.64 -3.40 -24.82
C ASP B 467 -39.46 -3.67 -23.89
N PRO B 468 -39.03 -2.68 -23.09
CA PRO B 468 -37.81 -2.88 -22.30
C PRO B 468 -37.87 -4.10 -21.34
N SER B 469 -39.05 -4.38 -20.78
CA SER B 469 -39.21 -5.54 -19.90
C SER B 469 -38.88 -6.85 -20.58
N SER B 470 -38.96 -6.92 -21.91
CA SER B 470 -38.58 -8.13 -22.59
C SER B 470 -37.09 -8.32 -22.76
N PHE B 471 -36.25 -7.31 -22.40
CA PHE B 471 -34.77 -7.39 -22.53
C PHE B 471 -33.95 -7.58 -21.23
N THR B 472 -34.61 -7.66 -20.08
CA THR B 472 -33.92 -7.69 -18.79
C THR B 472 -33.55 -9.13 -18.35
N GLY B 473 -33.70 -10.10 -19.26
CA GLY B 473 -33.34 -11.49 -18.98
C GLY B 473 -34.00 -11.96 -17.72
N ARG B 474 -33.21 -12.56 -16.84
CA ARG B 474 -33.69 -13.14 -15.59
C ARG B 474 -33.42 -12.22 -14.37
N ALA B 475 -33.18 -10.93 -14.60
CA ALA B 475 -32.79 -10.02 -13.49
C ALA B 475 -33.75 -10.06 -12.27
N SER B 476 -35.06 -9.98 -12.49
CA SER B 476 -35.99 -9.97 -11.36
C SER B 476 -36.03 -11.30 -10.60
N GLN B 477 -35.97 -12.42 -11.32
CA GLN B 477 -36.00 -13.74 -10.71
C GLN B 477 -34.73 -13.94 -9.86
N GLN B 478 -33.63 -13.40 -10.36
CA GLN B 478 -32.35 -13.49 -9.70
C GLN B 478 -32.37 -12.75 -8.35
N VAL B 479 -32.96 -11.56 -8.34
CA VAL B 479 -33.18 -10.81 -7.12
C VAL B 479 -33.92 -11.64 -6.08
N GLN B 480 -35.01 -12.26 -6.48
CA GLN B 480 -35.86 -13.00 -5.54
C GLN B 480 -35.10 -14.20 -4.97
N ARG B 481 -34.41 -14.94 -5.83
CA ARG B 481 -33.70 -16.11 -5.38
C ARG B 481 -32.56 -15.74 -4.41
N PHE B 482 -31.81 -14.70 -4.77
CA PHE B 482 -30.73 -14.20 -3.97
C PHE B 482 -31.20 -13.77 -2.61
N LEU B 483 -32.29 -13.00 -2.55
CA LEU B 483 -32.75 -12.51 -1.24
C LEU B 483 -33.22 -13.67 -0.37
N GLU B 484 -34.00 -14.59 -0.95
CA GLU B 484 -34.52 -15.74 -0.20
C GLU B 484 -33.42 -16.67 0.27
N GLU B 485 -32.53 -17.03 -0.64
CA GLU B 485 -31.50 -18.05 -0.40
C GLU B 485 -30.29 -17.58 0.38
N GLU B 486 -29.87 -16.34 0.14
CA GLU B 486 -28.60 -15.83 0.67
C GLU B 486 -28.73 -14.67 1.66
N VAL B 487 -29.54 -13.67 1.36
CA VAL B 487 -29.57 -12.45 2.13
C VAL B 487 -30.38 -12.65 3.41
N TYR B 488 -31.62 -13.08 3.32
CA TYR B 488 -32.45 -13.15 4.53
C TYR B 488 -31.92 -14.10 5.60
N PRO B 489 -31.39 -15.27 5.22
CA PRO B 489 -30.79 -16.12 6.26
C PRO B 489 -29.64 -15.48 7.03
N LEU B 490 -28.80 -14.67 6.37
CA LEU B 490 -27.76 -13.90 7.05
C LEU B 490 -28.29 -12.81 7.96
N LEU B 491 -29.44 -12.26 7.60
CA LEU B 491 -30.06 -11.18 8.40
C LEU B 491 -30.87 -11.69 9.59
N LYS B 492 -31.20 -12.98 9.60
CA LYS B 492 -32.12 -13.51 10.61
C LYS B 492 -31.66 -13.36 12.06
N PRO B 493 -30.35 -13.55 12.35
CA PRO B 493 -29.85 -13.23 13.67
C PRO B 493 -29.93 -11.75 14.11
N TYR B 494 -30.17 -10.82 13.19
CA TYR B 494 -30.23 -9.39 13.52
C TYR B 494 -31.63 -8.81 13.68
N GLU B 495 -32.64 -9.55 13.25
CA GLU B 495 -33.99 -9.00 13.07
C GLU B 495 -34.36 -7.96 14.12
N SER B 496 -34.14 -8.31 15.40
CA SER B 496 -34.36 -7.38 16.54
C SER B 496 -35.82 -6.97 16.72
N VAL B 500 -45.06 -8.38 13.28
CA VAL B 500 -46.52 -8.62 13.14
C VAL B 500 -46.80 -10.10 12.92
N LYS B 501 -47.84 -10.58 13.56
CA LYS B 501 -48.20 -11.99 13.54
C LYS B 501 -49.54 -12.14 12.88
N ALA B 502 -49.97 -13.39 12.71
CA ALA B 502 -51.21 -13.69 12.00
C ALA B 502 -52.49 -13.19 12.72
N GLU B 503 -52.36 -12.98 14.02
CA GLU B 503 -53.45 -12.48 14.82
C GLU B 503 -52.88 -12.04 16.18
N GLY C 27 -10.65 18.94 27.59
CA GLY C 27 -10.02 20.14 28.25
C GLY C 27 -9.15 20.88 27.26
N ASP C 28 -7.84 20.61 27.29
CA ASP C 28 -7.02 21.00 26.17
C ASP C 28 -7.09 19.86 25.15
N HIS C 29 -6.81 18.61 25.55
CA HIS C 29 -6.87 17.50 24.59
C HIS C 29 -8.19 16.71 24.60
N GLY C 30 -9.11 17.08 25.49
CA GLY C 30 -10.46 16.53 25.46
C GLY C 30 -10.78 15.59 26.62
N SER C 31 -12.03 15.17 26.66
CA SER C 31 -12.49 14.24 27.70
C SER C 31 -11.88 12.86 27.48
N PRO C 32 -11.60 12.11 28.57
CA PRO C 32 -11.14 10.73 28.37
C PRO C 32 -12.22 9.77 27.91
N ASP C 33 -13.43 10.27 27.65
CA ASP C 33 -14.54 9.46 27.18
C ASP C 33 -14.66 9.39 25.66
N SER C 34 -13.78 10.06 24.93
CA SER C 34 -13.62 9.80 23.51
C SER C 34 -12.21 9.41 23.14
N TYR C 35 -12.06 8.85 21.94
CA TYR C 35 -10.75 8.66 21.33
C TYR C 35 -10.08 10.03 21.24
N ARG C 36 -8.84 10.07 21.62
CA ARG C 36 -8.02 11.25 21.45
C ARG C 36 -6.75 10.77 20.75
N SER C 37 -6.40 11.40 19.63
CA SER C 37 -5.25 10.94 18.87
C SER C 37 -4.00 10.96 19.68
N PRO C 38 -3.23 9.86 19.64
CA PRO C 38 -1.93 9.83 20.29
C PRO C 38 -0.96 10.83 19.66
N LEU C 39 -1.14 11.09 18.36
CA LEU C 39 -0.30 12.09 17.70
C LEU C 39 -0.40 13.46 18.35
N ALA C 40 -1.57 13.80 18.88
CA ALA C 40 -1.79 15.09 19.57
C ALA C 40 -1.36 15.08 21.02
N SER C 41 -1.71 14.02 21.74
CA SER C 41 -1.60 14.05 23.19
C SER C 41 -0.33 13.43 23.70
N ARG C 42 0.31 12.62 22.86
CA ARG C 42 1.44 11.81 23.27
C ARG C 42 2.75 12.15 22.57
N TYR C 43 2.66 12.48 21.28
CA TYR C 43 3.80 12.42 20.37
C TYR C 43 4.28 13.78 19.82
N ALA C 44 3.45 14.48 19.06
CA ALA C 44 3.95 15.60 18.27
C ALA C 44 4.26 16.84 19.14
N SER C 45 5.13 17.73 18.66
CA SER C 45 5.38 19.01 19.35
C SER C 45 4.16 19.96 19.35
N PRO C 46 4.10 20.90 20.30
CA PRO C 46 3.02 21.88 20.32
C PRO C 46 2.94 22.75 19.04
N GLU C 47 4.11 23.07 18.50
CA GLU C 47 4.21 23.85 17.28
C GLU C 47 3.53 23.17 16.09
N MET C 48 3.85 21.89 15.84
CA MET C 48 3.22 21.15 14.76
C MET C 48 1.76 20.89 15.08
N CYS C 49 1.43 20.67 16.34
CA CYS C 49 0.02 20.49 16.67
C CYS C 49 -0.78 21.75 16.43
N PHE C 50 -0.17 22.90 16.69
CA PHE C 50 -0.80 24.17 16.39
C PHE C 50 -1.01 24.41 14.87
N VAL C 51 -0.02 24.10 14.05
CA VAL C 51 -0.17 24.24 12.60
C VAL C 51 -1.40 23.45 12.07
N PHE C 52 -1.71 22.30 12.68
CA PHE C 52 -2.83 21.48 12.27
C PHE C 52 -4.05 21.61 13.17
N SER C 53 -4.13 22.73 13.91
CA SER C 53 -5.28 23.05 14.76
C SER C 53 -6.40 23.73 13.99
N ASP C 54 -7.64 23.56 14.49
CA ASP C 54 -8.73 24.34 13.97
C ASP C 54 -8.59 25.85 14.14
N ARG C 55 -7.98 26.32 15.23
CA ARG C 55 -7.73 27.75 15.37
C ARG C 55 -6.86 28.26 14.22
N TYR C 56 -5.78 27.56 13.90
CA TYR C 56 -4.91 28.02 12.83
C TYR C 56 -5.58 27.93 11.46
N LYS C 57 -6.33 26.86 11.22
CA LYS C 57 -7.04 26.68 9.96
C LYS C 57 -8.01 27.85 9.73
N PHE C 58 -8.87 28.10 10.70
CA PHE C 58 -9.94 29.09 10.51
C PHE C 58 -9.47 30.53 10.59
N ARG C 59 -8.45 30.78 11.37
CA ARG C 59 -7.84 32.10 11.35
C ARG C 59 -7.20 32.36 9.97
N THR C 60 -6.70 31.31 9.33
CA THR C 60 -6.08 31.42 8.02
C THR C 60 -7.18 31.61 6.94
N TRP C 61 -8.34 30.95 7.11
CA TRP C 61 -9.47 31.22 6.22
C TRP C 61 -9.77 32.72 6.30
N ARG C 62 -9.83 33.29 7.51
CA ARG C 62 -10.16 34.68 7.66
C ARG C 62 -9.09 35.61 7.06
N GLN C 63 -7.83 35.25 7.26
CA GLN C 63 -6.70 35.97 6.65
C GLN C 63 -6.80 36.05 5.14
N LEU C 64 -7.16 34.91 4.54
CA LEU C 64 -7.37 34.81 3.08
C LEU C 64 -8.53 35.65 2.60
N TRP C 65 -9.62 35.68 3.36
CA TRP C 65 -10.74 36.59 3.06
C TRP C 65 -10.32 38.05 3.18
N LEU C 66 -9.50 38.36 4.16
CA LEU C 66 -8.98 39.72 4.31
C LEU C 66 -8.11 40.09 3.12
N TRP C 67 -7.18 39.20 2.76
CA TRP C 67 -6.29 39.47 1.62
C TRP C 67 -7.08 39.61 0.30
N LEU C 68 -8.13 38.82 0.10
CA LEU C 68 -9.01 38.94 -1.05
C LEU C 68 -9.70 40.28 -1.11
N ALA C 69 -10.23 40.72 0.03
CA ALA C 69 -10.89 42.01 0.12
C ALA C 69 -9.96 43.16 -0.18
N GLU C 70 -8.75 43.10 0.40
CA GLU C 70 -7.75 44.16 0.20
C GLU C 70 -7.39 44.31 -1.29
N ALA C 71 -7.10 43.16 -1.89
CA ALA C 71 -6.72 43.12 -3.31
C ALA C 71 -7.85 43.56 -4.21
N GLU C 72 -9.05 43.07 -3.93
CA GLU C 72 -10.23 43.51 -4.68
C GLU C 72 -10.50 45.01 -4.56
N GLN C 73 -10.35 45.58 -3.38
CA GLN C 73 -10.50 47.01 -3.18
C GLN C 73 -9.48 47.75 -4.03
N THR C 74 -8.25 47.28 -3.99
CA THR C 74 -7.15 47.91 -4.77
C THR C 74 -7.45 47.91 -6.30
N LEU C 75 -8.10 46.84 -6.74
CA LEU C 75 -8.44 46.68 -8.15
C LEU C 75 -9.84 47.26 -8.49
N GLY C 76 -10.41 48.03 -7.57
CA GLY C 76 -11.54 48.87 -7.89
C GLY C 76 -12.91 48.36 -7.48
N LEU C 77 -12.99 47.22 -6.80
CA LEU C 77 -14.31 46.76 -6.36
C LEU C 77 -14.80 47.57 -5.13
N PRO C 78 -16.13 47.69 -4.98
CA PRO C 78 -16.71 48.53 -3.94
C PRO C 78 -16.62 47.93 -2.54
N ILE C 79 -15.41 48.03 -1.97
CA ILE C 79 -15.12 47.58 -0.63
C ILE C 79 -14.53 48.75 0.13
N THR C 80 -14.98 48.97 1.37
CA THR C 80 -14.58 50.15 2.14
C THR C 80 -13.44 49.84 3.13
N ASP C 81 -12.68 50.86 3.47
CA ASP C 81 -11.64 50.71 4.50
C ASP C 81 -12.23 50.22 5.82
N GLU C 82 -13.43 50.70 6.17
CA GLU C 82 -14.12 50.24 7.36
C GLU C 82 -14.40 48.73 7.36
N GLN C 83 -14.80 48.21 6.21
CA GLN C 83 -15.03 46.77 6.06
C GLN C 83 -13.73 46.03 6.25
N ILE C 84 -12.66 46.52 5.63
CA ILE C 84 -11.35 45.89 5.78
C ILE C 84 -10.84 45.92 7.22
N ARG C 85 -10.96 47.07 7.90
CA ARG C 85 -10.48 47.19 9.29
C ARG C 85 -11.21 46.24 10.22
N GLU C 86 -12.47 46.00 9.92
CA GLU C 86 -13.33 45.18 10.72
C GLU C 86 -12.84 43.76 10.61
N MET C 87 -12.60 43.31 9.38
CA MET C 87 -12.10 41.97 9.17
C MET C 87 -10.74 41.82 9.85
N LYS C 88 -9.86 42.75 9.61
CA LYS C 88 -8.52 42.67 10.19
C LYS C 88 -8.53 42.51 11.71
N SER C 89 -9.46 43.21 12.35
CA SER C 89 -9.64 43.23 13.79
C SER C 89 -10.18 41.94 14.36
N ASN C 90 -10.76 41.09 13.50
CA ASN C 90 -11.45 39.89 13.98
C ASN C 90 -10.92 38.61 13.41
N LEU C 91 -9.67 38.58 12.97
CA LEU C 91 -9.09 37.37 12.42
C LEU C 91 -9.03 36.20 13.42
N GLU C 92 -8.77 36.52 14.69
CA GLU C 92 -8.70 35.50 15.77
C GLU C 92 -10.00 35.30 16.56
N ASN C 93 -10.93 36.25 16.40
CA ASN C 93 -12.16 36.27 17.17
C ASN C 93 -13.17 35.29 16.61
N ILE C 94 -12.89 34.00 16.76
CA ILE C 94 -13.64 32.94 16.09
C ILE C 94 -14.58 32.27 17.07
N ASP C 95 -15.87 32.29 16.74
CA ASP C 95 -16.91 31.74 17.61
C ASP C 95 -17.12 30.32 17.13
N PHE C 96 -16.40 29.38 17.73
CA PHE C 96 -16.41 28.01 17.26
C PHE C 96 -17.78 27.38 17.46
N LYS C 97 -18.50 27.83 18.49
CA LYS C 97 -19.85 27.33 18.78
C LYS C 97 -20.80 27.70 17.65
N MET C 98 -20.81 28.97 17.29
CA MET C 98 -21.63 29.46 16.20
C MET C 98 -21.29 28.77 14.88
N ALA C 99 -20.00 28.58 14.61
CA ALA C 99 -19.62 27.92 13.35
C ALA C 99 -20.10 26.49 13.29
N ALA C 100 -20.03 25.79 14.42
CA ALA C 100 -20.54 24.42 14.53
C ALA C 100 -22.05 24.37 14.32
N GLU C 101 -22.78 25.28 14.95
CA GLU C 101 -24.25 25.36 14.75
C GLU C 101 -24.62 25.66 13.31
N GLU C 102 -23.94 26.64 12.73
CA GLU C 102 -24.21 27.04 11.37
C GLU C 102 -23.82 25.97 10.35
N GLU C 103 -22.79 25.18 10.64
CA GLU C 103 -22.44 24.06 9.75
C GLU C 103 -23.50 22.96 9.82
N LYS C 104 -24.07 22.74 10.99
CA LYS C 104 -25.14 21.76 11.12
C LYS C 104 -26.35 22.17 10.31
N ARG C 105 -26.66 23.45 10.35
CA ARG C 105 -27.79 24.02 9.63
C ARG C 105 -27.53 23.97 8.12
N LEU C 106 -26.36 24.46 7.71
CA LEU C 106 -26.05 24.60 6.29
C LEU C 106 -25.43 23.37 5.66
N ARG C 107 -24.90 22.46 6.47
CA ARG C 107 -24.20 21.27 5.99
C ARG C 107 -23.01 21.64 5.07
N HIS C 108 -22.34 22.77 5.37
CA HIS C 108 -21.27 23.27 4.52
C HIS C 108 -20.33 24.07 5.41
N ASP C 109 -19.09 23.61 5.53
CA ASP C 109 -18.15 24.19 6.46
C ASP C 109 -17.69 25.60 6.05
N VAL C 110 -17.34 25.80 4.81
CA VAL C 110 -16.95 27.17 4.37
C VAL C 110 -18.14 28.16 4.50
N MET C 111 -19.31 27.76 4.06
CA MET C 111 -20.45 28.65 4.17
C MET C 111 -20.75 29.02 5.61
N ALA C 112 -20.58 28.06 6.51
CA ALA C 112 -20.76 28.27 7.95
C ALA C 112 -19.78 29.30 8.47
N HIS C 113 -18.54 29.22 8.03
CA HIS C 113 -17.54 30.21 8.43
C HIS C 113 -17.68 31.60 7.77
N VAL C 114 -18.12 31.67 6.51
CA VAL C 114 -18.50 32.94 5.89
C VAL C 114 -19.60 33.62 6.74
N HIS C 115 -20.61 32.86 7.11
CA HIS C 115 -21.69 33.37 7.93
C HIS C 115 -21.27 33.86 9.29
N THR C 116 -20.46 33.04 9.95
CA THR C 116 -19.96 33.34 11.28
C THR C 116 -19.06 34.59 11.26
N PHE C 117 -18.26 34.73 10.21
CA PHE C 117 -17.34 35.88 10.11
C PHE C 117 -18.12 37.14 9.80
N GLY C 118 -19.16 37.02 8.99
CA GLY C 118 -20.08 38.15 8.75
C GLY C 118 -20.83 38.55 10.02
N HIS C 119 -21.01 37.63 10.94
CA HIS C 119 -21.68 37.98 12.19
C HIS C 119 -20.80 38.91 13.08
N CYS C 120 -19.52 38.60 13.26
CA CYS C 120 -18.65 39.50 14.00
C CYS C 120 -18.16 40.70 13.20
N CYS C 121 -18.32 40.63 11.87
CA CYS C 121 -17.99 41.72 10.92
C CYS C 121 -19.21 42.13 10.12
N PRO C 122 -20.20 42.74 10.78
CA PRO C 122 -21.44 43.03 10.06
C PRO C 122 -21.28 44.02 8.91
N LYS C 123 -20.37 44.98 9.01
CA LYS C 123 -20.15 45.91 7.90
C LYS C 123 -19.56 45.20 6.68
N ALA C 124 -18.67 44.24 6.92
CA ALA C 124 -18.00 43.49 5.86
C ALA C 124 -18.82 42.30 5.34
N ALA C 125 -19.90 41.93 6.03
CA ALA C 125 -20.59 40.66 5.78
C ALA C 125 -20.83 40.39 4.29
N GLY C 126 -21.29 41.41 3.56
CA GLY C 126 -21.70 41.24 2.19
C GLY C 126 -20.62 41.08 1.15
N ILE C 127 -19.39 41.45 1.52
CA ILE C 127 -18.28 41.35 0.60
C ILE C 127 -17.28 40.24 0.96
N ILE C 128 -17.50 39.54 2.08
CA ILE C 128 -16.66 38.40 2.44
C ILE C 128 -16.87 37.35 1.36
N HIS C 129 -15.78 36.82 0.83
CA HIS C 129 -15.78 35.69 -0.13
C HIS C 129 -16.19 36.11 -1.55
N LEU C 130 -16.17 37.42 -1.81
CA LEU C 130 -16.74 37.98 -3.06
C LEU C 130 -16.03 37.40 -4.27
N GLY C 131 -16.79 36.71 -5.13
CA GLY C 131 -16.24 36.09 -6.36
C GLY C 131 -15.64 34.69 -6.23
N ALA C 132 -15.38 34.28 -4.99
CA ALA C 132 -14.56 33.08 -4.76
C ALA C 132 -15.43 31.85 -4.68
N THR C 133 -14.82 30.70 -4.91
CA THR C 133 -15.44 29.42 -4.51
C THR C 133 -14.82 28.92 -3.20
N SER C 134 -15.46 27.97 -2.53
CA SER C 134 -14.93 27.45 -1.28
C SER C 134 -13.45 27.10 -1.22
N CYS C 135 -12.93 26.43 -2.25
CA CYS C 135 -11.52 26.11 -2.28
C CYS C 135 -10.58 27.30 -2.13
N TYR C 136 -11.05 28.51 -2.43
CA TYR C 136 -10.24 29.70 -2.19
C TYR C 136 -9.64 29.69 -0.75
N VAL C 137 -10.46 29.38 0.25
CA VAL C 137 -9.93 29.32 1.60
C VAL C 137 -9.45 27.91 1.95
N GLY C 138 -10.19 26.88 1.58
CA GLY C 138 -9.78 25.54 1.93
C GLY C 138 -8.44 25.11 1.37
N ASP C 139 -8.29 25.20 0.04
CA ASP C 139 -7.07 24.75 -0.63
C ASP C 139 -5.83 25.62 -0.31
N ASN C 140 -6.01 26.92 -0.34
CA ASN C 140 -4.94 27.87 -0.12
C ASN C 140 -4.46 27.77 1.31
N THR C 141 -5.37 27.49 2.24
CA THR C 141 -4.97 27.28 3.64
C THR C 141 -4.18 25.97 3.78
N ASP C 142 -4.65 24.92 3.14
CA ASP C 142 -3.87 23.68 3.15
C ASP C 142 -2.47 23.85 2.59
N LEU C 143 -2.32 24.67 1.54
CA LEU C 143 -1.01 24.92 0.97
C LEU C 143 -0.14 25.71 1.92
N ILE C 144 -0.74 26.72 2.56
CA ILE C 144 -0.01 27.49 3.56
C ILE C 144 0.44 26.57 4.71
N ILE C 145 -0.46 25.70 5.15
CA ILE C 145 -0.15 24.76 6.22
C ILE C 145 0.94 23.78 5.85
N LEU C 146 0.85 23.18 4.67
CA LEU C 146 1.89 22.27 4.18
C LEU C 146 3.25 22.95 4.14
N ARG C 147 3.29 24.17 3.62
CA ARG C 147 4.56 24.84 3.55
C ARG C 147 5.12 25.22 4.91
N ASN C 148 4.27 25.71 5.81
CA ASN C 148 4.70 25.99 7.18
C ASN C 148 5.14 24.73 7.93
N ALA C 149 4.47 23.62 7.68
CA ALA C 149 4.82 22.33 8.31
C ALA C 149 6.19 21.88 7.82
N LEU C 150 6.43 22.01 6.52
CA LEU C 150 7.75 21.74 5.97
C LEU C 150 8.84 22.62 6.61
N ASP C 151 8.53 23.88 6.81
CA ASP C 151 9.43 24.80 7.44
C ASP C 151 9.72 24.50 8.90
N LEU C 152 8.82 23.78 9.60
CA LEU C 152 9.13 23.35 10.99
C LEU C 152 9.99 22.11 10.98
N LEU C 153 9.76 21.22 10.02
CA LEU C 153 10.53 19.99 9.89
C LEU C 153 11.97 20.25 9.48
N LEU C 154 12.19 21.15 8.54
CA LEU C 154 13.52 21.30 7.91
C LEU C 154 14.66 21.60 8.88
N PRO C 155 14.47 22.59 9.77
CA PRO C 155 15.51 22.79 10.81
C PRO C 155 15.75 21.63 11.79
N LYS C 156 14.70 20.90 12.13
CA LYS C 156 14.80 19.75 13.01
C LYS C 156 15.61 18.66 12.34
N LEU C 157 15.40 18.49 11.03
CA LEU C 157 16.16 17.49 10.26
C LEU C 157 17.60 17.96 10.13
N ALA C 158 17.82 19.25 9.83
CA ALA C 158 19.19 19.79 9.82
C ALA C 158 19.92 19.58 11.17
N ARG C 159 19.21 19.77 12.28
CA ARG C 159 19.81 19.62 13.62
C ARG C 159 20.20 18.15 13.89
N VAL C 160 19.33 17.20 13.50
CA VAL C 160 19.68 15.76 13.62
C VAL C 160 20.96 15.45 12.78
N ILE C 161 21.00 15.97 11.55
CA ILE C 161 22.13 15.68 10.67
C ILE C 161 23.41 16.27 11.26
N SER C 162 23.31 17.48 11.82
CA SER C 162 24.46 18.17 12.43
C SER C 162 25.04 17.40 13.59
N ARG C 163 24.15 16.90 14.45
CA ARG C 163 24.53 16.08 15.60
C ARG C 163 25.16 14.74 15.25
N LEU C 164 24.58 14.07 14.26
CA LEU C 164 25.14 12.81 13.77
C LEU C 164 26.48 13.07 13.07
N ALA C 165 26.59 14.22 12.40
CA ALA C 165 27.85 14.63 11.79
C ALA C 165 28.97 14.82 12.83
N ASP C 166 28.62 15.38 13.99
CA ASP C 166 29.61 15.56 15.06
C ASP C 166 30.07 14.23 15.64
N PHE C 167 29.12 13.33 15.84
CA PHE C 167 29.40 11.94 16.25
C PHE C 167 30.25 11.19 15.24
N ALA C 168 29.89 11.30 13.96
CA ALA C 168 30.68 10.68 12.88
C ALA C 168 32.12 11.16 12.82
N LYS C 169 32.36 12.45 12.96
CA LYS C 169 33.72 12.97 13.02
C LYS C 169 34.48 12.42 14.22
N GLU C 170 33.84 12.43 15.39
CA GLU C 170 34.44 11.98 16.63
C GLU C 170 34.84 10.50 16.51
N ARG C 171 34.00 9.68 15.89
CA ARG C 171 34.25 8.23 15.80
C ARG C 171 34.76 7.74 14.44
N ALA C 172 35.31 8.64 13.63
CA ALA C 172 35.62 8.33 12.22
C ALA C 172 36.67 7.23 12.08
N SER C 173 37.55 7.13 13.09
CA SER C 173 38.68 6.21 13.04
C SER C 173 38.51 5.02 13.97
N LEU C 174 37.34 4.90 14.58
CA LEU C 174 37.10 3.87 15.58
C LEU C 174 36.67 2.55 14.88
N PRO C 175 37.56 1.54 14.83
CA PRO C 175 37.17 0.36 14.05
C PRO C 175 35.98 -0.38 14.64
N THR C 176 35.17 -0.99 13.78
CA THR C 176 34.05 -1.76 14.25
C THR C 176 33.79 -2.86 13.22
N LEU C 177 33.25 -3.98 13.67
CA LEU C 177 32.96 -5.10 12.75
C LEU C 177 31.95 -4.70 11.69
N GLY C 178 32.30 -4.94 10.44
CA GLY C 178 31.38 -4.70 9.33
C GLY C 178 30.35 -5.83 9.34
N PHE C 179 29.16 -5.56 8.82
CA PHE C 179 28.10 -6.56 8.73
C PHE C 179 27.46 -6.58 7.35
N THR C 180 27.57 -7.71 6.67
CA THR C 180 26.78 -7.99 5.48
C THR C 180 26.02 -9.31 5.69
N HIS C 181 24.76 -9.35 5.29
CA HIS C 181 23.86 -10.42 5.70
C HIS C 181 23.75 -10.51 7.26
N PHE C 182 24.09 -9.43 7.97
CA PHE C 182 24.34 -9.46 9.44
C PHE C 182 25.27 -10.56 9.90
N GLN C 183 26.33 -10.74 9.11
CA GLN C 183 27.42 -11.64 9.43
C GLN C 183 28.71 -10.84 9.30
N PRO C 184 29.77 -11.23 10.05
CA PRO C 184 31.07 -10.53 10.11
C PRO C 184 31.63 -10.23 8.73
N ALA C 185 31.97 -8.98 8.50
CA ALA C 185 32.54 -8.60 7.22
C ALA C 185 33.61 -7.53 7.41
N GLN C 186 34.27 -7.18 6.30
CA GLN C 186 35.39 -6.23 6.25
C GLN C 186 35.19 -5.06 7.21
N LEU C 187 36.12 -4.82 8.13
CA LEU C 187 35.87 -3.82 9.16
C LEU C 187 35.50 -2.45 8.59
N THR C 188 34.57 -1.78 9.26
CA THR C 188 34.26 -0.37 9.00
C THR C 188 34.67 0.47 10.20
N THR C 189 34.16 1.68 10.31
CA THR C 189 34.39 2.43 11.53
C THR C 189 33.02 2.89 11.99
N VAL C 190 32.92 3.15 13.29
CA VAL C 190 31.67 3.63 13.85
C VAL C 190 31.23 4.92 13.11
N GLY C 191 32.14 5.85 12.84
CA GLY C 191 31.78 7.07 12.13
C GLY C 191 31.39 6.83 10.69
N LYS C 192 32.09 5.91 10.01
CA LYS C 192 31.74 5.57 8.63
C LYS C 192 30.33 4.99 8.52
N ARG C 193 29.96 4.13 9.44
CA ARG C 193 28.60 3.61 9.41
C ARG C 193 27.58 4.71 9.67
N CYS C 194 27.89 5.58 10.63
CA CYS C 194 27.05 6.71 10.90
C CYS C 194 26.82 7.53 9.62
N CYS C 195 27.82 7.65 8.75
CA CYS C 195 27.62 8.39 7.48
C CYS C 195 26.61 7.75 6.53
N LEU C 196 26.42 6.45 6.61
CA LEU C 196 25.33 5.84 5.86
C LEU C 196 23.97 6.45 6.29
N TRP C 197 23.78 6.58 7.60
CA TRP C 197 22.59 7.14 8.21
C TRP C 197 22.47 8.58 7.73
N ILE C 198 23.54 9.34 7.93
CA ILE C 198 23.55 10.77 7.58
C ILE C 198 23.24 11.00 6.10
N GLN C 199 23.84 10.20 5.22
CA GLN C 199 23.61 10.42 3.80
C GLN C 199 22.15 10.32 3.38
N ASP C 200 21.47 9.27 3.84
CA ASP C 200 20.05 9.16 3.58
C ASP C 200 19.27 10.39 4.10
N LEU C 201 19.57 10.83 5.31
CA LEU C 201 18.90 11.98 5.92
C LEU C 201 19.18 13.29 5.15
N CYS C 202 20.37 13.39 4.55
CA CYS C 202 20.71 14.56 3.69
C CYS C 202 19.89 14.54 2.38
N MET C 203 19.68 13.33 1.84
CA MET C 203 18.79 13.19 0.68
C MET C 203 17.41 13.65 1.03
N ASP C 204 16.95 13.29 2.22
CA ASP C 204 15.67 13.79 2.77
C ASP C 204 15.60 15.29 2.96
N LEU C 205 16.64 15.87 3.57
CA LEU C 205 16.68 17.33 3.68
C LEU C 205 16.52 18.03 2.32
N GLN C 206 17.22 17.53 1.31
CA GLN C 206 17.16 18.09 -0.03
C GLN C 206 15.79 17.94 -0.66
N ASN C 207 15.19 16.76 -0.47
CA ASN C 207 13.84 16.49 -0.99
C ASN C 207 12.79 17.42 -0.37
N LEU C 208 12.81 17.56 0.97
CA LEU C 208 11.86 18.39 1.70
C LEU C 208 11.97 19.85 1.28
N LYS C 209 13.22 20.32 1.14
CA LYS C 209 13.52 21.70 0.70
C LYS C 209 13.01 21.97 -0.73
N ARG C 210 13.22 21.01 -1.62
N ARG C 210 13.23 21.02 -1.63
CA ARG C 210 12.77 21.16 -3.00
CA ARG C 210 12.77 21.14 -3.01
C ARG C 210 11.24 21.27 -3.06
C ARG C 210 11.24 21.29 -3.03
N VAL C 211 10.55 20.37 -2.36
CA VAL C 211 9.09 20.38 -2.34
C VAL C 211 8.56 21.68 -1.72
N ARG C 212 9.20 22.15 -0.67
CA ARG C 212 8.83 23.41 -0.01
C ARG C 212 9.01 24.56 -0.97
N ASP C 213 10.14 24.62 -1.66
CA ASP C 213 10.44 25.76 -2.52
C ASP C 213 9.59 25.74 -3.78
N ASP C 214 9.22 24.53 -4.24
CA ASP C 214 8.47 24.36 -5.45
C ASP C 214 6.95 24.41 -5.26
N LEU C 215 6.46 24.43 -4.01
CA LEU C 215 5.01 24.50 -3.76
C LEU C 215 4.42 25.78 -4.34
N ARG C 216 3.43 25.63 -5.23
CA ARG C 216 2.70 26.75 -5.82
C ARG C 216 1.35 27.01 -5.12
N PHE C 217 0.90 28.26 -5.18
CA PHE C 217 -0.33 28.69 -4.57
C PHE C 217 -1.47 28.43 -5.55
N ARG C 218 -2.64 28.05 -5.04
CA ARG C 218 -3.81 27.92 -5.89
C ARG C 218 -4.27 29.28 -6.37
N GLY C 219 -4.27 30.25 -5.46
CA GLY C 219 -4.72 31.61 -5.84
C GLY C 219 -6.23 31.70 -6.03
N VAL C 220 -6.65 32.62 -6.92
CA VAL C 220 -8.07 32.85 -7.20
C VAL C 220 -8.32 32.20 -8.52
N LYS C 221 -9.26 31.26 -8.56
CA LYS C 221 -9.50 30.46 -9.76
C LYS C 221 -10.97 30.24 -10.13
N GLY C 222 -11.89 30.46 -9.20
CA GLY C 222 -13.31 30.22 -9.51
C GLY C 222 -13.76 28.79 -9.36
N THR C 223 -15.06 28.59 -9.48
CA THR C 223 -15.71 27.32 -9.25
C THR C 223 -15.11 26.16 -10.02
N THR C 224 -14.82 26.35 -11.31
CA THR C 224 -14.22 25.33 -12.15
C THR C 224 -12.84 25.69 -12.68
N GLY C 225 -12.23 26.73 -12.10
CA GLY C 225 -10.86 27.06 -12.46
C GLY C 225 -10.73 28.14 -13.50
N THR C 226 -11.87 28.61 -14.02
CA THR C 226 -11.93 29.49 -15.18
C THR C 226 -11.99 30.98 -14.78
N GLN C 227 -12.05 31.25 -13.48
CA GLN C 227 -12.18 32.64 -12.99
C GLN C 227 -13.38 33.42 -13.51
N ALA C 228 -14.44 32.72 -13.90
CA ALA C 228 -15.60 33.38 -14.56
C ALA C 228 -16.23 34.47 -13.68
N SER C 229 -16.42 34.16 -12.39
CA SER C 229 -17.00 35.14 -11.45
C SER C 229 -16.17 36.43 -11.32
N PHE C 230 -14.86 36.26 -11.20
CA PHE C 230 -13.97 37.39 -11.08
C PHE C 230 -13.93 38.18 -12.35
N LEU C 231 -13.94 37.50 -13.49
CA LEU C 231 -13.97 38.21 -14.76
C LEU C 231 -15.24 39.11 -14.89
N GLN C 232 -16.38 38.61 -14.45
CA GLN C 232 -17.59 39.35 -14.45
C GLN C 232 -17.52 40.52 -13.46
N LEU C 233 -16.98 40.30 -12.28
CA LEU C 233 -16.83 41.39 -11.31
C LEU C 233 -16.01 42.56 -11.86
N PHE C 234 -14.99 42.24 -12.67
CA PHE C 234 -14.09 43.22 -13.29
C PHE C 234 -14.50 43.59 -14.71
N GLU C 235 -15.77 43.34 -15.02
CA GLU C 235 -16.43 43.78 -16.26
C GLU C 235 -15.58 43.40 -17.47
N GLY C 236 -15.10 42.15 -17.46
CA GLY C 236 -14.36 41.57 -18.55
C GLY C 236 -12.89 41.91 -18.65
N ASP C 237 -12.34 42.58 -17.62
CA ASP C 237 -10.94 42.99 -17.63
C ASP C 237 -10.05 41.84 -17.17
N ASP C 238 -9.48 41.13 -18.14
CA ASP C 238 -8.67 39.95 -17.85
C ASP C 238 -7.48 40.37 -17.05
N HIS C 239 -6.93 41.55 -17.33
CA HIS C 239 -5.73 41.98 -16.64
C HIS C 239 -5.95 42.04 -15.14
N LYS C 240 -7.11 42.59 -14.74
CA LYS C 240 -7.45 42.69 -13.32
C LYS C 240 -7.57 41.34 -12.63
N VAL C 241 -8.11 40.35 -13.33
CA VAL C 241 -8.17 38.96 -12.79
C VAL C 241 -6.76 38.42 -12.54
N GLU C 242 -5.86 38.60 -13.51
CA GLU C 242 -4.48 38.14 -13.36
C GLU C 242 -3.80 38.87 -12.22
N GLN C 243 -4.06 40.17 -12.12
CA GLN C 243 -3.52 40.96 -11.02
C GLN C 243 -4.01 40.45 -9.65
N LEU C 244 -5.29 40.12 -9.55
CA LEU C 244 -5.85 39.62 -8.32
C LEU C 244 -5.13 38.33 -7.89
N ASP C 245 -4.89 37.41 -8.83
CA ASP C 245 -4.22 36.18 -8.55
C ASP C 245 -2.78 36.46 -8.05
N LYS C 246 -2.06 37.35 -8.72
CA LYS C 246 -0.71 37.69 -8.33
C LYS C 246 -0.69 38.29 -6.92
N MET C 247 -1.64 39.17 -6.65
CA MET C 247 -1.61 39.94 -5.40
C MET C 247 -1.90 39.05 -4.19
N VAL C 248 -2.90 38.18 -4.29
CA VAL C 248 -3.18 37.27 -3.17
C VAL C 248 -2.02 36.29 -2.98
N THR C 249 -1.45 35.82 -4.08
CA THR C 249 -0.29 34.94 -4.00
C THR C 249 0.90 35.57 -3.21
N GLU C 250 1.24 36.79 -3.57
CA GLU C 250 2.30 37.54 -2.96
C GLU C 250 1.97 37.85 -1.47
N LYS C 251 0.73 38.24 -1.18
CA LYS C 251 0.29 38.45 0.21
C LYS C 251 0.49 37.17 1.03
N ALA C 252 0.27 36.01 0.41
CA ALA C 252 0.41 34.75 1.10
C ALA C 252 1.86 34.28 1.25
N GLY C 253 2.78 35.01 0.64
CA GLY C 253 4.20 34.73 0.76
C GLY C 253 4.66 33.64 -0.18
N PHE C 254 3.90 33.40 -1.27
CA PHE C 254 4.29 32.42 -2.29
C PHE C 254 4.90 33.13 -3.47
N LYS C 255 5.87 32.50 -4.12
CA LYS C 255 6.52 33.09 -5.28
C LYS C 255 5.76 32.83 -6.53
N ARG C 256 4.99 31.76 -6.55
CA ARG C 256 4.32 31.37 -7.78
C ARG C 256 2.95 30.79 -7.56
N ALA C 257 2.00 31.14 -8.44
CA ALA C 257 0.65 30.57 -8.47
C ALA C 257 0.49 29.66 -9.66
N PHE C 258 -0.34 28.63 -9.53
CA PHE C 258 -0.75 27.88 -10.71
C PHE C 258 -1.40 28.80 -11.73
N ILE C 259 -1.17 28.53 -13.01
CA ILE C 259 -1.98 29.10 -14.08
C ILE C 259 -3.19 28.21 -14.27
N ILE C 260 -2.91 26.90 -14.33
CA ILE C 260 -3.95 25.88 -14.53
C ILE C 260 -4.43 25.21 -13.26
N THR C 261 -5.73 25.30 -13.04
CA THR C 261 -6.42 24.48 -12.02
C THR C 261 -7.80 24.15 -12.56
N GLY C 262 -8.41 23.10 -11.99
CA GLY C 262 -9.86 22.98 -11.95
C GLY C 262 -10.35 23.77 -10.73
N GLN C 263 -11.30 23.19 -9.98
CA GLN C 263 -11.71 23.77 -8.69
C GLN C 263 -10.58 23.81 -7.66
N THR C 264 -9.82 22.71 -7.62
CA THR C 264 -8.78 22.50 -6.62
C THR C 264 -7.40 22.61 -7.23
N TYR C 265 -6.36 22.80 -6.40
CA TYR C 265 -5.01 22.54 -6.89
C TYR C 265 -4.90 21.05 -7.18
N THR C 266 -4.09 20.68 -8.16
CA THR C 266 -3.93 19.27 -8.51
C THR C 266 -3.53 18.45 -7.29
N ARG C 267 -4.30 17.40 -7.04
CA ARG C 267 -4.01 16.51 -5.92
C ARG C 267 -2.71 15.71 -6.12
N LYS C 268 -2.08 15.83 -7.29
CA LYS C 268 -0.69 15.38 -7.50
C LYS C 268 0.26 16.02 -6.47
N VAL C 269 0.00 17.27 -6.09
CA VAL C 269 0.81 17.95 -5.05
C VAL C 269 0.87 17.20 -3.71
N ASP C 270 -0.27 16.66 -3.28
CA ASP C 270 -0.33 15.88 -2.06
C ASP C 270 0.50 14.63 -2.16
N ILE C 271 0.54 14.01 -3.35
CA ILE C 271 1.46 12.88 -3.56
C ILE C 271 2.88 13.32 -3.40
N GLU C 272 3.25 14.45 -4.01
CA GLU C 272 4.64 14.86 -3.97
C GLU C 272 5.12 15.08 -2.56
N VAL C 273 4.29 15.72 -1.76
CA VAL C 273 4.61 16.03 -0.37
C VAL C 273 4.65 14.76 0.48
N LEU C 274 3.61 13.93 0.44
CA LEU C 274 3.61 12.73 1.29
C LEU C 274 4.60 11.67 0.82
N SER C 275 4.94 11.67 -0.47
CA SER C 275 6.00 10.78 -0.96
C SER C 275 7.35 11.09 -0.34
N VAL C 276 7.74 12.36 -0.26
CA VAL C 276 9.05 12.67 0.38
C VAL C 276 9.02 12.33 1.86
N LEU C 277 7.88 12.48 2.51
CA LEU C 277 7.76 12.07 3.92
C LEU C 277 7.87 10.55 4.08
N ALA C 278 7.25 9.80 3.18
CA ALA C 278 7.38 8.36 3.20
C ALA C 278 8.82 7.90 3.07
N SER C 279 9.59 8.53 2.17
CA SER C 279 10.98 8.13 1.98
C SER C 279 11.84 8.45 3.19
N LEU C 280 11.52 9.57 3.85
CA LEU C 280 12.13 9.92 5.13
C LEU C 280 11.80 8.86 6.21
N GLY C 281 10.57 8.34 6.20
CA GLY C 281 10.19 7.25 7.09
C GLY C 281 11.07 6.05 6.88
N ALA C 282 11.32 5.68 5.62
CA ALA C 282 12.16 4.52 5.32
C ALA C 282 13.60 4.71 5.85
N SER C 283 14.16 5.90 5.64
CA SER C 283 15.49 6.25 6.14
C SER C 283 15.58 6.03 7.65
N VAL C 284 14.61 6.63 8.34
CA VAL C 284 14.58 6.57 9.79
C VAL C 284 14.41 5.14 10.29
N HIS C 285 13.53 4.40 9.63
CA HIS C 285 13.27 3.00 10.02
C HIS C 285 14.56 2.19 9.91
N LYS C 286 15.31 2.40 8.83
CA LYS C 286 16.60 1.70 8.68
C LYS C 286 17.64 2.06 9.73
N ILE C 287 17.84 3.37 9.94
CA ILE C 287 18.81 3.88 10.92
C ILE C 287 18.47 3.33 12.30
N CYS C 288 17.18 3.40 12.65
CA CYS C 288 16.75 3.05 14.00
C CYS C 288 16.75 1.52 14.17
N THR C 289 16.54 0.79 13.08
CA THR C 289 16.78 -0.66 13.10
C THR C 289 18.25 -1.04 13.41
N ASP C 290 19.20 -0.37 12.73
CA ASP C 290 20.62 -0.59 12.99
C ASP C 290 20.92 -0.27 14.42
N ILE C 291 20.37 0.83 14.94
CA ILE C 291 20.66 1.21 16.33
C ILE C 291 20.12 0.13 17.28
N ARG C 292 18.95 -0.42 16.97
CA ARG C 292 18.37 -1.46 17.86
C ARG C 292 19.22 -2.72 17.88
N LEU C 293 19.77 -3.08 16.73
CA LEU C 293 20.75 -4.18 16.60
C LEU C 293 22.07 -3.90 17.30
N LEU C 294 22.63 -2.71 17.13
CA LEU C 294 23.79 -2.29 17.92
C LEU C 294 23.56 -2.38 19.42
N ALA C 295 22.34 -2.07 19.87
CA ALA C 295 22.02 -2.21 21.28
C ALA C 295 22.05 -3.69 21.72
N ASN C 296 21.51 -4.58 20.88
CA ASN C 296 21.64 -6.01 21.18
C ASN C 296 23.10 -6.41 21.30
N LEU C 297 23.92 -5.91 20.38
CA LEU C 297 25.35 -6.24 20.38
C LEU C 297 26.14 -5.58 21.50
N LYS C 298 25.49 -4.71 22.27
CA LYS C 298 26.08 -3.93 23.36
C LYS C 298 27.20 -2.97 22.92
N GLU C 299 27.19 -2.60 21.64
CA GLU C 299 28.22 -1.74 21.05
C GLU C 299 27.81 -0.29 21.12
N MET C 300 26.50 -0.02 21.03
CA MET C 300 25.99 1.34 21.12
C MET C 300 24.66 1.35 21.86
N GLU C 301 24.40 2.39 22.65
CA GLU C 301 23.09 2.56 23.32
C GLU C 301 22.51 3.96 23.19
N GLU C 302 21.18 4.07 23.26
CA GLU C 302 20.45 5.35 23.34
C GLU C 302 20.74 5.98 24.67
N PRO C 303 20.59 7.32 24.76
CA PRO C 303 20.77 8.05 26.05
C PRO C 303 20.07 7.38 27.23
N TYR C 316 20.54 -3.23 34.28
CA TYR C 316 21.41 -3.79 33.26
C TYR C 316 20.65 -3.92 31.93
N LYS C 317 19.42 -4.44 31.97
CA LYS C 317 18.55 -4.41 30.80
C LYS C 317 18.26 -2.93 30.49
N ARG C 318 18.60 -2.54 29.28
CA ARG C 318 18.29 -1.21 28.77
C ARG C 318 17.69 -1.41 27.38
N ASN C 319 16.47 -0.94 27.19
CA ASN C 319 15.77 -1.13 25.93
C ASN C 319 15.89 0.12 25.05
N PRO C 320 16.07 -0.07 23.71
CA PRO C 320 16.17 1.01 22.73
C PRO C 320 14.76 1.51 22.33
N MET C 321 14.03 2.04 23.29
CA MET C 321 12.61 2.28 23.09
CA MET C 321 12.59 2.30 23.11
C MET C 321 12.37 3.49 22.19
N ARG C 322 13.24 4.49 22.25
CA ARG C 322 13.07 5.65 21.32
C ARG C 322 13.20 5.21 19.87
N SER C 323 14.19 4.36 19.59
CA SER C 323 14.40 3.81 18.27
C SER C 323 13.23 2.94 17.85
N GLU C 324 12.66 2.20 18.77
CA GLU C 324 11.50 1.38 18.46
C GLU C 324 10.28 2.25 18.11
N ARG C 325 10.11 3.33 18.87
CA ARG C 325 9.04 4.26 18.62
C ARG C 325 9.21 4.90 17.25
N CYS C 326 10.44 5.33 16.91
CA CYS C 326 10.70 5.91 15.58
C CYS C 326 10.34 4.95 14.41
N CYS C 327 10.69 3.66 14.54
CA CYS C 327 10.35 2.65 13.51
C CYS C 327 8.87 2.51 13.42
N SER C 328 8.24 2.46 14.57
CA SER C 328 6.80 2.28 14.64
C SER C 328 6.08 3.40 13.90
N LEU C 329 6.50 4.63 14.15
CA LEU C 329 5.84 5.80 13.52
C LEU C 329 6.28 5.95 12.08
N ALA C 330 7.53 5.67 11.79
CA ALA C 330 8.06 5.71 10.41
C ALA C 330 7.28 4.77 9.49
N ARG C 331 6.90 3.63 10.04
CA ARG C 331 6.09 2.67 9.30
C ARG C 331 4.76 3.28 8.84
N HIS C 332 4.11 3.97 9.77
CA HIS C 332 2.86 4.69 9.44
C HIS C 332 3.05 5.75 8.33
N LEU C 333 4.17 6.45 8.40
CA LEU C 333 4.53 7.46 7.39
C LEU C 333 4.60 6.85 6.00
N MET C 334 5.19 5.64 5.90
CA MET C 334 5.25 4.91 4.64
C MET C 334 3.89 4.43 4.18
N THR C 335 3.15 3.81 5.07
CA THR C 335 1.78 3.39 4.74
C THR C 335 0.92 4.52 4.14
N LEU C 336 1.00 5.70 4.74
CA LEU C 336 0.13 6.80 4.34
C LEU C 336 0.30 7.25 2.88
N VAL C 337 1.43 6.93 2.24
CA VAL C 337 1.62 7.37 0.85
C VAL C 337 0.52 6.84 -0.10
N MET C 338 -0.09 5.72 0.25
CA MET C 338 -1.10 5.11 -0.61
C MET C 338 -2.38 5.92 -0.62
N ASP C 339 -2.58 6.79 0.36
CA ASP C 339 -3.78 7.65 0.40
C ASP C 339 -3.77 8.68 -0.75
N PRO C 340 -2.78 9.58 -0.80
CA PRO C 340 -2.80 10.53 -1.92
C PRO C 340 -2.62 9.89 -3.30
N LEU C 341 -1.88 8.78 -3.41
CA LEU C 341 -1.82 8.12 -4.73
C LEU C 341 -3.23 7.75 -5.20
N GLN C 342 -3.97 7.03 -4.36
CA GLN C 342 -5.34 6.66 -4.72
C GLN C 342 -6.24 7.87 -4.97
N THR C 343 -6.18 8.84 -4.06
CA THR C 343 -7.04 10.01 -4.17
C THR C 343 -6.83 10.69 -5.53
N ALA C 344 -5.59 10.93 -5.93
CA ALA C 344 -5.39 11.73 -7.14
C ALA C 344 -5.86 10.90 -8.35
N SER C 345 -5.67 9.59 -8.27
CA SER C 345 -6.00 8.67 -9.38
CA SER C 345 -5.99 8.70 -9.40
C SER C 345 -7.47 8.66 -9.80
N VAL C 346 -8.35 9.00 -8.87
CA VAL C 346 -9.80 8.90 -9.12
C VAL C 346 -10.50 10.22 -8.94
N GLN C 347 -9.78 11.33 -8.92
CA GLN C 347 -10.46 12.64 -9.05
C GLN C 347 -11.13 12.68 -10.43
N TRP C 348 -12.35 13.18 -10.53
CA TRP C 348 -12.97 13.26 -11.86
C TRP C 348 -13.04 14.73 -12.24
N PHE C 349 -12.60 15.02 -13.45
CA PHE C 349 -12.77 16.32 -14.06
C PHE C 349 -12.25 17.44 -13.16
N GLU C 350 -13.06 18.48 -12.93
CA GLU C 350 -12.63 19.68 -12.18
C GLU C 350 -12.64 19.54 -10.64
N ARG C 351 -13.07 18.38 -10.18
CA ARG C 351 -12.82 17.78 -8.85
C ARG C 351 -14.06 17.02 -8.41
N THR C 352 -13.82 16.05 -7.54
CA THR C 352 -14.87 15.30 -6.82
C THR C 352 -14.54 15.46 -5.36
N LEU C 353 -15.57 15.44 -4.51
CA LEU C 353 -15.38 15.70 -3.08
C LEU C 353 -14.84 14.51 -2.29
N ASP C 354 -14.52 13.41 -2.98
CA ASP C 354 -13.97 12.22 -2.34
C ASP C 354 -12.53 12.36 -1.88
N ASP C 355 -11.94 13.55 -2.07
CA ASP C 355 -10.62 13.85 -1.51
C ASP C 355 -10.64 14.39 -0.12
N SER C 356 -11.78 14.99 0.28
CA SER C 356 -11.84 15.91 1.42
C SER C 356 -11.63 15.21 2.75
N ALA C 357 -12.43 14.19 3.06
CA ALA C 357 -12.30 13.52 4.37
C ALA C 357 -10.91 12.89 4.50
N ASN C 358 -10.48 12.26 3.42
CA ASN C 358 -9.19 11.57 3.38
C ASN C 358 -8.04 12.52 3.73
N ARG C 359 -8.02 13.69 3.08
CA ARG C 359 -7.00 14.71 3.32
C ARG C 359 -7.03 15.27 4.71
N ARG C 360 -8.22 15.40 5.30
CA ARG C 360 -8.29 15.82 6.70
C ARG C 360 -7.50 14.87 7.58
N ILE C 361 -7.50 13.58 7.22
CA ILE C 361 -6.81 12.59 8.02
C ILE C 361 -5.33 12.56 7.68
N CYS C 362 -5.02 12.29 6.41
CA CYS C 362 -3.64 11.92 6.06
C CYS C 362 -2.61 13.07 6.08
N LEU C 363 -3.00 14.28 5.70
CA LEU C 363 -2.01 15.37 5.61
C LEU C 363 -1.46 15.70 6.98
N ALA C 364 -2.36 15.96 7.95
CA ALA C 364 -1.99 16.21 9.32
C ALA C 364 -1.22 15.04 9.90
N GLU C 365 -1.74 13.84 9.73
CA GLU C 365 -1.10 12.66 10.32
C GLU C 365 0.30 12.47 9.82
N ALA C 366 0.52 12.69 8.54
CA ALA C 366 1.84 12.54 7.97
C ALA C 366 2.82 13.51 8.60
N PHE C 367 2.44 14.78 8.66
CA PHE C 367 3.31 15.79 9.30
C PHE C 367 3.53 15.60 10.82
N LEU C 368 2.51 15.20 11.55
CA LEU C 368 2.61 15.02 12.99
C LEU C 368 3.50 13.82 13.30
N THR C 369 3.34 12.81 12.47
CA THR C 369 4.17 11.60 12.53
C THR C 369 5.64 11.94 12.26
N ALA C 370 5.87 12.66 11.15
CA ALA C 370 7.23 13.09 10.83
C ALA C 370 7.86 13.97 11.93
N ASP C 371 7.08 14.87 12.50
CA ASP C 371 7.58 15.79 13.52
C ASP C 371 8.07 14.96 14.72
N THR C 372 7.23 14.02 15.11
CA THR C 372 7.48 13.20 16.28
C THR C 372 8.79 12.40 16.07
N ILE C 373 8.93 11.81 14.90
CA ILE C 373 10.14 11.05 14.63
C ILE C 373 11.40 11.91 14.73
N LEU C 374 11.33 13.11 14.17
CA LEU C 374 12.46 14.00 14.17
C LEU C 374 12.74 14.54 15.56
N ASN C 375 11.72 14.81 16.37
CA ASN C 375 11.96 15.22 17.76
C ASN C 375 12.67 14.11 18.50
N THR C 376 12.23 12.87 18.24
CA THR C 376 12.73 11.69 18.98
C THR C 376 14.15 11.37 18.52
N LEU C 377 14.37 11.41 17.21
CA LEU C 377 15.71 11.20 16.64
C LEU C 377 16.71 12.27 17.09
N GLN C 378 16.23 13.50 17.29
CA GLN C 378 17.06 14.57 17.86
C GLN C 378 17.60 14.11 19.21
N ASN C 379 16.71 13.60 20.06
CA ASN C 379 17.06 13.12 21.39
C ASN C 379 17.99 11.90 21.38
N ILE C 380 17.79 10.99 20.44
CA ILE C 380 18.68 9.83 20.25
C ILE C 380 20.09 10.32 19.82
N SER C 381 20.13 11.22 18.86
CA SER C 381 21.38 11.73 18.33
C SER C 381 22.18 12.50 19.37
N GLU C 382 21.49 13.13 20.33
CA GLU C 382 22.17 13.92 21.36
C GLU C 382 22.96 13.04 22.33
N GLY C 383 22.56 11.78 22.50
CA GLY C 383 23.00 10.99 23.64
C GLY C 383 23.59 9.63 23.39
N LEU C 384 24.04 9.38 22.16
CA LEU C 384 24.44 8.03 21.77
C LEU C 384 25.65 7.67 22.56
N VAL C 385 25.59 6.50 23.20
CA VAL C 385 26.73 6.01 24.00
C VAL C 385 27.38 4.86 23.23
N VAL C 386 28.70 4.91 23.11
CA VAL C 386 29.48 3.89 22.43
C VAL C 386 30.27 3.09 23.48
N TYR C 387 30.45 1.78 23.30
CA TYR C 387 31.23 0.95 24.23
C TYR C 387 32.40 0.34 23.46
N PRO C 388 33.51 1.06 23.37
CA PRO C 388 34.63 0.57 22.58
C PRO C 388 35.20 -0.78 23.00
N LYS C 389 35.19 -1.07 24.30
CA LYS C 389 35.76 -2.32 24.78
C LYS C 389 34.95 -3.54 24.33
N VAL C 390 33.66 -3.33 24.12
CA VAL C 390 32.77 -4.37 23.61
C VAL C 390 33.03 -4.59 22.13
N ILE C 391 33.08 -3.47 21.39
CA ILE C 391 33.43 -3.43 19.98
C ILE C 391 34.78 -4.13 19.73
N GLU C 392 35.79 -3.76 20.52
CA GLU C 392 37.15 -4.34 20.39
C GLU C 392 37.14 -5.86 20.70
N ARG C 393 36.44 -6.25 21.75
CA ARG C 393 36.27 -7.68 22.07
C ARG C 393 35.71 -8.43 20.87
N ARG C 394 34.63 -7.90 20.26
CA ARG C 394 33.97 -8.54 19.12
C ARG C 394 34.87 -8.65 17.90
N ILE C 395 35.72 -7.65 17.70
CA ILE C 395 36.66 -7.65 16.58
C ILE C 395 37.72 -8.72 16.86
N ARG C 396 38.18 -8.79 18.08
CA ARG C 396 39.17 -9.82 18.44
C ARG C 396 38.61 -11.26 18.30
N GLN C 397 37.32 -11.45 18.54
CA GLN C 397 36.65 -12.74 18.33
C GLN C 397 36.48 -13.07 16.82
N GLU C 398 36.30 -12.06 15.97
CA GLU C 398 35.97 -12.29 14.55
C GLU C 398 37.12 -12.03 13.55
N LEU C 399 37.96 -11.03 13.83
CA LEU C 399 39.03 -10.61 12.88
C LEU C 399 40.04 -11.71 12.47
N PRO C 400 40.50 -12.56 13.41
CA PRO C 400 41.42 -13.59 12.95
C PRO C 400 40.95 -14.37 11.74
N PHE C 401 39.66 -14.66 11.63
CA PHE C 401 39.14 -15.41 10.49
C PHE C 401 39.22 -14.60 9.20
N MET C 402 39.21 -13.28 9.29
CA MET C 402 39.32 -12.43 8.09
C MET C 402 40.75 -12.04 7.78
N ALA C 403 41.70 -12.46 8.61
CA ALA C 403 43.08 -11.99 8.53
C ALA C 403 43.97 -12.98 7.82
N THR C 404 43.43 -14.15 7.46
CA THR C 404 44.26 -15.27 6.99
C THR C 404 45.03 -14.89 5.71
N GLU C 405 44.40 -14.15 4.80
CA GLU C 405 45.10 -13.70 3.62
C GLU C 405 46.35 -12.89 4.03
N ASN C 406 46.15 -11.84 4.82
CA ASN C 406 47.28 -11.04 5.32
C ASN C 406 48.38 -11.91 5.90
N ILE C 407 48.00 -12.95 6.66
CA ILE C 407 48.97 -13.83 7.30
C ILE C 407 49.79 -14.56 6.25
N ILE C 408 49.12 -14.98 5.18
CA ILE C 408 49.73 -15.68 4.05
C ILE C 408 50.75 -14.81 3.33
N MET C 409 50.35 -13.59 2.99
CA MET C 409 51.23 -12.66 2.28
C MET C 409 52.54 -12.38 3.02
N ALA C 410 52.46 -12.24 4.34
CA ALA C 410 53.66 -12.01 5.16
C ALA C 410 54.58 -13.25 5.19
N MET C 411 53.95 -14.42 5.29
CA MET C 411 54.63 -15.71 5.27
C MET C 411 55.28 -15.94 3.92
N VAL C 412 54.57 -15.54 2.86
CA VAL C 412 55.10 -15.63 1.48
C VAL C 412 56.32 -14.73 1.31
N LYS C 413 56.18 -13.46 1.67
CA LYS C 413 57.28 -12.52 1.51
C LYS C 413 58.48 -12.91 2.39
N ALA C 414 58.22 -13.61 3.50
CA ALA C 414 59.28 -14.20 4.32
C ALA C 414 59.96 -15.40 3.63
N GLY C 415 59.45 -15.79 2.47
CA GLY C 415 60.00 -16.89 1.69
C GLY C 415 59.31 -18.18 2.02
N GLY C 416 57.99 -18.19 1.93
CA GLY C 416 57.20 -19.38 2.23
C GLY C 416 56.31 -19.76 1.07
N SER C 417 55.79 -20.98 1.11
CA SER C 417 54.91 -21.50 0.06
C SER C 417 53.46 -21.03 0.22
N ARG C 418 53.03 -20.17 -0.69
CA ARG C 418 51.62 -19.73 -0.76
C ARG C 418 50.68 -20.93 -0.70
N GLN C 419 51.08 -22.00 -1.39
CA GLN C 419 50.37 -23.27 -1.38
C GLN C 419 50.26 -23.88 0.03
N ASP C 420 51.40 -24.03 0.70
CA ASP C 420 51.46 -24.71 2.00
C ASP C 420 50.92 -23.86 3.14
N CYS C 421 51.19 -22.56 3.12
CA CYS C 421 50.72 -21.66 4.17
C CYS C 421 49.20 -21.61 4.22
N HIS C 422 48.54 -21.65 3.06
CA HIS C 422 47.08 -21.66 3.03
C HIS C 422 46.53 -22.90 3.72
N GLU C 423 47.10 -24.04 3.39
CA GLU C 423 46.62 -25.31 3.92
C GLU C 423 46.84 -25.38 5.45
N LYS C 424 48.03 -24.99 5.90
CA LYS C 424 48.35 -24.96 7.34
C LYS C 424 47.38 -24.06 8.12
N ILE C 425 47.16 -22.85 7.60
CA ILE C 425 46.31 -21.86 8.25
C ILE C 425 44.85 -22.32 8.19
N ARG C 426 44.44 -22.91 7.08
CA ARG C 426 43.08 -23.42 6.94
C ARG C 426 42.74 -24.48 7.98
N VAL C 427 43.67 -25.38 8.32
CA VAL C 427 43.37 -26.43 9.31
C VAL C 427 43.29 -25.83 10.71
N LEU C 428 44.15 -24.87 11.02
CA LEU C 428 44.10 -24.15 12.29
C LEU C 428 42.78 -23.39 12.41
N SER C 429 42.29 -22.86 11.29
CA SER C 429 41.05 -22.06 11.25
C SER C 429 39.82 -22.91 11.49
N GLN C 430 39.79 -24.09 10.86
CA GLN C 430 38.72 -25.09 11.05
C GLN C 430 38.66 -25.49 12.53
N GLN C 431 39.82 -25.70 13.14
CA GLN C 431 39.88 -26.06 14.55
C GLN C 431 39.33 -24.90 15.41
N ALA C 432 39.79 -23.69 15.13
CA ALA C 432 39.39 -22.51 15.91
C ALA C 432 37.89 -22.29 15.80
N ALA C 433 37.36 -22.50 14.59
CA ALA C 433 35.94 -22.35 14.31
C ALA C 433 35.09 -23.37 15.09
N SER C 434 35.64 -24.57 15.30
CA SER C 434 34.95 -25.60 16.09
C SER C 434 34.89 -25.23 17.56
N VAL C 435 35.98 -24.72 18.10
CA VAL C 435 35.95 -24.24 19.49
C VAL C 435 34.83 -23.19 19.64
N VAL C 436 34.70 -22.29 18.67
CA VAL C 436 33.69 -21.25 18.76
C VAL C 436 32.26 -21.82 18.70
N LYS C 437 31.96 -22.57 17.65
CA LYS C 437 30.61 -23.07 17.46
C LYS C 437 30.31 -24.36 18.21
N GLN C 438 31.23 -25.32 18.18
CA GLN C 438 31.01 -26.59 18.87
C GLN C 438 31.20 -26.53 20.37
N GLU C 439 32.09 -25.68 20.85
CA GLU C 439 32.40 -25.62 22.29
C GLU C 439 31.88 -24.35 22.97
N GLY C 440 31.46 -23.36 22.19
CA GLY C 440 31.10 -22.04 22.72
C GLY C 440 32.32 -21.34 23.32
N GLY C 441 33.50 -21.61 22.78
CA GLY C 441 34.75 -21.08 23.36
C GLY C 441 35.17 -19.79 22.68
N ASP C 442 36.20 -19.15 23.22
CA ASP C 442 36.81 -17.99 22.56
C ASP C 442 37.63 -18.44 21.36
N ASN C 443 37.71 -17.59 20.35
CA ASN C 443 38.48 -17.84 19.15
C ASN C 443 39.98 -17.88 19.49
N ASP C 444 40.61 -19.07 19.36
CA ASP C 444 42.01 -19.26 19.75
C ASP C 444 42.97 -19.41 18.55
N LEU C 445 42.52 -18.92 17.40
CA LEU C 445 43.27 -19.01 16.15
C LEU C 445 44.63 -18.33 16.26
N ILE C 446 44.69 -17.11 16.79
CA ILE C 446 45.99 -16.47 16.99
C ILE C 446 46.91 -17.23 18.00
N GLU C 447 46.35 -17.69 19.11
CA GLU C 447 47.10 -18.49 20.08
C GLU C 447 47.64 -19.76 19.41
N ARG C 448 46.83 -20.34 18.52
CA ARG C 448 47.20 -21.54 17.77
C ARG C 448 48.42 -21.29 16.89
N ILE C 449 48.38 -20.17 16.18
CA ILE C 449 49.47 -19.75 15.30
C ILE C 449 50.73 -19.44 16.10
N GLN C 450 50.55 -18.85 17.28
CA GLN C 450 51.68 -18.44 18.10
C GLN C 450 52.55 -19.60 18.57
N VAL C 451 51.95 -20.78 18.79
CA VAL C 451 52.72 -21.93 19.28
C VAL C 451 53.09 -22.93 18.18
N ASP C 452 52.62 -22.65 16.97
CA ASP C 452 52.96 -23.43 15.80
C ASP C 452 54.27 -22.89 15.20
N ALA C 453 55.32 -23.72 15.20
CA ALA C 453 56.64 -23.32 14.72
C ALA C 453 56.75 -23.04 13.20
N TYR C 454 55.87 -23.65 12.40
CA TYR C 454 55.84 -23.34 10.95
C TYR C 454 55.63 -21.84 10.69
N PHE C 455 54.92 -21.15 11.59
CA PHE C 455 54.71 -19.72 11.49
C PHE C 455 55.77 -18.89 12.24
N SER C 456 56.91 -19.51 12.56
CA SER C 456 58.02 -18.80 13.19
C SER C 456 58.43 -17.52 12.48
N PRO C 457 58.51 -17.55 11.13
CA PRO C 457 58.89 -16.32 10.44
C PRO C 457 57.95 -15.16 10.72
N ILE C 458 56.68 -15.47 11.02
CA ILE C 458 55.60 -14.50 11.19
C ILE C 458 55.33 -14.06 12.65
N HIS C 459 55.72 -14.86 13.63
CA HIS C 459 55.38 -14.59 15.04
C HIS C 459 55.71 -13.17 15.49
N SER C 460 56.92 -12.69 15.20
CA SER C 460 57.31 -11.32 15.55
C SER C 460 56.30 -10.29 15.02
N GLN C 461 55.67 -10.58 13.87
CA GLN C 461 54.75 -9.64 13.23
C GLN C 461 53.29 -9.74 13.69
N LEU C 462 52.93 -10.81 14.41
CA LEU C 462 51.50 -11.08 14.64
C LEU C 462 50.74 -9.87 15.17
N ASP C 463 51.26 -9.21 16.19
CA ASP C 463 50.66 -7.97 16.72
C ASP C 463 50.19 -7.07 15.59
N HIS C 464 51.11 -6.75 14.70
CA HIS C 464 50.91 -5.74 13.66
C HIS C 464 50.02 -6.25 12.54
N LEU C 465 50.16 -7.53 12.21
CA LEU C 465 49.31 -8.19 11.22
C LEU C 465 47.84 -8.22 11.60
N LEU C 466 47.54 -8.15 12.91
CA LEU C 466 46.17 -8.16 13.41
C LEU C 466 45.73 -6.82 14.03
N ASP C 467 46.39 -5.73 13.63
CA ASP C 467 45.98 -4.40 14.09
C ASP C 467 44.69 -4.04 13.36
N PRO C 468 43.58 -3.92 14.11
CA PRO C 468 42.30 -3.68 13.43
C PRO C 468 42.26 -2.38 12.60
N SER C 469 43.01 -1.37 13.03
CA SER C 469 43.12 -0.12 12.27
C SER C 469 43.57 -0.36 10.83
N SER C 470 44.38 -1.40 10.61
CA SER C 470 44.90 -1.70 9.30
C SER C 470 43.94 -2.44 8.39
N PHE C 471 42.74 -2.78 8.89
CA PHE C 471 41.69 -3.48 8.10
C PHE C 471 40.50 -2.62 7.69
N THR C 472 40.46 -1.38 8.18
CA THR C 472 39.31 -0.50 7.96
C THR C 472 39.32 0.19 6.59
N GLY C 473 40.27 -0.16 5.71
CA GLY C 473 40.31 0.44 4.39
C GLY C 473 40.38 1.94 4.51
N ARG C 474 39.59 2.64 3.69
CA ARG C 474 39.55 4.11 3.68
C ARG C 474 38.40 4.70 4.49
N ALA C 475 37.90 3.97 5.48
CA ALA C 475 36.69 4.40 6.16
C ALA C 475 36.85 5.82 6.72
N SER C 476 37.94 6.08 7.45
CA SER C 476 38.05 7.37 8.13
C SER C 476 38.22 8.54 7.17
N GLN C 477 38.97 8.30 6.10
CA GLN C 477 39.14 9.33 5.05
C GLN C 477 37.80 9.66 4.33
N GLN C 478 36.99 8.62 4.11
CA GLN C 478 35.68 8.78 3.49
C GLN C 478 34.79 9.69 4.34
N VAL C 479 34.82 9.52 5.66
CA VAL C 479 34.06 10.34 6.58
C VAL C 479 34.43 11.80 6.40
N GLN C 480 35.74 12.08 6.33
CA GLN C 480 36.24 13.48 6.27
C GLN C 480 35.80 14.16 4.98
N ARG C 481 36.01 13.46 3.86
CA ARG C 481 35.64 13.97 2.58
C ARG C 481 34.12 14.24 2.46
N PHE C 482 33.34 13.30 2.96
CA PHE C 482 31.87 13.39 2.91
C PHE C 482 31.33 14.58 3.70
N LEU C 483 31.78 14.72 4.95
CA LEU C 483 31.41 15.83 5.79
C LEU C 483 31.80 17.15 5.12
N GLU C 484 33.04 17.27 4.65
CA GLU C 484 33.51 18.53 4.04
C GLU C 484 32.84 18.85 2.70
N GLU C 485 32.73 17.85 1.82
CA GLU C 485 32.20 18.07 0.48
C GLU C 485 30.71 18.05 0.40
N GLU C 486 30.06 17.26 1.24
CA GLU C 486 28.65 17.08 1.08
C GLU C 486 27.84 17.59 2.25
N VAL C 487 28.21 17.23 3.48
CA VAL C 487 27.36 17.55 4.63
C VAL C 487 27.45 19.02 5.05
N TYR C 488 28.65 19.50 5.34
CA TYR C 488 28.79 20.86 5.85
C TYR C 488 28.17 21.90 4.94
N PRO C 489 28.39 21.78 3.63
CA PRO C 489 27.71 22.74 2.74
C PRO C 489 26.18 22.74 2.76
N LEU C 490 25.58 21.58 2.96
CA LEU C 490 24.16 21.47 3.12
C LEU C 490 23.65 22.11 4.40
N LEU C 491 24.42 22.00 5.48
CA LEU C 491 24.01 22.54 6.77
C LEU C 491 24.30 24.04 6.92
N LYS C 492 25.21 24.59 6.12
CA LYS C 492 25.64 26.00 6.28
C LYS C 492 24.44 26.98 6.34
N PRO C 493 23.48 26.88 5.43
CA PRO C 493 22.25 27.67 5.52
C PRO C 493 21.40 27.56 6.82
N TYR C 494 21.55 26.48 7.61
CA TYR C 494 20.83 26.33 8.90
C TYR C 494 21.55 26.79 10.16
N GLY D 27 10.51 -19.84 -27.11
CA GLY D 27 11.01 -19.30 -28.40
C GLY D 27 11.80 -18.01 -28.21
N ASP D 28 11.16 -16.88 -28.47
CA ASP D 28 11.68 -15.57 -28.09
C ASP D 28 11.07 -15.12 -26.74
N HIS D 29 9.80 -15.47 -26.49
CA HIS D 29 9.20 -15.26 -25.16
C HIS D 29 8.98 -16.59 -24.41
N GLY D 30 9.41 -17.70 -24.99
CA GLY D 30 9.41 -18.99 -24.30
C GLY D 30 8.21 -19.86 -24.64
N SER D 31 8.16 -21.06 -24.09
CA SER D 31 7.09 -21.99 -24.43
C SER D 31 5.82 -21.59 -23.67
N PRO D 32 4.65 -21.88 -24.27
CA PRO D 32 3.39 -21.63 -23.59
C PRO D 32 3.11 -22.59 -22.45
N ASP D 33 4.01 -23.53 -22.17
CA ASP D 33 3.84 -24.47 -21.07
C ASP D 33 4.35 -23.94 -19.72
N SER D 34 4.91 -22.72 -19.67
CA SER D 34 5.16 -22.08 -18.38
C SER D 34 4.65 -20.68 -18.37
N TYR D 35 4.54 -20.13 -17.19
CA TYR D 35 4.16 -18.75 -17.00
C TYR D 35 5.13 -17.87 -17.79
N ARG D 36 4.57 -16.90 -18.51
CA ARG D 36 5.35 -15.91 -19.24
C ARG D 36 4.84 -14.52 -18.85
N SER D 37 5.71 -13.64 -18.37
CA SER D 37 5.20 -12.33 -17.93
C SER D 37 4.49 -11.63 -19.07
N PRO D 38 3.23 -11.22 -18.84
CA PRO D 38 2.59 -10.37 -19.86
C PRO D 38 3.30 -9.04 -20.16
N LEU D 39 4.06 -8.51 -19.21
CA LEU D 39 4.79 -7.28 -19.48
C LEU D 39 5.75 -7.42 -20.68
N ALA D 40 6.39 -8.57 -20.81
CA ALA D 40 7.29 -8.90 -21.94
C ALA D 40 6.54 -9.38 -23.15
N SER D 41 5.54 -10.23 -22.90
CA SER D 41 4.89 -10.97 -23.97
CA SER D 41 4.87 -10.99 -23.94
C SER D 41 3.70 -10.25 -24.59
N ARG D 42 3.16 -9.25 -23.91
CA ARG D 42 1.96 -8.57 -24.34
C ARG D 42 2.11 -7.06 -24.35
N TYR D 43 2.86 -6.48 -23.41
CA TYR D 43 2.74 -5.04 -23.15
C TYR D 43 3.88 -4.09 -23.57
N ALA D 44 5.05 -4.30 -22.98
CA ALA D 44 6.14 -3.32 -23.10
C ALA D 44 6.77 -3.32 -24.49
N SER D 45 7.40 -2.19 -24.86
CA SER D 45 8.20 -2.15 -26.09
C SER D 45 9.41 -3.06 -26.06
N PRO D 46 9.87 -3.47 -27.24
CA PRO D 46 11.05 -4.31 -27.31
C PRO D 46 12.29 -3.60 -26.76
N GLU D 47 12.33 -2.27 -26.91
CA GLU D 47 13.44 -1.47 -26.40
C GLU D 47 13.54 -1.55 -24.89
N MET D 48 12.41 -1.36 -24.22
CA MET D 48 12.38 -1.46 -22.77
C MET D 48 12.61 -2.90 -22.35
N CYS D 49 12.00 -3.85 -23.03
CA CYS D 49 12.27 -5.27 -22.76
C CYS D 49 13.76 -5.61 -22.83
N PHE D 50 14.48 -5.02 -23.79
CA PHE D 50 15.89 -5.34 -23.98
C PHE D 50 16.74 -4.72 -22.87
N VAL D 51 16.38 -3.53 -22.40
CA VAL D 51 17.08 -2.92 -21.26
C VAL D 51 17.07 -3.80 -19.99
N PHE D 52 15.98 -4.54 -19.78
CA PHE D 52 15.86 -5.44 -18.65
C PHE D 52 16.12 -6.91 -18.99
N SER D 53 16.82 -7.12 -20.10
CA SER D 53 17.17 -8.46 -20.55
C SER D 53 18.47 -8.95 -19.94
N ASP D 54 18.62 -10.27 -19.91
CA ASP D 54 19.89 -10.87 -19.43
C ASP D 54 21.05 -10.56 -20.34
N ARG D 55 20.80 -10.52 -21.63
CA ARG D 55 21.86 -10.18 -22.56
C ARG D 55 22.44 -8.81 -22.26
N TYR D 56 21.55 -7.84 -22.02
CA TYR D 56 21.96 -6.47 -21.70
C TYR D 56 22.69 -6.43 -20.35
N LYS D 57 22.18 -7.21 -19.41
CA LYS D 57 22.72 -7.26 -18.08
C LYS D 57 24.13 -7.79 -18.12
N PHE D 58 24.33 -8.97 -18.70
CA PHE D 58 25.67 -9.61 -18.66
C PHE D 58 26.69 -8.95 -19.60
N ARG D 59 26.22 -8.38 -20.70
CA ARG D 59 27.05 -7.50 -21.51
C ARG D 59 27.60 -6.32 -20.67
N THR D 60 26.74 -5.72 -19.85
CA THR D 60 27.13 -4.57 -19.04
C THR D 60 28.14 -4.98 -17.97
N TRP D 61 27.97 -6.18 -17.43
CA TRP D 61 28.95 -6.73 -16.51
C TRP D 61 30.35 -6.71 -17.16
N ARG D 62 30.42 -7.19 -18.39
CA ARG D 62 31.70 -7.32 -19.08
C ARG D 62 32.22 -5.97 -19.50
N GLN D 63 31.31 -5.09 -19.89
CA GLN D 63 31.64 -3.69 -20.16
C GLN D 63 32.26 -3.01 -18.92
N LEU D 64 31.70 -3.27 -17.73
CA LEU D 64 32.27 -2.77 -16.48
C LEU D 64 33.63 -3.36 -16.18
N TRP D 65 33.75 -4.68 -16.36
CA TRP D 65 35.05 -5.34 -16.25
C TRP D 65 36.09 -4.76 -17.21
N LEU D 66 35.71 -4.38 -18.43
CA LEU D 66 36.66 -3.71 -19.35
C LEU D 66 37.08 -2.30 -18.87
N TRP D 67 36.09 -1.47 -18.53
CA TRP D 67 36.36 -0.18 -17.90
C TRP D 67 37.22 -0.28 -16.62
N LEU D 68 37.04 -1.32 -15.81
CA LEU D 68 37.84 -1.47 -14.60
C LEU D 68 39.30 -1.74 -14.99
N ALA D 69 39.51 -2.71 -15.87
CA ALA D 69 40.87 -3.02 -16.36
C ALA D 69 41.56 -1.85 -17.10
N GLU D 70 40.80 -1.13 -17.91
CA GLU D 70 41.32 0.05 -18.59
C GLU D 70 41.83 1.11 -17.61
N ALA D 71 41.03 1.42 -16.59
CA ALA D 71 41.35 2.47 -15.62
C ALA D 71 42.49 2.01 -14.73
N GLU D 72 42.44 0.76 -14.31
CA GLU D 72 43.49 0.19 -13.48
C GLU D 72 44.85 0.27 -14.18
N GLN D 73 44.83 0.09 -15.51
CA GLN D 73 46.04 0.22 -16.32
C GLN D 73 46.53 1.65 -16.38
N THR D 74 45.62 2.60 -16.63
CA THR D 74 45.96 4.02 -16.66
C THR D 74 46.61 4.44 -15.33
N LEU D 75 46.10 3.91 -14.23
CA LEU D 75 46.67 4.14 -12.90
C LEU D 75 47.88 3.25 -12.59
N GLY D 76 48.31 2.44 -13.55
CA GLY D 76 49.62 1.79 -13.49
C GLY D 76 49.66 0.35 -13.03
N LEU D 77 48.51 -0.28 -12.82
CA LEU D 77 48.48 -1.71 -12.45
C LEU D 77 49.02 -2.57 -13.62
N PRO D 78 49.37 -3.85 -13.35
CA PRO D 78 49.96 -4.74 -14.38
C PRO D 78 48.94 -5.35 -15.35
N ILE D 79 48.69 -4.66 -16.47
CA ILE D 79 47.60 -4.99 -17.39
C ILE D 79 47.94 -4.48 -18.77
N THR D 80 47.91 -5.36 -19.78
CA THR D 80 48.08 -4.94 -21.18
C THR D 80 46.75 -4.97 -21.93
N ILE D 84 43.44 -6.49 -22.22
CA ILE D 84 42.39 -5.49 -22.37
C ILE D 84 41.62 -5.72 -23.67
N ARG D 85 42.27 -6.33 -24.65
CA ARG D 85 41.69 -6.44 -25.98
C ARG D 85 40.94 -7.74 -26.25
N GLU D 86 41.34 -8.84 -25.61
CA GLU D 86 40.54 -10.07 -25.63
C GLU D 86 39.27 -9.94 -24.73
N MET D 87 39.28 -8.93 -23.85
CA MET D 87 38.11 -8.52 -23.07
C MET D 87 37.15 -7.72 -23.95
N LYS D 88 37.68 -6.71 -24.60
CA LYS D 88 36.94 -5.89 -25.54
C LYS D 88 36.45 -6.72 -26.73
N SER D 89 37.16 -7.82 -27.02
CA SER D 89 36.75 -8.77 -28.05
C SER D 89 35.49 -9.50 -27.64
N ASN D 90 35.46 -9.99 -26.41
CA ASN D 90 34.42 -10.89 -25.94
C ASN D 90 33.30 -10.25 -25.12
N LEU D 91 33.02 -8.96 -25.34
CA LEU D 91 31.94 -8.29 -24.58
C LEU D 91 30.55 -8.93 -24.81
N GLU D 92 30.32 -9.40 -26.04
CA GLU D 92 29.03 -9.97 -26.47
C GLU D 92 29.03 -11.51 -26.54
N ASN D 93 30.22 -12.10 -26.44
CA ASN D 93 30.42 -13.54 -26.61
C ASN D 93 30.09 -14.31 -25.31
N ILE D 94 28.82 -14.24 -24.94
CA ILE D 94 28.37 -14.76 -23.65
C ILE D 94 27.81 -16.15 -23.81
N ASP D 95 28.48 -17.10 -23.16
CA ASP D 95 28.08 -18.48 -23.18
C ASP D 95 27.12 -18.74 -22.01
N PHE D 96 25.84 -18.51 -22.27
CA PHE D 96 24.80 -18.65 -21.27
C PHE D 96 24.71 -20.07 -20.71
N LYS D 97 25.00 -21.06 -21.56
CA LYS D 97 24.99 -22.45 -21.10
C LYS D 97 26.03 -22.69 -19.99
N MET D 98 27.25 -22.25 -20.23
CA MET D 98 28.32 -22.36 -19.24
C MET D 98 27.96 -21.67 -17.93
N ALA D 99 27.61 -20.39 -18.03
CA ALA D 99 27.30 -19.57 -16.87
C ALA D 99 26.22 -20.18 -15.96
N ALA D 100 25.21 -20.80 -16.57
CA ALA D 100 24.13 -21.46 -15.81
C ALA D 100 24.67 -22.67 -15.03
N GLU D 101 25.63 -23.36 -15.64
CA GLU D 101 26.23 -24.55 -15.03
C GLU D 101 27.07 -24.13 -13.83
N GLU D 102 27.86 -23.07 -14.02
CA GLU D 102 28.66 -22.47 -12.95
C GLU D 102 27.80 -21.99 -11.78
N GLU D 103 26.67 -21.37 -12.10
CA GLU D 103 25.81 -20.84 -11.04
C GLU D 103 25.14 -21.96 -10.23
N LYS D 104 24.77 -23.05 -10.90
CA LYS D 104 24.22 -24.21 -10.18
C LYS D 104 25.27 -24.71 -9.20
N ARG D 105 26.50 -24.74 -9.68
CA ARG D 105 27.68 -25.25 -8.98
C ARG D 105 28.12 -24.38 -7.79
N LEU D 106 28.04 -23.05 -7.94
CA LEU D 106 28.48 -22.11 -6.91
C LEU D 106 27.33 -21.44 -6.18
N ARG D 107 26.14 -21.46 -6.79
CA ARG D 107 24.96 -20.74 -6.27
C ARG D 107 25.31 -19.27 -6.01
N HIS D 108 25.94 -18.65 -7.00
CA HIS D 108 26.38 -17.24 -6.91
C HIS D 108 26.50 -16.69 -8.33
N ASP D 109 25.57 -15.83 -8.73
CA ASP D 109 25.51 -15.38 -10.13
C ASP D 109 26.77 -14.66 -10.60
N VAL D 110 27.26 -13.71 -9.81
CA VAL D 110 28.46 -12.95 -10.21
C VAL D 110 29.68 -13.85 -10.32
N MET D 111 29.86 -14.75 -9.33
CA MET D 111 30.95 -15.77 -9.37
C MET D 111 30.95 -16.56 -10.68
N ALA D 112 29.76 -17.08 -11.01
CA ALA D 112 29.56 -17.83 -12.24
C ALA D 112 30.02 -17.06 -13.50
N HIS D 113 29.70 -15.77 -13.60
CA HIS D 113 30.13 -15.02 -14.82
C HIS D 113 31.58 -14.56 -14.86
N VAL D 114 32.24 -14.45 -13.70
CA VAL D 114 33.69 -14.22 -13.72
C VAL D 114 34.41 -15.47 -14.28
N HIS D 115 33.98 -16.66 -13.83
CA HIS D 115 34.62 -17.91 -14.30
C HIS D 115 34.42 -18.09 -15.82
N THR D 116 33.18 -17.83 -16.30
CA THR D 116 32.83 -17.95 -17.73
C THR D 116 33.58 -16.94 -18.61
N PHE D 117 33.51 -15.66 -18.24
CA PHE D 117 34.24 -14.62 -18.97
C PHE D 117 35.71 -14.95 -18.96
N GLY D 118 36.16 -15.53 -17.83
CA GLY D 118 37.53 -16.01 -17.68
C GLY D 118 37.86 -17.22 -18.55
N HIS D 119 36.88 -18.07 -18.80
CA HIS D 119 37.06 -19.21 -19.69
C HIS D 119 37.35 -18.71 -21.12
N CYS D 120 36.48 -17.86 -21.64
CA CYS D 120 36.71 -17.34 -22.99
C CYS D 120 37.78 -16.24 -23.03
N CYS D 121 38.22 -15.80 -21.85
CA CYS D 121 39.31 -14.83 -21.75
C CYS D 121 40.45 -15.43 -20.95
N PRO D 122 41.19 -16.37 -21.56
CA PRO D 122 42.28 -17.05 -20.88
C PRO D 122 43.45 -16.11 -20.56
N LYS D 123 43.73 -15.18 -21.49
CA LYS D 123 44.79 -14.20 -21.29
C LYS D 123 44.51 -13.18 -20.15
N ALA D 124 43.24 -13.01 -19.76
CA ALA D 124 42.89 -12.02 -18.73
C ALA D 124 42.22 -12.59 -17.47
N ALA D 125 41.97 -13.91 -17.45
CA ALA D 125 41.21 -14.51 -16.34
C ALA D 125 41.69 -14.00 -14.99
N GLY D 126 43.01 -13.99 -14.81
CA GLY D 126 43.64 -13.54 -13.57
C GLY D 126 43.35 -12.11 -13.16
N ILE D 127 43.19 -11.20 -14.13
CA ILE D 127 42.96 -9.76 -13.85
C ILE D 127 41.50 -9.26 -13.98
N ILE D 128 40.56 -10.14 -14.32
CA ILE D 128 39.13 -9.77 -14.36
C ILE D 128 38.62 -9.65 -12.93
N HIS D 129 37.86 -8.59 -12.63
CA HIS D 129 37.32 -8.37 -11.29
C HIS D 129 38.43 -8.05 -10.26
N LEU D 130 39.62 -7.66 -10.74
CA LEU D 130 40.80 -7.41 -9.89
C LEU D 130 40.53 -6.32 -8.86
N GLY D 131 40.27 -6.71 -7.61
CA GLY D 131 39.99 -5.76 -6.52
C GLY D 131 38.56 -5.64 -6.05
N ALA D 132 37.60 -6.07 -6.89
CA ALA D 132 36.18 -5.75 -6.73
C ALA D 132 35.36 -6.73 -5.87
N THR D 133 34.27 -6.25 -5.27
CA THR D 133 33.26 -7.11 -4.70
C THR D 133 32.25 -7.35 -5.85
N SER D 134 31.33 -8.29 -5.64
CA SER D 134 30.32 -8.61 -6.63
C SER D 134 29.48 -7.39 -7.08
N CYS D 135 29.15 -6.50 -6.15
CA CYS D 135 28.31 -5.34 -6.47
C CYS D 135 28.95 -4.34 -7.45
N TYR D 136 30.26 -4.44 -7.68
CA TYR D 136 30.90 -3.65 -8.71
C TYR D 136 30.22 -3.85 -10.09
N VAL D 137 29.90 -5.09 -10.46
CA VAL D 137 29.12 -5.31 -11.69
C VAL D 137 27.60 -5.30 -11.43
N GLY D 138 27.13 -5.96 -10.39
CA GLY D 138 25.70 -6.07 -10.13
C GLY D 138 25.02 -4.74 -9.94
N ASP D 139 25.61 -3.94 -9.05
CA ASP D 139 24.97 -2.71 -8.59
C ASP D 139 25.15 -1.57 -9.61
N ASN D 140 26.36 -1.40 -10.12
CA ASN D 140 26.55 -0.40 -11.16
C ASN D 140 25.72 -0.68 -12.41
N THR D 141 25.58 -1.96 -12.78
CA THR D 141 24.73 -2.32 -13.93
C THR D 141 23.27 -1.92 -13.66
N ASP D 142 22.78 -2.14 -12.44
CA ASP D 142 21.43 -1.75 -12.09
C ASP D 142 21.25 -0.23 -12.25
N LEU D 143 22.28 0.55 -11.91
CA LEU D 143 22.21 2.00 -12.04
C LEU D 143 22.23 2.41 -13.51
N ILE D 144 23.07 1.75 -14.31
CA ILE D 144 23.13 1.99 -15.76
C ILE D 144 21.74 1.69 -16.40
N ILE D 145 21.16 0.54 -16.03
CA ILE D 145 19.83 0.09 -16.50
C ILE D 145 18.74 1.09 -16.11
N LEU D 146 18.71 1.47 -14.84
CA LEU D 146 17.76 2.48 -14.38
C LEU D 146 17.85 3.76 -15.18
N ARG D 147 19.06 4.28 -15.32
CA ARG D 147 19.23 5.50 -16.10
C ARG D 147 18.86 5.33 -17.58
N ASN D 148 19.22 4.20 -18.20
CA ASN D 148 18.82 3.97 -19.59
C ASN D 148 17.30 3.82 -19.77
N ALA D 149 16.67 3.19 -18.79
CA ALA D 149 15.22 3.06 -18.75
C ALA D 149 14.57 4.44 -18.63
N LEU D 150 15.09 5.29 -17.75
CA LEU D 150 14.56 6.66 -17.67
C LEU D 150 14.73 7.40 -18.98
N ASP D 151 15.84 7.16 -19.67
CA ASP D 151 16.12 7.77 -20.95
C ASP D 151 15.23 7.29 -22.07
N LEU D 152 14.67 6.10 -21.94
CA LEU D 152 13.62 5.67 -22.88
C LEU D 152 12.28 6.34 -22.56
N LEU D 153 11.95 6.49 -21.29
CA LEU D 153 10.69 7.09 -20.88
C LEU D 153 10.59 8.59 -21.17
N LEU D 154 11.69 9.33 -21.04
CA LEU D 154 11.60 10.78 -21.12
C LEU D 154 11.09 11.31 -22.46
N PRO D 155 11.66 10.84 -23.58
CA PRO D 155 11.18 11.27 -24.91
C PRO D 155 9.74 10.88 -25.18
N LYS D 156 9.34 9.70 -24.68
CA LYS D 156 7.97 9.24 -24.80
C LYS D 156 7.02 10.17 -24.10
N LEU D 157 7.37 10.55 -22.87
CA LEU D 157 6.54 11.43 -22.09
C LEU D 157 6.49 12.79 -22.72
N ALA D 158 7.61 13.32 -23.18
CA ALA D 158 7.63 14.58 -23.89
C ALA D 158 6.75 14.58 -25.14
N ARG D 159 6.77 13.46 -25.88
CA ARG D 159 5.99 13.37 -27.08
C ARG D 159 4.49 13.40 -26.81
N VAL D 160 4.06 12.66 -25.79
CA VAL D 160 2.65 12.63 -25.38
C VAL D 160 2.19 14.06 -25.01
N ILE D 161 3.05 14.76 -24.27
CA ILE D 161 2.73 16.10 -23.80
C ILE D 161 2.55 16.99 -25.00
N SER D 162 3.47 16.85 -25.96
CA SER D 162 3.44 17.71 -27.15
C SER D 162 2.13 17.48 -27.94
N ARG D 163 1.74 16.22 -28.10
CA ARG D 163 0.52 15.88 -28.82
C ARG D 163 -0.69 16.40 -28.09
N LEU D 164 -0.69 16.27 -26.77
CA LEU D 164 -1.82 16.79 -25.99
C LEU D 164 -1.87 18.31 -26.04
N ALA D 165 -0.71 18.96 -26.07
CA ALA D 165 -0.67 20.43 -26.21
C ALA D 165 -1.29 20.90 -27.52
N ASP D 166 -1.04 20.15 -28.61
CA ASP D 166 -1.61 20.49 -29.91
C ASP D 166 -3.09 20.40 -29.84
N PHE D 167 -3.57 19.37 -29.17
CA PHE D 167 -5.00 19.19 -28.96
C PHE D 167 -5.58 20.29 -28.06
N ALA D 168 -4.91 20.65 -26.96
CA ALA D 168 -5.40 21.73 -26.10
C ALA D 168 -5.56 23.03 -26.85
N LYS D 169 -4.58 23.36 -27.67
CA LYS D 169 -4.63 24.60 -28.43
C LYS D 169 -5.75 24.54 -29.45
N GLU D 170 -5.89 23.40 -30.14
CA GLU D 170 -6.93 23.22 -31.11
C GLU D 170 -8.33 23.49 -30.53
N ARG D 171 -8.58 22.94 -29.37
CA ARG D 171 -9.87 22.99 -28.71
C ARG D 171 -9.91 24.01 -27.57
N ALA D 172 -8.98 24.94 -27.53
CA ALA D 172 -8.91 25.92 -26.40
C ALA D 172 -10.18 26.73 -26.18
N SER D 173 -10.94 27.01 -27.24
CA SER D 173 -12.15 27.82 -27.16
C SER D 173 -13.46 27.04 -27.32
N LEU D 174 -13.40 25.72 -27.32
CA LEU D 174 -14.60 24.87 -27.51
C LEU D 174 -15.27 24.71 -26.16
N PRO D 175 -16.42 25.37 -25.93
CA PRO D 175 -17.02 25.25 -24.60
C PRO D 175 -17.49 23.82 -24.31
N THR D 176 -17.42 23.44 -23.05
CA THR D 176 -17.86 22.14 -22.64
C THR D 176 -18.38 22.27 -21.21
N LEU D 177 -19.33 21.42 -20.83
CA LEU D 177 -19.91 21.47 -19.50
C LEU D 177 -18.84 21.20 -18.46
N GLY D 178 -18.69 22.08 -17.48
CA GLY D 178 -17.78 21.81 -16.37
C GLY D 178 -18.34 20.76 -15.46
N PHE D 179 -17.49 20.09 -14.69
CA PHE D 179 -17.98 19.07 -13.76
C PHE D 179 -17.28 19.11 -12.42
N THR D 180 -18.06 19.29 -11.34
CA THR D 180 -17.55 19.14 -9.98
C THR D 180 -18.56 18.23 -9.28
N HIS D 181 -18.04 17.28 -8.52
CA HIS D 181 -18.84 16.17 -8.03
C HIS D 181 -19.45 15.31 -9.19
N PHE D 182 -18.94 15.47 -10.43
CA PHE D 182 -19.56 14.94 -11.68
C PHE D 182 -21.00 15.43 -11.80
N GLN D 183 -21.19 16.67 -11.36
CA GLN D 183 -22.43 17.41 -11.61
C GLN D 183 -22.16 18.68 -12.44
N PRO D 184 -23.18 19.14 -13.18
CA PRO D 184 -22.98 20.30 -14.03
C PRO D 184 -22.48 21.50 -13.26
N ALA D 185 -21.50 22.14 -13.87
CA ALA D 185 -20.80 23.28 -13.27
C ALA D 185 -20.33 24.27 -14.35
N GLN D 186 -19.87 25.43 -13.89
CA GLN D 186 -19.48 26.55 -14.73
C GLN D 186 -18.68 26.08 -15.91
N LEU D 187 -19.07 26.49 -17.11
CA LEU D 187 -18.45 25.91 -18.31
C LEU D 187 -16.96 26.06 -18.36
N THR D 188 -16.31 25.01 -18.86
CA THR D 188 -14.89 25.09 -19.18
C THR D 188 -14.76 24.95 -20.69
N THR D 189 -13.56 24.68 -21.20
CA THR D 189 -13.41 24.36 -22.63
C THR D 189 -12.71 23.02 -22.70
N VAL D 190 -12.87 22.33 -23.81
CA VAL D 190 -12.21 21.04 -24.01
C VAL D 190 -10.69 21.17 -23.84
N GLY D 191 -10.13 22.22 -24.42
CA GLY D 191 -8.70 22.46 -24.33
C GLY D 191 -8.20 22.82 -22.94
N LYS D 192 -8.98 23.60 -22.18
CA LYS D 192 -8.62 23.96 -20.82
C LYS D 192 -8.62 22.69 -19.98
N ARG D 193 -9.62 21.84 -20.17
CA ARG D 193 -9.62 20.60 -19.41
C ARG D 193 -8.41 19.75 -19.77
N CYS D 194 -8.05 19.72 -21.04
CA CYS D 194 -6.85 18.98 -21.44
C CYS D 194 -5.59 19.51 -20.70
N CYS D 195 -5.55 20.79 -20.42
CA CYS D 195 -4.42 21.39 -19.68
C CYS D 195 -4.28 20.84 -18.27
N LEU D 196 -5.38 20.43 -17.67
CA LEU D 196 -5.29 19.77 -16.36
C LEU D 196 -4.43 18.48 -16.48
N TRP D 197 -4.66 17.75 -17.53
CA TRP D 197 -3.99 16.51 -17.82
C TRP D 197 -2.55 16.80 -18.16
N ILE D 198 -2.34 17.77 -19.05
CA ILE D 198 -0.97 18.17 -19.48
C ILE D 198 -0.11 18.58 -18.25
N GLN D 199 -0.68 19.40 -17.36
CA GLN D 199 0.11 19.89 -16.25
C GLN D 199 0.63 18.77 -15.39
N ASP D 200 -0.20 17.77 -15.09
CA ASP D 200 0.22 16.65 -14.24
C ASP D 200 1.36 15.90 -14.93
N LEU D 201 1.25 15.71 -16.25
CA LEU D 201 2.30 15.06 -17.02
C LEU D 201 3.59 15.88 -17.05
N CYS D 202 3.48 17.21 -17.17
CA CYS D 202 4.69 18.08 -17.10
C CYS D 202 5.40 17.94 -15.77
N MET D 203 4.64 17.83 -14.68
CA MET D 203 5.26 17.59 -13.36
C MET D 203 5.99 16.24 -13.35
N ASP D 204 5.40 15.24 -13.98
CA ASP D 204 6.06 13.93 -14.12
C ASP D 204 7.32 14.04 -14.92
N LEU D 205 7.26 14.77 -16.03
CA LEU D 205 8.46 14.95 -16.82
C LEU D 205 9.58 15.61 -16.01
N GLN D 206 9.25 16.61 -15.20
CA GLN D 206 10.26 17.30 -14.39
C GLN D 206 10.85 16.35 -13.39
N ASN D 207 9.97 15.53 -12.80
CA ASN D 207 10.38 14.52 -11.80
C ASN D 207 11.32 13.48 -12.38
N LEU D 208 10.92 12.87 -13.49
CA LEU D 208 11.72 11.85 -14.15
C LEU D 208 13.07 12.40 -14.59
N LYS D 209 13.10 13.64 -15.07
CA LYS D 209 14.36 14.24 -15.51
C LYS D 209 15.27 14.51 -14.29
N ARG D 210 14.68 14.96 -13.17
N ARG D 210 14.68 14.96 -13.17
CA ARG D 210 15.48 15.26 -11.98
CA ARG D 210 15.45 15.25 -11.96
C ARG D 210 16.14 13.99 -11.45
C ARG D 210 16.13 13.98 -11.46
N VAL D 211 15.35 12.92 -11.35
CA VAL D 211 15.85 11.64 -10.83
C VAL D 211 16.93 11.05 -11.74
N ARG D 212 16.74 11.14 -13.06
CA ARG D 212 17.76 10.72 -14.04
C ARG D 212 19.06 11.48 -13.89
N ASP D 213 18.95 12.80 -13.81
CA ASP D 213 20.12 13.65 -13.75
C ASP D 213 20.83 13.55 -12.41
N ASP D 214 20.07 13.30 -11.35
CA ASP D 214 20.63 13.23 -9.99
C ASP D 214 21.17 11.83 -9.63
N LEU D 215 20.94 10.81 -10.45
CA LEU D 215 21.43 9.44 -10.15
C LEU D 215 22.96 9.38 -10.14
N ARG D 216 23.50 8.87 -9.04
CA ARG D 216 24.92 8.77 -8.78
C ARG D 216 25.36 7.33 -8.99
N PHE D 217 26.60 7.16 -9.42
CA PHE D 217 27.20 5.85 -9.68
C PHE D 217 27.72 5.28 -8.36
N ARG D 218 27.64 3.96 -8.18
CA ARG D 218 28.26 3.34 -6.99
C ARG D 218 29.78 3.34 -7.10
N GLY D 219 30.28 3.13 -8.31
CA GLY D 219 31.70 3.07 -8.55
C GLY D 219 32.36 1.87 -7.87
N VAL D 220 33.61 2.06 -7.46
CA VAL D 220 34.41 1.02 -6.83
C VAL D 220 34.45 1.27 -5.33
N LYS D 221 33.90 0.34 -4.56
CA LYS D 221 33.68 0.56 -3.12
C LYS D 221 34.07 -0.61 -2.20
N GLY D 222 34.33 -1.80 -2.75
CA GLY D 222 34.72 -2.93 -1.92
C GLY D 222 33.53 -3.56 -1.23
N THR D 223 33.78 -4.67 -0.53
CA THR D 223 32.72 -5.46 0.11
C THR D 223 31.81 -4.72 1.08
N THR D 224 32.37 -3.88 1.93
CA THR D 224 31.56 -3.13 2.89
C THR D 224 31.59 -1.61 2.68
N GLY D 225 32.11 -1.16 1.55
CA GLY D 225 32.15 0.25 1.21
C GLY D 225 33.42 1.01 1.53
N THR D 226 34.43 0.30 2.07
CA THR D 226 35.61 0.92 2.63
C THR D 226 36.78 0.92 1.65
N GLN D 227 36.58 0.35 0.47
CA GLN D 227 37.66 0.25 -0.54
C GLN D 227 38.95 -0.42 -0.07
N ALA D 228 38.86 -1.28 0.95
CA ALA D 228 40.03 -1.93 1.53
C ALA D 228 40.87 -2.71 0.49
N SER D 229 40.22 -3.48 -0.38
CA SER D 229 40.94 -4.23 -1.42
C SER D 229 41.66 -3.33 -2.40
N PHE D 230 40.99 -2.29 -2.87
CA PHE D 230 41.64 -1.34 -3.77
C PHE D 230 42.82 -0.62 -3.12
N LEU D 231 42.62 -0.14 -1.88
CA LEU D 231 43.69 0.50 -1.12
C LEU D 231 44.93 -0.39 -1.08
N GLN D 232 44.72 -1.67 -0.77
CA GLN D 232 45.75 -2.71 -0.78
C GLN D 232 46.42 -2.85 -2.15
N LEU D 233 45.61 -3.09 -3.19
CA LEU D 233 46.10 -3.15 -4.56
C LEU D 233 46.98 -1.97 -4.96
N PHE D 234 46.58 -0.76 -4.56
CA PHE D 234 47.37 0.45 -4.84
C PHE D 234 48.41 0.78 -3.74
N GLU D 235 48.74 -0.24 -2.95
CA GLU D 235 49.75 -0.18 -1.92
C GLU D 235 49.60 1.07 -1.06
N GLY D 236 48.38 1.31 -0.58
CA GLY D 236 48.12 2.41 0.34
C GLY D 236 47.89 3.78 -0.29
N ASP D 237 47.85 3.85 -1.61
CA ASP D 237 47.67 5.14 -2.30
C ASP D 237 46.18 5.51 -2.42
N ASP D 238 45.67 6.19 -1.39
CA ASP D 238 44.28 6.75 -1.39
C ASP D 238 43.92 7.55 -2.65
N HIS D 239 44.85 8.37 -3.12
CA HIS D 239 44.58 9.22 -4.25
C HIS D 239 44.17 8.41 -5.47
N LYS D 240 44.88 7.33 -5.70
CA LYS D 240 44.66 6.44 -6.83
C LYS D 240 43.32 5.72 -6.71
N VAL D 241 42.96 5.35 -5.49
CA VAL D 241 41.61 4.77 -5.25
C VAL D 241 40.50 5.76 -5.61
N GLU D 242 40.63 7.00 -5.15
CA GLU D 242 39.72 8.06 -5.53
C GLU D 242 39.69 8.27 -7.04
N GLN D 243 40.86 8.26 -7.67
CA GLN D 243 40.97 8.41 -9.12
C GLN D 243 40.26 7.28 -9.87
N LEU D 244 40.55 6.05 -9.48
CA LEU D 244 39.89 4.88 -10.05
C LEU D 244 38.37 5.04 -10.02
N ASP D 245 37.85 5.47 -8.88
CA ASP D 245 36.44 5.63 -8.68
C ASP D 245 35.91 6.69 -9.64
N LYS D 246 36.63 7.81 -9.75
CA LYS D 246 36.30 8.88 -10.68
C LYS D 246 36.30 8.37 -12.12
N MET D 247 37.31 7.57 -12.46
CA MET D 247 37.47 7.08 -13.82
C MET D 247 36.40 6.14 -14.31
N VAL D 248 36.06 5.13 -13.50
CA VAL D 248 34.98 4.20 -13.90
C VAL D 248 33.63 4.87 -14.00
N THR D 249 33.37 5.83 -13.10
CA THR D 249 32.20 6.65 -13.14
C THR D 249 32.09 7.45 -14.42
N GLU D 250 33.23 8.00 -14.84
CA GLU D 250 33.21 8.85 -16.02
CA GLU D 250 33.33 8.83 -16.04
C GLU D 250 33.04 7.96 -17.25
N LYS D 251 33.74 6.83 -17.29
CA LYS D 251 33.55 5.81 -18.34
C LYS D 251 32.11 5.32 -18.49
N ALA D 252 31.41 5.15 -17.37
CA ALA D 252 30.01 4.76 -17.40
C ALA D 252 29.07 5.93 -17.76
N GLY D 253 29.62 7.12 -18.03
CA GLY D 253 28.81 8.24 -18.44
C GLY D 253 28.06 8.96 -17.33
N PHE D 254 28.48 8.73 -16.08
CA PHE D 254 27.88 9.40 -14.91
C PHE D 254 28.77 10.60 -14.54
N LYS D 255 28.13 11.66 -14.03
CA LYS D 255 28.84 12.87 -13.58
C LYS D 255 29.40 12.67 -12.19
N ARG D 256 28.80 11.80 -11.39
CA ARG D 256 29.06 11.79 -9.96
C ARG D 256 28.89 10.40 -9.35
N ALA D 257 29.85 9.99 -8.54
CA ALA D 257 29.76 8.76 -7.76
C ALA D 257 29.46 9.15 -6.32
N PHE D 258 28.86 8.22 -5.57
CA PHE D 258 28.78 8.34 -4.11
C PHE D 258 30.21 8.38 -3.51
N ILE D 259 30.39 9.17 -2.44
CA ILE D 259 31.56 9.02 -1.57
C ILE D 259 31.27 7.87 -0.59
N ILE D 260 30.05 7.90 -0.04
CA ILE D 260 29.56 6.99 0.99
C ILE D 260 28.68 5.91 0.43
N THR D 261 29.08 4.66 0.70
CA THR D 261 28.21 3.49 0.51
C THR D 261 28.55 2.45 1.57
N GLY D 262 27.65 1.50 1.77
CA GLY D 262 28.01 0.21 2.35
C GLY D 262 28.43 -0.65 1.18
N GLN D 263 27.94 -1.87 1.14
CA GLN D 263 28.27 -2.75 0.00
C GLN D 263 27.58 -2.27 -1.27
N THR D 264 26.43 -1.64 -1.12
CA THR D 264 25.57 -1.25 -2.25
C THR D 264 25.29 0.24 -2.22
N TYR D 265 24.86 0.81 -3.35
CA TYR D 265 24.23 2.13 -3.30
C TYR D 265 23.02 2.08 -2.37
N THR D 266 22.72 3.18 -1.70
CA THR D 266 21.58 3.21 -0.76
C THR D 266 20.27 2.90 -1.46
N ARG D 267 19.56 1.95 -0.90
CA ARG D 267 18.30 1.52 -1.52
C ARG D 267 17.21 2.60 -1.45
N LYS D 268 17.50 3.71 -0.74
CA LYS D 268 16.69 4.91 -0.84
C LYS D 268 16.57 5.35 -2.29
N VAL D 269 17.62 5.12 -3.08
CA VAL D 269 17.59 5.44 -4.53
C VAL D 269 16.42 4.77 -5.23
N ASP D 270 16.17 3.49 -4.90
CA ASP D 270 15.07 2.77 -5.56
C ASP D 270 13.70 3.34 -5.18
N ILE D 271 13.58 3.86 -3.95
CA ILE D 271 12.38 4.55 -3.53
C ILE D 271 12.20 5.81 -4.40
N GLU D 272 13.28 6.55 -4.63
CA GLU D 272 13.15 7.86 -5.31
C GLU D 272 12.66 7.61 -6.73
N VAL D 273 13.24 6.61 -7.39
CA VAL D 273 12.86 6.23 -8.75
C VAL D 273 11.41 5.69 -8.87
N LEU D 274 11.05 4.69 -8.06
CA LEU D 274 9.71 4.10 -8.15
C LEU D 274 8.60 5.06 -7.66
N SER D 275 8.94 5.99 -6.75
CA SER D 275 7.98 6.99 -6.30
C SER D 275 7.58 7.91 -7.43
N VAL D 276 8.54 8.32 -8.25
CA VAL D 276 8.21 9.22 -9.41
C VAL D 276 7.40 8.44 -10.42
N LEU D 277 7.67 7.15 -10.58
CA LEU D 277 6.80 6.31 -11.47
C LEU D 277 5.39 6.12 -10.92
N ALA D 278 5.26 5.90 -9.61
CA ALA D 278 3.98 5.76 -8.96
C ALA D 278 3.13 7.01 -9.17
N SER D 279 3.77 8.18 -9.06
CA SER D 279 3.06 9.44 -9.23
C SER D 279 2.61 9.63 -10.67
N LEU D 280 3.44 9.21 -11.62
CA LEU D 280 3.07 9.13 -13.02
C LEU D 280 1.86 8.26 -13.24
N GLY D 281 1.82 7.12 -12.57
CA GLY D 281 0.64 6.28 -12.67
C GLY D 281 -0.60 6.96 -12.18
N ALA D 282 -0.49 7.67 -11.04
CA ALA D 282 -1.67 8.41 -10.56
C ALA D 282 -2.18 9.42 -11.60
N SER D 283 -1.26 10.17 -12.26
CA SER D 283 -1.63 11.18 -13.30
C SER D 283 -2.40 10.48 -14.41
N VAL D 284 -1.84 9.40 -14.89
CA VAL D 284 -2.38 8.69 -16.04
C VAL D 284 -3.71 8.05 -15.70
N HIS D 285 -3.86 7.57 -14.47
CA HIS D 285 -5.10 6.94 -14.06
C HIS D 285 -6.21 7.98 -14.06
N LYS D 286 -5.85 9.18 -13.61
CA LYS D 286 -6.85 10.27 -13.54
C LYS D 286 -7.26 10.67 -14.95
N ILE D 287 -6.27 10.88 -15.82
CA ILE D 287 -6.51 11.35 -17.16
C ILE D 287 -7.38 10.32 -17.89
N CYS D 288 -6.99 9.05 -17.80
CA CYS D 288 -7.72 8.01 -18.52
C CYS D 288 -9.11 7.72 -17.94
N THR D 289 -9.28 7.94 -16.63
CA THR D 289 -10.62 7.93 -16.02
C THR D 289 -11.47 9.06 -16.65
N ASP D 290 -10.93 10.27 -16.75
CA ASP D 290 -11.70 11.38 -17.35
C ASP D 290 -12.10 10.98 -18.78
N ILE D 291 -11.17 10.42 -19.56
CA ILE D 291 -11.49 10.06 -20.94
C ILE D 291 -12.62 9.00 -20.99
N ARG D 292 -12.56 8.01 -20.11
CA ARG D 292 -13.63 7.00 -20.03
C ARG D 292 -14.98 7.57 -19.70
N LEU D 293 -15.02 8.56 -18.79
CA LEU D 293 -16.24 9.26 -18.50
C LEU D 293 -16.75 10.08 -19.68
N LEU D 294 -15.85 10.80 -20.34
CA LEU D 294 -16.24 11.56 -21.50
C LEU D 294 -16.75 10.61 -22.62
N ALA D 295 -16.19 9.41 -22.67
CA ALA D 295 -16.61 8.41 -23.62
C ALA D 295 -18.01 7.94 -23.33
N ASN D 296 -18.37 7.70 -22.06
CA ASN D 296 -19.77 7.46 -21.72
C ASN D 296 -20.72 8.57 -22.17
N LEU D 297 -20.29 9.80 -21.99
CA LEU D 297 -21.13 10.94 -22.35
C LEU D 297 -21.21 11.23 -23.85
N LYS D 298 -20.45 10.45 -24.65
CA LYS D 298 -20.29 10.58 -26.08
C LYS D 298 -19.65 11.90 -26.56
N GLU D 299 -18.91 12.57 -25.67
CA GLU D 299 -18.24 13.83 -25.98
C GLU D 299 -16.89 13.57 -26.60
N MET D 300 -16.28 12.41 -26.29
CA MET D 300 -14.95 12.01 -26.77
C MET D 300 -14.96 10.51 -27.09
N GLU D 301 -14.08 10.08 -28.00
CA GLU D 301 -13.93 8.66 -28.30
C GLU D 301 -12.46 8.38 -28.65
N GLU D 302 -11.98 7.20 -28.29
CA GLU D 302 -10.60 6.79 -28.61
C GLU D 302 -10.47 6.65 -30.11
N PRO D 303 -9.25 6.78 -30.64
CA PRO D 303 -9.14 6.77 -32.11
C PRO D 303 -9.71 5.57 -32.82
N PHE D 304 -10.22 5.83 -34.02
CA PHE D 304 -10.65 4.79 -34.94
C PHE D 304 -9.44 3.96 -35.37
N PRO D 315 -18.98 -2.55 -34.80
CA PRO D 315 -20.16 -2.51 -33.92
C PRO D 315 -20.59 -1.12 -33.50
N TYR D 316 -21.83 -1.02 -33.02
CA TYR D 316 -22.34 0.21 -32.50
C TYR D 316 -21.57 0.62 -31.22
N LYS D 317 -21.43 -0.34 -30.32
CA LYS D 317 -20.80 -0.10 -29.01
C LYS D 317 -19.31 0.20 -29.20
N ARG D 318 -18.87 1.38 -28.72
CA ARG D 318 -17.47 1.83 -28.69
C ARG D 318 -16.94 1.93 -27.24
N ASN D 319 -16.00 1.07 -26.88
CA ASN D 319 -15.42 0.99 -25.53
C ASN D 319 -13.99 1.58 -25.45
N PRO D 320 -13.74 2.44 -24.45
CA PRO D 320 -12.44 3.11 -24.30
C PRO D 320 -11.41 2.17 -23.68
N MET D 321 -11.08 1.13 -24.43
CA MET D 321 -10.31 0.01 -23.88
C MET D 321 -8.86 0.37 -23.64
N ARG D 322 -8.30 1.27 -24.45
CA ARG D 322 -6.90 1.67 -24.22
C ARG D 322 -6.78 2.44 -22.90
N SER D 323 -7.76 3.31 -22.63
CA SER D 323 -7.79 4.08 -21.41
C SER D 323 -8.02 3.15 -20.23
N GLU D 324 -8.87 2.14 -20.43
CA GLU D 324 -9.07 1.15 -19.34
C GLU D 324 -7.76 0.40 -19.03
N ARG D 325 -7.01 0.01 -20.05
CA ARG D 325 -5.73 -0.69 -19.88
C ARG D 325 -4.71 0.21 -19.18
N CYS D 326 -4.62 1.47 -19.59
CA CYS D 326 -3.73 2.43 -18.92
C CYS D 326 -4.04 2.53 -17.44
N CYS D 327 -5.33 2.62 -17.05
CA CYS D 327 -5.72 2.67 -15.65
C CYS D 327 -5.28 1.37 -14.91
N SER D 328 -5.59 0.25 -15.53
CA SER D 328 -5.18 -1.07 -14.97
C SER D 328 -3.68 -1.16 -14.65
N LEU D 329 -2.87 -0.74 -15.63
CA LEU D 329 -1.41 -0.76 -15.47
C LEU D 329 -0.89 0.34 -14.54
N ALA D 330 -1.44 1.56 -14.65
CA ALA D 330 -1.08 2.65 -13.76
C ALA D 330 -1.27 2.25 -12.29
N ARG D 331 -2.34 1.52 -12.04
CA ARG D 331 -2.64 1.00 -10.72
C ARG D 331 -1.51 0.10 -10.16
N HIS D 332 -0.99 -0.77 -11.00
CA HIS D 332 0.13 -1.62 -10.58
C HIS D 332 1.37 -0.78 -10.31
N LEU D 333 1.56 0.29 -11.10
CA LEU D 333 2.69 1.17 -10.90
C LEU D 333 2.60 1.83 -9.51
N MET D 334 1.40 2.23 -9.07
CA MET D 334 1.24 2.80 -7.71
C MET D 334 1.48 1.75 -6.62
N THR D 335 0.89 0.57 -6.81
CA THR D 335 1.11 -0.54 -5.92
C THR D 335 2.59 -0.79 -5.65
N LEU D 336 3.38 -0.79 -6.70
CA LEU D 336 4.78 -1.20 -6.57
C LEU D 336 5.63 -0.31 -5.69
N VAL D 337 5.18 0.89 -5.33
CA VAL D 337 6.04 1.81 -4.56
C VAL D 337 6.25 1.24 -3.15
N MET D 338 5.32 0.40 -2.70
CA MET D 338 5.48 -0.21 -1.38
C MET D 338 6.65 -1.19 -1.29
N ASP D 339 7.10 -1.74 -2.43
CA ASP D 339 8.25 -2.68 -2.41
C ASP D 339 9.55 -2.00 -1.97
N PRO D 340 10.02 -0.97 -2.72
CA PRO D 340 11.25 -0.30 -2.31
C PRO D 340 11.19 0.45 -0.97
N LEU D 341 10.03 0.97 -0.61
CA LEU D 341 9.84 1.56 0.71
C LEU D 341 10.14 0.52 1.83
N GLN D 342 9.50 -0.64 1.78
CA GLN D 342 9.74 -1.72 2.75
C GLN D 342 11.21 -2.22 2.71
N THR D 343 11.72 -2.44 1.50
CA THR D 343 13.10 -2.93 1.33
C THR D 343 14.13 -2.04 2.03
N ALA D 344 14.09 -0.75 1.77
CA ALA D 344 15.07 0.16 2.35
C ALA D 344 14.96 0.18 3.87
N SER D 345 13.72 0.04 4.37
CA SER D 345 13.41 0.24 5.77
C SER D 345 14.04 -0.87 6.64
N VAL D 346 14.26 -2.03 6.02
CA VAL D 346 14.79 -3.21 6.75
C VAL D 346 16.17 -3.73 6.27
N GLN D 347 16.87 -2.93 5.46
CA GLN D 347 18.28 -3.17 5.14
C GLN D 347 19.14 -3.01 6.42
N TRP D 348 19.84 -4.04 6.85
CA TRP D 348 20.66 -3.95 8.07
C TRP D 348 22.12 -3.64 7.76
N PHE D 349 22.66 -2.65 8.45
CA PHE D 349 24.09 -2.27 8.34
C PHE D 349 24.54 -2.08 6.88
N GLU D 350 25.62 -2.73 6.47
CA GLU D 350 26.23 -2.48 5.17
C GLU D 350 25.57 -3.21 3.98
N ARG D 351 24.61 -4.07 4.30
CA ARG D 351 23.51 -4.53 3.45
C ARG D 351 23.08 -5.94 3.85
N THR D 352 21.82 -6.25 3.57
CA THR D 352 21.30 -7.60 3.69
C THR D 352 20.76 -8.01 2.33
N LEU D 353 20.79 -9.30 2.04
CA LEU D 353 20.53 -9.80 0.70
C LEU D 353 19.04 -9.95 0.43
N ASP D 354 18.20 -9.56 1.41
CA ASP D 354 16.74 -9.58 1.22
C ASP D 354 16.20 -8.47 0.27
N ASP D 355 17.10 -7.63 -0.26
CA ASP D 355 16.74 -6.73 -1.35
C ASP D 355 16.72 -7.36 -2.73
N SER D 356 17.45 -8.46 -2.89
CA SER D 356 17.86 -8.90 -4.23
C SER D 356 16.70 -9.44 -5.08
N ALA D 357 15.98 -10.43 -4.56
CA ALA D 357 14.89 -11.03 -5.35
C ALA D 357 13.80 -9.99 -5.65
N ASN D 358 13.50 -9.20 -4.63
CA ASN D 358 12.47 -8.17 -4.74
C ASN D 358 12.79 -7.18 -5.87
N ARG D 359 14.00 -6.65 -5.84
CA ARG D 359 14.45 -5.73 -6.91
C ARG D 359 14.42 -6.35 -8.31
N ARG D 360 14.75 -7.64 -8.46
CA ARG D 360 14.64 -8.30 -9.77
C ARG D 360 13.23 -8.16 -10.35
N ILE D 361 12.24 -8.20 -9.47
CA ILE D 361 10.85 -8.11 -9.88
C ILE D 361 10.43 -6.64 -10.07
N CYS D 362 10.53 -5.84 -9.00
CA CYS D 362 9.82 -4.58 -9.00
C CYS D 362 10.45 -3.51 -9.86
N LEU D 363 11.75 -3.50 -9.98
CA LEU D 363 12.39 -2.45 -10.75
C LEU D 363 12.07 -2.60 -12.26
N ALA D 364 12.29 -3.80 -12.81
CA ALA D 364 11.91 -4.10 -14.21
C ALA D 364 10.44 -3.89 -14.45
N GLU D 365 9.61 -4.45 -13.56
CA GLU D 365 8.16 -4.37 -13.77
C GLU D 365 7.67 -2.92 -13.74
N ALA D 366 8.27 -2.09 -12.90
CA ALA D 366 7.83 -0.70 -12.80
C ALA D 366 8.09 0.00 -14.13
N PHE D 367 9.29 -0.20 -14.68
CA PHE D 367 9.65 0.49 -15.90
C PHE D 367 8.91 -0.08 -17.11
N LEU D 368 8.72 -1.40 -17.16
CA LEU D 368 7.97 -2.02 -18.26
C LEU D 368 6.51 -1.61 -18.25
N THR D 369 5.95 -1.48 -17.05
CA THR D 369 4.60 -0.94 -16.89
C THR D 369 4.50 0.50 -17.36
N ALA D 370 5.40 1.36 -16.90
CA ALA D 370 5.42 2.77 -17.29
C ALA D 370 5.63 2.94 -18.78
N ASP D 371 6.54 2.14 -19.37
CA ASP D 371 6.72 2.11 -20.83
C ASP D 371 5.40 1.86 -21.56
N THR D 372 4.71 0.82 -21.14
CA THR D 372 3.40 0.44 -21.76
C THR D 372 2.38 1.57 -21.64
N ILE D 373 2.28 2.18 -20.48
CA ILE D 373 1.30 3.23 -20.33
C ILE D 373 1.60 4.41 -21.24
N LEU D 374 2.86 4.77 -21.38
CA LEU D 374 3.21 5.89 -22.23
C LEU D 374 2.97 5.60 -23.71
N ASN D 375 3.37 4.42 -24.15
CA ASN D 375 3.09 3.95 -25.49
C ASN D 375 1.60 3.99 -25.77
N THR D 376 0.79 3.50 -24.82
CA THR D 376 -0.65 3.42 -25.04
C THR D 376 -1.29 4.80 -25.05
N LEU D 377 -0.87 5.65 -24.13
CA LEU D 377 -1.39 7.00 -24.05
C LEU D 377 -1.04 7.82 -25.30
N GLN D 378 0.14 7.59 -25.84
CA GLN D 378 0.54 8.21 -27.12
C GLN D 378 -0.48 7.83 -28.20
N ASN D 379 -0.83 6.54 -28.22
CA ASN D 379 -1.75 6.04 -29.22
C ASN D 379 -3.16 6.62 -29.06
N ILE D 380 -3.58 6.79 -27.81
CA ILE D 380 -4.88 7.44 -27.49
C ILE D 380 -4.86 8.89 -28.00
N SER D 381 -3.77 9.60 -27.79
CA SER D 381 -3.67 11.02 -28.22
C SER D 381 -3.73 11.20 -29.75
N GLU D 382 -3.29 10.19 -30.47
CA GLU D 382 -3.17 10.23 -31.90
C GLU D 382 -4.47 9.88 -32.63
N GLY D 383 -5.27 10.88 -32.94
CA GLY D 383 -6.61 10.61 -33.49
C GLY D 383 -7.72 10.64 -32.44
N LEU D 384 -7.46 11.18 -31.26
CA LEU D 384 -8.49 11.34 -30.23
C LEU D 384 -9.70 12.10 -30.82
N VAL D 385 -10.92 11.60 -30.62
CA VAL D 385 -12.08 12.10 -31.36
C VAL D 385 -13.01 12.89 -30.43
N VAL D 386 -13.42 14.07 -30.90
CA VAL D 386 -14.30 14.93 -30.15
C VAL D 386 -15.59 15.07 -30.94
N TYR D 387 -16.73 15.13 -30.25
CA TYR D 387 -18.02 15.32 -30.90
C TYR D 387 -18.68 16.65 -30.46
N PRO D 388 -18.36 17.74 -31.13
CA PRO D 388 -18.91 19.03 -30.68
C PRO D 388 -20.43 19.14 -30.58
N LYS D 389 -21.16 18.41 -31.43
CA LYS D 389 -22.61 18.56 -31.46
C LYS D 389 -23.24 17.90 -30.23
N VAL D 390 -22.57 16.87 -29.71
CA VAL D 390 -22.95 16.18 -28.47
C VAL D 390 -22.69 17.10 -27.28
N ILE D 391 -21.49 17.65 -27.28
CA ILE D 391 -21.08 18.63 -26.25
C ILE D 391 -22.06 19.81 -26.20
N GLU D 392 -22.40 20.34 -27.38
CA GLU D 392 -23.36 21.45 -27.54
C GLU D 392 -24.74 21.09 -26.99
N ARG D 393 -25.22 19.92 -27.35
CA ARG D 393 -26.56 19.52 -26.89
C ARG D 393 -26.59 19.45 -25.36
N ARG D 394 -25.56 18.89 -24.73
CA ARG D 394 -25.53 18.77 -23.26
C ARG D 394 -25.45 20.15 -22.57
N ILE D 395 -24.64 21.05 -23.10
CA ILE D 395 -24.64 22.43 -22.64
C ILE D 395 -26.05 23.04 -22.77
N ARG D 396 -26.72 22.81 -23.90
CA ARG D 396 -28.12 23.31 -24.05
C ARG D 396 -29.05 22.78 -22.95
N GLN D 397 -28.83 21.55 -22.52
CA GLN D 397 -29.67 20.96 -21.48
C GLN D 397 -29.37 21.49 -20.09
N GLU D 398 -28.13 21.89 -19.84
CA GLU D 398 -27.71 22.26 -18.50
C GLU D 398 -27.49 23.76 -18.32
N LEU D 399 -26.92 24.44 -19.32
CA LEU D 399 -26.66 25.87 -19.14
C LEU D 399 -27.83 26.76 -18.64
N PRO D 400 -29.08 26.54 -19.11
CA PRO D 400 -30.14 27.48 -18.68
C PRO D 400 -30.26 27.61 -17.14
N PHE D 401 -30.02 26.52 -16.45
CA PHE D 401 -30.08 26.54 -15.00
C PHE D 401 -28.95 27.35 -14.40
N MET D 402 -27.84 27.48 -15.12
CA MET D 402 -26.72 28.28 -14.65
C MET D 402 -26.74 29.71 -15.21
N ALA D 403 -27.73 30.01 -16.07
CA ALA D 403 -27.82 31.31 -16.74
C ALA D 403 -28.80 32.26 -16.04
N THR D 404 -29.52 31.78 -15.04
CA THR D 404 -30.63 32.56 -14.46
C THR D 404 -30.12 33.82 -13.74
N GLU D 405 -28.93 33.77 -13.16
CA GLU D 405 -28.38 35.01 -12.56
C GLU D 405 -28.12 36.09 -13.61
N ASN D 406 -27.57 35.71 -14.76
CA ASN D 406 -27.41 36.69 -15.84
C ASN D 406 -28.71 37.26 -16.42
N ILE D 407 -29.75 36.43 -16.49
CA ILE D 407 -31.09 36.89 -16.91
C ILE D 407 -31.70 37.86 -15.90
N ILE D 408 -31.56 37.54 -14.62
CA ILE D 408 -31.98 38.47 -13.55
C ILE D 408 -31.24 39.81 -13.70
N MET D 409 -29.93 39.77 -13.87
CA MET D 409 -29.14 41.01 -14.03
C MET D 409 -29.61 41.84 -15.23
N ALA D 410 -29.97 41.17 -16.32
CA ALA D 410 -30.45 41.86 -17.52
C ALA D 410 -31.82 42.52 -17.28
N MET D 411 -32.65 41.88 -16.47
CA MET D 411 -33.94 42.41 -16.10
C MET D 411 -33.87 43.59 -15.12
N VAL D 412 -33.02 43.48 -14.12
CA VAL D 412 -32.76 44.58 -13.21
C VAL D 412 -32.31 45.81 -14.01
N LYS D 413 -31.33 45.60 -14.88
CA LYS D 413 -30.82 46.63 -15.79
C LYS D 413 -31.96 47.27 -16.58
N ALA D 414 -32.94 46.46 -16.95
CA ALA D 414 -34.14 46.96 -17.60
C ALA D 414 -35.15 47.61 -16.62
N GLY D 415 -34.73 47.81 -15.36
CA GLY D 415 -35.55 48.47 -14.34
C GLY D 415 -36.53 47.57 -13.56
N GLY D 416 -36.15 46.31 -13.32
CA GLY D 416 -36.99 45.38 -12.56
C GLY D 416 -36.46 45.17 -11.16
N SER D 417 -37.26 44.53 -10.28
CA SER D 417 -36.78 44.20 -8.94
C SER D 417 -35.95 42.93 -9.01
N ARG D 418 -34.77 42.96 -8.39
CA ARG D 418 -33.93 41.79 -8.24
C ARG D 418 -34.69 40.66 -7.55
N GLN D 419 -35.24 40.98 -6.38
CA GLN D 419 -36.03 40.03 -5.60
C GLN D 419 -37.22 39.46 -6.36
N ASP D 420 -38.03 40.33 -6.96
CA ASP D 420 -39.22 39.88 -7.70
C ASP D 420 -38.84 38.93 -8.82
N CYS D 421 -37.85 39.34 -9.61
CA CYS D 421 -37.42 38.59 -10.80
C CYS D 421 -36.90 37.21 -10.40
N HIS D 422 -36.13 37.18 -9.32
CA HIS D 422 -35.68 35.92 -8.74
C HIS D 422 -36.83 34.95 -8.47
N GLU D 423 -37.90 35.44 -7.83
CA GLU D 423 -39.07 34.63 -7.53
C GLU D 423 -39.69 34.08 -8.80
N LYS D 424 -39.83 34.93 -9.80
CA LYS D 424 -40.52 34.53 -11.03
C LYS D 424 -39.70 33.47 -11.78
N ILE D 425 -38.41 33.70 -11.89
CA ILE D 425 -37.53 32.76 -12.63
C ILE D 425 -37.39 31.43 -11.87
N ARG D 426 -37.52 31.49 -10.54
CA ARG D 426 -37.45 30.31 -9.70
C ARG D 426 -38.63 29.40 -10.02
N VAL D 427 -39.83 29.95 -10.18
CA VAL D 427 -40.98 29.09 -10.50
C VAL D 427 -40.79 28.43 -11.89
N LEU D 428 -40.28 29.19 -12.87
CA LEU D 428 -40.09 28.62 -14.19
C LEU D 428 -39.00 27.55 -14.15
N SER D 429 -37.95 27.79 -13.35
CA SER D 429 -36.85 26.82 -13.25
C SER D 429 -37.29 25.51 -12.62
N GLN D 430 -38.17 25.59 -11.64
CA GLN D 430 -38.73 24.38 -11.03
C GLN D 430 -39.62 23.63 -11.98
N GLN D 431 -40.39 24.34 -12.79
CA GLN D 431 -41.20 23.67 -13.79
C GLN D 431 -40.29 22.90 -14.75
N ALA D 432 -39.24 23.56 -15.24
CA ALA D 432 -38.31 22.96 -16.18
C ALA D 432 -37.61 21.76 -15.54
N ALA D 433 -37.16 21.91 -14.30
CA ALA D 433 -36.50 20.80 -13.61
C ALA D 433 -37.44 19.58 -13.49
N SER D 434 -38.74 19.85 -13.30
CA SER D 434 -39.70 18.73 -13.17
C SER D 434 -39.89 18.06 -14.49
N VAL D 435 -39.94 18.82 -15.57
CA VAL D 435 -40.00 18.22 -16.89
C VAL D 435 -38.83 17.25 -17.06
N VAL D 436 -37.62 17.72 -16.77
CA VAL D 436 -36.40 16.93 -16.91
C VAL D 436 -36.42 15.70 -16.04
N LYS D 437 -36.61 15.87 -14.74
CA LYS D 437 -36.45 14.72 -13.86
C LYS D 437 -37.70 13.88 -13.66
N GLN D 438 -38.86 14.52 -13.51
CA GLN D 438 -40.11 13.81 -13.28
C GLN D 438 -40.73 13.30 -14.55
N GLU D 439 -40.47 13.98 -15.68
CA GLU D 439 -41.09 13.57 -16.95
C GLU D 439 -40.08 13.06 -18.00
N GLY D 440 -38.79 13.21 -17.76
CA GLY D 440 -37.78 12.71 -18.72
C GLY D 440 -37.77 13.52 -20.01
N GLY D 441 -38.23 14.77 -19.94
CA GLY D 441 -38.22 15.68 -21.11
C GLY D 441 -36.93 16.48 -21.27
N ASP D 442 -36.84 17.22 -22.38
CA ASP D 442 -35.75 18.16 -22.56
C ASP D 442 -36.00 19.37 -21.70
N ASN D 443 -34.92 20.04 -21.31
CA ASN D 443 -35.00 21.29 -20.59
C ASN D 443 -35.61 22.37 -21.43
N ASP D 444 -36.82 22.82 -21.04
CA ASP D 444 -37.51 23.89 -21.73
C ASP D 444 -37.54 25.23 -21.00
N LEU D 445 -36.58 25.44 -20.08
CA LEU D 445 -36.52 26.70 -19.34
C LEU D 445 -36.47 27.93 -20.27
N ILE D 446 -35.59 27.89 -21.27
CA ILE D 446 -35.45 29.07 -22.12
C ILE D 446 -36.76 29.36 -22.85
N GLU D 447 -37.42 28.32 -23.33
CA GLU D 447 -38.72 28.46 -23.96
C GLU D 447 -39.78 29.02 -23.02
N ARG D 448 -39.82 28.51 -21.77
CA ARG D 448 -40.74 29.07 -20.75
C ARG D 448 -40.53 30.56 -20.49
N ILE D 449 -39.28 31.00 -20.49
CA ILE D 449 -38.99 32.43 -20.33
C ILE D 449 -39.44 33.20 -21.59
N GLN D 450 -39.09 32.67 -22.77
CA GLN D 450 -39.45 33.28 -24.06
C GLN D 450 -40.93 33.56 -24.17
N VAL D 451 -41.74 32.58 -23.80
CA VAL D 451 -43.19 32.72 -23.92
C VAL D 451 -43.82 33.49 -22.74
N ASP D 452 -43.02 33.92 -21.77
CA ASP D 452 -43.55 34.64 -20.60
C ASP D 452 -43.42 36.15 -20.75
N ALA D 453 -44.55 36.85 -20.61
CA ALA D 453 -44.60 38.31 -20.79
C ALA D 453 -43.82 39.11 -19.77
N TYR D 454 -43.65 38.57 -18.55
CA TYR D 454 -42.84 39.24 -17.50
C TYR D 454 -41.41 39.53 -17.97
N PHE D 455 -40.91 38.69 -18.87
CA PHE D 455 -39.52 38.77 -19.34
C PHE D 455 -39.40 39.44 -20.71
N SER D 456 -40.45 40.12 -21.13
CA SER D 456 -40.44 40.83 -22.40
C SER D 456 -39.28 41.84 -22.52
N PRO D 457 -38.91 42.54 -21.44
CA PRO D 457 -37.76 43.44 -21.51
C PRO D 457 -36.41 42.82 -21.87
N ILE D 458 -36.28 41.50 -21.81
CA ILE D 458 -35.02 40.84 -22.19
C ILE D 458 -35.18 39.77 -23.29
N HIS D 459 -36.37 39.62 -23.87
CA HIS D 459 -36.59 38.61 -24.92
C HIS D 459 -35.63 38.78 -26.08
N SER D 460 -35.42 40.03 -26.49
CA SER D 460 -34.53 40.33 -27.59
C SER D 460 -33.08 39.95 -27.29
N GLN D 461 -32.73 39.83 -26.01
CA GLN D 461 -31.35 39.55 -25.60
C GLN D 461 -31.07 38.08 -25.31
N LEU D 462 -32.11 37.27 -25.19
CA LEU D 462 -31.95 35.89 -24.75
C LEU D 462 -30.87 35.07 -25.47
N ASP D 463 -30.90 35.08 -26.80
CA ASP D 463 -29.93 34.33 -27.56
C ASP D 463 -28.51 34.70 -27.15
N HIS D 464 -28.25 35.99 -26.99
CA HIS D 464 -26.92 36.46 -26.58
C HIS D 464 -26.64 36.15 -25.09
N LEU D 465 -27.66 36.27 -24.23
CA LEU D 465 -27.51 35.92 -22.83
C LEU D 465 -27.18 34.44 -22.65
N LEU D 466 -27.59 33.59 -23.60
CA LEU D 466 -27.31 32.15 -23.50
C LEU D 466 -26.19 31.63 -24.38
N ASP D 467 -25.37 32.53 -24.90
CA ASP D 467 -24.22 32.18 -25.72
C ASP D 467 -23.17 31.43 -24.86
N PRO D 468 -22.94 30.12 -25.10
CA PRO D 468 -22.02 29.35 -24.24
C PRO D 468 -20.62 29.93 -24.12
N SER D 469 -20.10 30.54 -25.18
CA SER D 469 -18.75 31.12 -25.13
C SER D 469 -18.64 32.24 -24.07
N SER D 470 -19.77 32.84 -23.75
CA SER D 470 -19.79 33.92 -22.76
C SER D 470 -19.72 33.40 -21.31
N PHE D 471 -19.77 32.06 -21.13
CA PHE D 471 -19.80 31.41 -19.83
C PHE D 471 -18.52 30.71 -19.46
N THR D 472 -17.52 30.73 -20.35
CA THR D 472 -16.29 29.94 -20.15
C THR D 472 -15.16 30.69 -19.41
N GLY D 473 -15.50 31.90 -18.91
CA GLY D 473 -14.53 32.68 -18.18
C GLY D 473 -13.26 32.89 -18.99
N ARG D 474 -12.12 32.71 -18.34
CA ARG D 474 -10.82 32.91 -18.97
C ARG D 474 -10.23 31.62 -19.49
N ALA D 475 -11.02 30.57 -19.65
CA ALA D 475 -10.50 29.26 -20.11
C ALA D 475 -9.52 29.32 -21.29
N SER D 476 -9.90 30.01 -22.35
CA SER D 476 -9.08 29.97 -23.55
CA SER D 476 -9.07 29.99 -23.56
C SER D 476 -7.77 30.77 -23.37
N GLN D 477 -7.85 31.86 -22.62
CA GLN D 477 -6.63 32.66 -22.33
C GLN D 477 -5.66 31.90 -21.45
N GLN D 478 -6.22 31.12 -20.50
CA GLN D 478 -5.40 30.32 -19.62
C GLN D 478 -4.65 29.25 -20.40
N VAL D 479 -5.30 28.64 -21.37
CA VAL D 479 -4.63 27.66 -22.23
C VAL D 479 -3.42 28.32 -22.87
N GLN D 480 -3.65 29.49 -23.45
CA GLN D 480 -2.58 30.17 -24.16
C GLN D 480 -1.41 30.51 -23.22
N ARG D 481 -1.71 31.08 -22.08
CA ARG D 481 -0.65 31.47 -21.15
C ARG D 481 0.15 30.27 -20.65
N PHE D 482 -0.57 29.17 -20.36
CA PHE D 482 0.06 27.94 -19.85
C PHE D 482 1.01 27.33 -20.85
N LEU D 483 0.56 27.25 -22.09
CA LEU D 483 1.36 26.66 -23.13
C LEU D 483 2.55 27.53 -23.41
N GLU D 484 2.39 28.86 -23.50
CA GLU D 484 3.57 29.74 -23.78
C GLU D 484 4.56 29.82 -22.64
N GLU D 485 4.08 29.95 -21.41
CA GLU D 485 4.98 30.15 -20.27
C GLU D 485 5.51 28.88 -19.69
N GLU D 486 4.76 27.77 -19.76
CA GLU D 486 5.09 26.57 -19.01
C GLU D 486 5.40 25.38 -19.91
N VAL D 487 4.53 25.05 -20.86
CA VAL D 487 4.67 23.82 -21.62
C VAL D 487 5.77 23.89 -22.70
N TYR D 488 5.68 24.87 -23.58
CA TYR D 488 6.66 24.97 -24.65
C TYR D 488 8.10 25.11 -24.13
N PRO D 489 8.32 25.99 -23.14
CA PRO D 489 9.67 26.04 -22.57
C PRO D 489 10.16 24.69 -22.05
N LEU D 490 9.27 23.92 -21.46
CA LEU D 490 9.62 22.62 -20.94
C LEU D 490 9.95 21.62 -22.06
N LEU D 491 9.22 21.71 -23.18
CA LEU D 491 9.42 20.80 -24.30
C LEU D 491 10.58 21.17 -25.22
N LYS D 492 10.92 22.46 -25.28
CA LYS D 492 12.01 22.94 -26.17
C LYS D 492 13.24 22.01 -26.21
N PRO D 493 13.82 21.65 -25.04
CA PRO D 493 14.97 20.76 -24.96
C PRO D 493 14.83 19.40 -25.62
N TYR D 494 13.59 18.95 -25.81
CA TYR D 494 13.28 17.65 -26.42
C TYR D 494 13.02 17.77 -27.91
N GLU D 495 13.07 18.98 -28.44
CA GLU D 495 12.90 19.19 -29.86
C GLU D 495 13.96 18.39 -30.62
P AMP E . 18.40 -13.81 -5.37
O1P AMP E . 18.17 -13.81 -3.89
O2P AMP E . 18.40 -12.51 -6.14
O3P AMP E . 17.65 -14.90 -6.09
O5' AMP E . 19.94 -14.30 -5.54
C5' AMP E . 20.96 -13.57 -4.86
C4' AMP E . 22.29 -13.79 -5.54
O4' AMP E . 23.26 -12.93 -4.94
C3' AMP E . 22.75 -15.25 -5.35
O3' AMP E . 23.35 -15.78 -6.56
C2' AMP E . 23.75 -15.12 -4.22
O2' AMP E . 24.74 -16.19 -4.13
C1' AMP E . 24.37 -13.74 -4.51
N9 AMP E . 25.01 -13.11 -3.36
C8 AMP E . 25.19 -13.63 -2.13
N7 AMP E . 25.83 -12.73 -1.32
C5 AMP E . 26.05 -11.63 -2.07
C6 AMP E . 26.68 -10.31 -1.85
N6 AMP E . 27.19 -10.02 -0.65
N1 AMP E . 26.73 -9.43 -2.86
C2 AMP E . 26.22 -9.74 -4.08
N3 AMP E . 25.63 -10.92 -4.37
C4 AMP E . 25.52 -11.89 -3.41
CL CL F . -21.74 -16.32 -19.70
C1 GOL G . -8.59 -13.84 -18.35
O1 GOL G . -9.76 -14.00 -17.54
C2 GOL G . -8.69 -12.52 -19.12
O2 GOL G . -8.85 -11.49 -18.14
C3 GOL G . -7.46 -12.33 -20.01
O3 GOL G . -7.38 -13.41 -20.95
P AMP H . -15.94 16.17 4.50
O1P AMP H . -16.37 15.29 3.36
O2P AMP H . -14.51 16.59 4.47
O3P AMP H . -16.41 15.77 5.89
O5' AMP H . -16.86 17.50 4.34
C5' AMP H . -16.83 18.25 3.14
C4' AMP H . -17.35 19.68 3.35
O4' AMP H . -17.14 20.38 2.09
C3' AMP H . -18.86 19.73 3.64
O3' AMP H . -19.16 20.69 4.63
C2' AMP H . -19.42 20.07 2.28
O2' AMP H . -20.76 20.64 2.30
C1' AMP H . -18.38 21.02 1.71
N9 AMP H . -18.41 21.13 0.25
C8 AMP H . -19.36 20.65 -0.59
N7 AMP H . -19.05 20.93 -1.86
C5 AMP H . -17.85 21.60 -1.82
C6 AMP H . -16.98 22.17 -2.82
N6 AMP H . -17.33 22.05 -4.12
N1 AMP H . -15.85 22.80 -2.43
C2 AMP H . -15.53 22.86 -1.12
N3 AMP H . -16.30 22.36 -0.13
C4 AMP H . -17.47 21.76 -0.43
CL CL I . 0.77 -12.01 32.11
C1 GOL J . -6.71 0.53 20.90
O1 GOL J . -6.84 1.95 21.07
C2 GOL J . -5.49 0.23 20.03
O2 GOL J . -5.47 1.11 18.90
C3 GOL J . -4.24 0.32 20.91
O3 GOL J . -3.10 -0.15 20.25
P AMP K . 4.34 4.20 22.93
O1P AMP K . 5.65 3.86 22.16
O2P AMP K . 3.17 3.34 22.50
O3P AMP K . 4.07 5.68 23.01
O5' AMP K . 4.55 3.86 24.52
C5' AMP K . 4.77 2.53 24.99
C4' AMP K . 4.40 2.44 26.47
O4' AMP K . 4.57 1.08 26.89
C3' AMP K . 5.31 3.26 27.38
O3' AMP K . 4.60 3.67 28.56
C2' AMP K . 6.41 2.28 27.74
O2' AMP K . 7.17 2.64 28.91
C1' AMP K . 5.59 1.00 27.92
N9 AMP K . 6.37 -0.25 27.79
C8 AMP K . 7.72 -0.39 27.78
N7 AMP K . 8.06 -1.69 27.64
C5 AMP K . 6.92 -2.41 27.56
C6 AMP K . 6.56 -3.85 27.41
N6 AMP K . 7.55 -4.77 27.33
N1 AMP K . 5.26 -4.18 27.38
C2 AMP K . 4.27 -3.24 27.47
N3 AMP K . 4.51 -1.91 27.61
C4 AMP K . 5.79 -1.45 27.65
CL CL L . -11.50 30.98 -6.10
C1 GOL M . -12.03 21.02 4.68
O1 GOL M . -12.33 22.11 5.55
C2 GOL M . -11.26 21.46 3.43
O2 GOL M . -11.08 20.37 2.56
C3 GOL M . -9.90 22.02 3.80
O3 GOL M . -9.21 22.35 2.59
P AMP N . -5.72 -6.70 -21.56
O1P AMP N . -6.37 -5.36 -21.34
O2P AMP N . -5.84 -7.64 -20.37
O3P AMP N . -4.34 -6.59 -22.16
O5' AMP N . -6.68 -7.35 -22.72
C5' AMP N . -8.11 -7.40 -22.52
C4' AMP N . -8.68 -8.34 -23.59
O4' AMP N . -10.09 -8.55 -23.34
C3' AMP N . -8.56 -7.78 -25.00
O3' AMP N . -8.20 -8.77 -26.01
C2' AMP N . -9.95 -7.24 -25.19
O2' AMP N . -10.32 -6.96 -26.55
C1' AMP N . -10.83 -8.26 -24.50
N9 AMP N . -12.12 -7.71 -24.10
C8 AMP N . -12.68 -6.57 -24.47
N7 AMP N . -13.88 -6.41 -23.93
C5 AMP N . -14.09 -7.52 -23.17
C6 AMP N . -15.17 -7.94 -22.30
N6 AMP N . -16.20 -7.12 -22.23
N1 AMP N . -15.06 -9.14 -21.68
C2 AMP N . -13.95 -9.88 -21.83
N3 AMP N . -12.88 -9.56 -22.63
C4 AMP N . -12.94 -8.38 -23.29
CL CL O . 33.82 -2.90 -5.65
C1 GOL P . -21.81 3.60 -27.49
O1 GOL P . -20.99 2.61 -26.93
C2 GOL P . -21.07 4.57 -28.40
O2 GOL P . -22.02 5.53 -28.74
C3 GOL P . -19.93 5.29 -27.68
O3 GOL P . -19.39 6.32 -28.49
#